data_6NYY
#
_entry.id   6NYY
#
_cell.length_a   1.0
_cell.length_b   1.0
_cell.length_c   1.0
_cell.angle_alpha   90.00
_cell.angle_beta   90.00
_cell.angle_gamma   90.00
#
_symmetry.space_group_name_H-M   'P 1'
#
loop_
_entity.id
_entity.type
_entity.pdbx_description
1 polymer 'AFG3-like protein 2'
2 polymer Substrate
3 non-polymer 'ZINC ION'
4 non-polymer 'PHOSPHOAMINOPHOSPHONIC ACID-ADENYLATE ESTER'
5 non-polymer 'MAGNESIUM ION'
6 non-polymer "ADENOSINE-5'-DIPHOSPHATE"
#
loop_
_entity_poly.entity_id
_entity_poly.type
_entity_poly.pdbx_seq_one_letter_code
_entity_poly.pdbx_strand_id
1 'polypeptide(L)'
;SNARRGPAGIGRTGRGMGGLFSVGETTAKVLKDEIDVKFKDVAGCEEAKLEIMEFVNFLKNPKQYQDLGAKIPKGAILTG
PPGTGKTLLAKATAGEANVPFITVSGSEFLEMFVGVGPARVRDLFALARKNAPCILFIDQIDAVGRKRGRGNFGGQSEQE
NTLNQLLVEMDGFNTTTNVVILAGTNRPDILDPALLRPGRFDRQIFIGPPDIKGRASIFKVHLRPLKLDSTLEKDKLARK
LASLTPGFSGADVANVCNEAALIAARHLSDSINQKHFEQAIERVIGGLEKKTQVLQPEEKKTVAYHQAGHAVAGWYLEHA
DPLLKVSIIPRGKGLGYAQYLPKEQYLYTKEQLLDRMCMTLGGRVSEEIFFGRITTGAQDDLRKVTQSAYAQIVQFGMNE
KVGQISFDLPRQGDMVLEKPYSEATARLIDDEVRILINDAYKRTVALLTEKKADVEKVALLLLEKEVLDKNDMVELLGPR
PFAEKSTYEEFVEGTGSLDEDTSLPEGLKDWNKEREKEKEEPPGEKVAN
;
A,B,C,D,E,F
2 'polypeptide(L)' AAAAAAAAAAA G,H,I,J
#
# COMPACT_ATOMS: atom_id res chain seq x y z
CA PHE A 21 -54.21 -13.35 -0.74
CA SER A 22 -53.78 -14.22 -4.43
CA VAL A 23 -50.25 -12.76 -4.75
CA GLY A 24 -48.60 -16.15 -4.63
CA GLU A 25 -48.67 -16.80 -8.33
CA THR A 26 -45.44 -17.49 -10.18
CA THR A 27 -46.28 -15.19 -13.18
CA ALA A 28 -44.62 -17.81 -15.40
CA LYS A 29 -46.27 -18.79 -18.67
CA VAL A 30 -46.32 -22.44 -19.66
CA LEU A 31 -45.15 -21.78 -23.22
CA LYS A 32 -47.78 -23.21 -25.57
CA ASP A 33 -46.85 -21.13 -28.62
CA GLU A 34 -45.07 -23.15 -31.29
CA ILE A 35 -41.77 -21.29 -31.46
CA ASP A 36 -40.36 -21.68 -34.98
CA VAL A 37 -36.70 -21.47 -33.92
CA LYS A 38 -34.97 -24.81 -34.47
CA PHE A 39 -31.35 -25.55 -33.65
CA LYS A 40 -30.43 -24.71 -37.24
CA ASP A 41 -31.04 -21.03 -36.44
CA VAL A 42 -28.48 -20.97 -33.61
CA ALA A 43 -25.07 -20.79 -35.25
CA GLY A 44 -21.61 -19.86 -34.05
CA CYS A 45 -21.81 -21.39 -30.56
CA GLU A 46 -21.28 -24.93 -31.79
CA GLU A 47 -19.85 -26.58 -28.67
CA ALA A 48 -22.35 -24.71 -26.51
CA LYS A 49 -25.46 -25.88 -28.37
CA LEU A 50 -24.24 -29.48 -28.08
CA GLU A 51 -24.58 -29.39 -24.30
CA ILE A 52 -28.15 -28.05 -24.59
CA MET A 53 -29.15 -30.71 -27.10
CA GLU A 54 -28.14 -33.38 -24.57
CA PHE A 55 -30.93 -32.09 -22.34
CA VAL A 56 -33.26 -32.68 -25.29
CA ASN A 57 -31.49 -35.93 -26.20
CA PHE A 58 -32.03 -37.31 -22.71
CA LEU A 59 -35.73 -36.45 -22.44
CA LYS A 60 -36.41 -37.79 -25.95
CA ASN A 61 -34.19 -40.91 -25.88
CA PRO A 62 -33.38 -41.96 -22.29
CA LYS A 63 -32.19 -45.43 -23.37
CA GLN A 64 -28.75 -44.26 -24.57
CA TYR A 65 -27.94 -42.79 -21.14
CA GLN A 66 -29.84 -44.94 -18.65
CA ASP A 67 -28.04 -48.05 -19.91
CA LEU A 68 -24.80 -46.48 -18.61
CA GLY A 69 -26.34 -45.32 -15.33
CA ALA A 70 -26.30 -41.65 -16.33
CA LYS A 71 -28.72 -39.62 -14.25
CA ILE A 72 -30.43 -36.57 -15.68
CA PRO A 73 -28.28 -33.42 -15.33
CA LYS A 74 -30.07 -30.95 -13.13
CA GLY A 75 -29.55 -27.63 -14.89
CA ALA A 76 -27.34 -25.23 -16.77
CA ILE A 77 -26.18 -21.61 -16.67
CA LEU A 78 -25.77 -19.72 -19.94
CA THR A 79 -23.19 -16.98 -19.44
CA GLY A 80 -21.43 -14.60 -21.79
CA PRO A 81 -21.42 -11.02 -23.03
CA PRO A 82 -24.80 -9.55 -23.97
CA GLY A 83 -26.11 -10.30 -27.45
CA THR A 84 -24.70 -13.78 -27.94
CA GLY A 85 -27.74 -16.02 -28.21
CA LYS A 86 -28.15 -17.44 -24.74
CA THR A 87 -31.87 -16.61 -24.91
CA LEU A 88 -32.03 -17.73 -28.54
CA LEU A 89 -30.41 -21.00 -27.49
CA ALA A 90 -33.24 -21.31 -24.99
CA LYS A 91 -35.70 -20.44 -27.77
CA ALA A 92 -34.34 -23.35 -29.79
CA THR A 93 -35.04 -25.78 -26.97
CA ALA A 94 -38.68 -24.68 -26.68
CA GLY A 95 -39.24 -25.22 -30.38
CA GLU A 96 -37.46 -28.58 -30.60
CA ALA A 97 -37.95 -30.51 -27.35
CA ASN A 98 -41.40 -32.10 -27.12
CA VAL A 99 -41.57 -31.59 -23.34
CA PRO A 100 -43.53 -28.72 -21.74
CA PHE A 101 -41.45 -25.56 -21.45
CA ILE A 102 -42.06 -22.63 -19.14
CA THR A 103 -40.33 -19.25 -18.94
CA VAL A 104 -39.78 -16.82 -16.08
CA SER A 105 -37.57 -13.80 -15.51
CA GLY A 106 -35.18 -13.53 -12.58
CA SER A 107 -36.59 -10.18 -11.47
CA GLU A 108 -40.20 -11.39 -11.29
CA PHE A 109 -39.91 -12.91 -7.83
CA LEU A 110 -39.55 -9.82 -5.65
CA GLU A 111 -42.58 -7.61 -5.05
CA MET A 112 -43.62 -5.17 -2.32
CA PHE A 113 -44.18 -7.69 0.48
CA VAL A 114 -42.27 -10.10 2.71
CA GLY A 115 -43.63 -13.53 1.83
CA VAL A 116 -43.56 -12.80 -1.90
CA GLY A 117 -40.29 -13.89 -3.33
CA PRO A 118 -39.95 -17.19 -1.46
CA ALA A 119 -43.68 -17.85 -1.87
CA ARG A 120 -43.24 -17.37 -5.62
CA VAL A 121 -40.30 -19.73 -6.20
CA ARG A 122 -42.29 -22.44 -4.36
CA ASP A 123 -45.07 -22.13 -6.94
CA LEU A 124 -42.64 -21.86 -9.83
CA PHE A 125 -41.62 -25.47 -9.26
CA ALA A 126 -44.97 -26.79 -8.06
CA LEU A 127 -46.12 -25.74 -11.50
CA ALA A 128 -42.97 -27.38 -12.89
CA ARG A 129 -43.85 -30.66 -11.13
CA LYS A 130 -47.34 -30.81 -12.65
CA ASN A 131 -45.48 -30.83 -15.96
CA ALA A 132 -43.26 -33.76 -15.02
CA PRO A 133 -40.53 -33.97 -17.75
CA CYS A 134 -40.55 -30.19 -18.24
CA ILE A 135 -37.74 -27.69 -18.79
CA LEU A 136 -37.86 -24.26 -17.16
CA PHE A 137 -35.87 -21.18 -18.12
CA ILE A 138 -34.94 -18.43 -15.66
CA ASP A 139 -33.77 -15.38 -17.59
CA GLN A 140 -31.49 -12.82 -15.91
CA ILE A 141 -30.91 -14.96 -12.84
CA ASP A 142 -28.52 -12.35 -11.34
CA ALA A 143 -31.59 -10.45 -10.04
CA VAL A 144 -32.22 -13.05 -7.31
CA GLY A 145 -28.90 -14.88 -7.55
CA ARG A 146 -26.85 -12.24 -5.73
CA LYS A 147 -24.32 -13.45 -3.15
CA ARG A 148 -25.57 -13.32 0.43
CA GLY A 155 -24.01 -10.67 2.67
CA GLN A 156 -30.90 -7.22 1.01
CA SER A 157 -32.67 -9.63 3.36
CA GLU A 158 -35.62 -10.27 1.04
CA GLN A 159 -33.25 -11.19 -1.78
CA GLU A 160 -31.55 -13.74 0.49
CA ASN A 161 -34.85 -15.36 1.49
CA THR A 162 -35.78 -15.73 -2.18
CA LEU A 163 -32.36 -17.19 -2.96
CA ASN A 164 -32.46 -19.58 0.01
CA GLN A 165 -35.85 -20.79 -1.17
CA LEU A 166 -34.41 -21.33 -4.65
CA LEU A 167 -31.49 -23.32 -3.24
CA VAL A 168 -33.69 -25.74 -1.28
CA GLU A 169 -36.10 -26.33 -4.15
CA MET A 170 -33.32 -27.19 -6.62
CA ASP A 171 -31.43 -29.62 -4.36
CA GLY A 172 -32.83 -30.86 -1.06
CA PHE A 173 -35.98 -32.55 0.17
CA ASN A 174 -38.90 -33.01 -2.26
CA THR A 175 -36.53 -32.37 -5.18
CA THR A 176 -38.08 -34.27 -8.06
CA THR A 177 -36.25 -35.50 -11.14
CA ASN A 178 -36.87 -34.72 -14.83
CA VAL A 179 -36.85 -30.93 -14.32
CA VAL A 180 -34.07 -29.28 -16.33
CA ILE A 181 -33.46 -25.75 -15.07
CA LEU A 182 -31.89 -23.60 -17.75
CA ALA A 183 -30.64 -20.20 -16.69
CA GLY A 184 -29.04 -17.19 -18.30
CA THR A 185 -27.02 -14.28 -17.03
CA ASN A 186 -24.19 -11.97 -18.07
CA ARG A 187 -22.79 -11.35 -14.58
CA PRO A 188 -21.96 -14.81 -13.22
CA ASP A 189 -19.30 -13.44 -10.88
CA ILE A 190 -21.81 -11.82 -8.50
CA LEU A 191 -23.68 -15.10 -8.16
CA ASP A 192 -23.77 -17.09 -4.95
CA PRO A 193 -21.44 -20.12 -4.89
CA ALA A 194 -24.42 -22.04 -3.48
CA LEU A 195 -26.05 -21.68 -6.90
CA LEU A 196 -22.83 -22.42 -8.77
CA ARG A 197 -22.36 -25.83 -7.15
CA PRO A 198 -23.18 -29.03 -9.02
CA GLY A 199 -26.52 -30.49 -8.08
CA ARG A 200 -28.09 -27.08 -8.66
CA PHE A 201 -26.40 -26.07 -11.94
CA ASP A 202 -24.36 -29.03 -13.13
CA ARG A 203 -22.97 -27.17 -16.15
CA GLN A 204 -21.83 -23.58 -16.61
CA ILE A 205 -21.81 -22.88 -20.33
CA PHE A 206 -19.96 -19.77 -21.49
CA ILE A 207 -21.35 -18.53 -24.79
CA GLY A 208 -18.58 -16.23 -25.99
CA PRO A 209 -18.71 -13.80 -28.95
CA PRO A 210 -19.18 -15.30 -32.48
CA ASP A 211 -16.59 -15.79 -35.24
CA ILE A 212 -16.56 -14.38 -38.79
CA LYS A 213 -18.82 -17.22 -39.90
CA GLY A 214 -21.05 -16.28 -36.99
CA ARG A 215 -21.13 -12.58 -37.81
CA ALA A 216 -21.87 -13.29 -41.46
CA SER A 217 -25.05 -15.07 -40.37
CA ILE A 218 -25.98 -12.29 -37.96
CA PHE A 219 -25.86 -9.90 -40.93
CA LYS A 220 -28.20 -12.25 -42.82
CA VAL A 221 -30.78 -11.82 -40.06
CA HIS A 222 -30.57 -8.02 -39.97
CA LEU A 223 -29.98 -7.21 -43.64
CA ARG A 224 -33.33 -8.89 -44.18
CA PRO A 225 -35.70 -5.97 -43.34
CA LEU A 226 -33.59 -3.36 -45.17
CA LYS A 227 -33.91 -2.16 -48.77
CA LEU A 228 -30.77 -2.58 -50.84
CA ASP A 229 -30.13 -1.63 -54.48
CA SER A 230 -31.05 -3.43 -57.67
CA THR A 231 -27.56 -4.84 -57.14
CA LEU A 232 -26.26 -5.87 -53.64
CA GLU A 233 -27.81 -9.25 -52.96
CA LYS A 234 -28.37 -9.71 -49.23
CA ASP A 235 -26.31 -12.91 -49.17
CA LYS A 236 -23.05 -11.72 -50.71
CA LEU A 237 -23.17 -8.46 -48.78
CA ALA A 238 -23.30 -10.26 -45.42
CA ARG A 239 -19.99 -11.92 -46.28
CA LYS A 240 -18.50 -8.53 -47.15
CA LEU A 241 -19.83 -6.87 -44.01
CA ALA A 242 -18.49 -9.50 -41.63
CA SER A 243 -15.06 -8.97 -43.17
CA LEU A 244 -15.08 -5.25 -42.40
CA THR A 245 -16.22 -5.87 -38.77
CA PRO A 246 -13.65 -7.90 -36.81
CA GLY A 247 -14.24 -8.50 -33.15
CA PHE A 248 -17.81 -7.25 -33.10
CA SER A 249 -20.62 -8.97 -31.24
CA GLY A 250 -24.22 -9.93 -31.81
CA ALA A 251 -25.42 -6.39 -31.19
CA ASP A 252 -22.63 -4.41 -32.85
CA VAL A 253 -23.78 -5.98 -36.12
CA ALA A 254 -27.30 -4.78 -35.30
CA ASN A 255 -26.26 -1.11 -35.38
CA VAL A 256 -24.23 -1.42 -38.58
CA CYS A 257 -27.33 -2.73 -40.31
N ASN A 258 -28.51 -1.14 -38.89
CA ASN A 258 -29.50 -0.10 -38.63
C ASN A 258 -28.99 1.27 -39.04
N GLU A 259 -27.81 1.67 -38.56
CA GLU A 259 -27.36 3.03 -38.78
C GLU A 259 -26.85 3.27 -40.20
N ALA A 260 -26.75 2.23 -41.02
CA ALA A 260 -26.54 2.46 -42.44
C ALA A 260 -27.82 2.86 -43.14
N ALA A 261 -28.98 2.51 -42.57
CA ALA A 261 -30.24 2.99 -43.12
C ALA A 261 -30.50 4.42 -42.72
N LEU A 262 -30.07 4.82 -41.52
CA LEU A 262 -30.23 6.18 -41.07
C LEU A 262 -29.27 7.14 -41.74
N ILE A 263 -28.18 6.63 -42.33
CA ILE A 263 -27.34 7.46 -43.18
C ILE A 263 -27.89 7.49 -44.59
N ALA A 264 -28.46 6.36 -45.05
CA ALA A 264 -29.08 6.30 -46.37
C ALA A 264 -30.29 7.21 -46.47
N ALA A 265 -31.01 7.39 -45.38
CA ALA A 265 -32.19 8.23 -45.40
C ALA A 265 -31.92 9.64 -44.93
N ARG A 266 -30.75 9.91 -44.37
CA ARG A 266 -30.37 11.29 -44.09
C ARG A 266 -30.07 12.03 -45.38
N HIS A 267 -29.43 11.37 -46.34
CA HIS A 267 -29.18 11.97 -47.63
C HIS A 267 -30.35 11.84 -48.59
N LEU A 268 -31.46 11.27 -48.13
CA LEU A 268 -32.70 11.07 -48.89
C LEU A 268 -32.42 10.26 -50.17
N SER A 269 -32.02 9.02 -49.94
CA SER A 269 -31.71 8.09 -51.01
C SER A 269 -32.76 6.99 -51.06
N ASP A 270 -32.84 6.33 -52.21
CA ASP A 270 -33.88 5.34 -52.45
C ASP A 270 -33.52 3.96 -51.91
N SER A 271 -32.25 3.60 -51.93
CA SER A 271 -31.84 2.28 -51.48
C SER A 271 -30.43 2.37 -50.89
N ILE A 272 -30.15 1.48 -49.96
CA ILE A 272 -28.93 1.55 -49.16
C ILE A 272 -27.76 1.03 -49.99
N ASN A 273 -26.81 1.89 -50.28
CA ASN A 273 -25.63 1.52 -51.05
C ASN A 273 -24.64 0.77 -50.16
N GLN A 274 -23.54 0.31 -50.76
CA GLN A 274 -22.47 -0.24 -49.95
C GLN A 274 -21.72 0.86 -49.22
N LYS A 275 -21.65 2.06 -49.81
CA LYS A 275 -20.96 3.19 -49.19
C LYS A 275 -21.67 3.70 -47.94
N HIS A 276 -22.89 3.27 -47.66
CA HIS A 276 -23.59 3.68 -46.46
C HIS A 276 -23.35 2.74 -45.29
N PHE A 277 -22.96 1.50 -45.55
CA PHE A 277 -22.59 0.59 -44.47
C PHE A 277 -21.22 0.93 -43.90
N GLU A 278 -20.28 1.30 -44.78
CA GLU A 278 -18.94 1.65 -44.33
C GLU A 278 -18.96 2.93 -43.51
N GLN A 279 -19.88 3.84 -43.79
CA GLN A 279 -20.06 5.01 -42.95
C GLN A 279 -20.81 4.69 -41.67
N ALA A 280 -21.41 3.51 -41.57
CA ALA A 280 -21.98 3.07 -40.31
C ALA A 280 -20.97 2.31 -39.46
N ILE A 281 -19.97 1.71 -40.08
CA ILE A 281 -18.90 1.06 -39.34
C ILE A 281 -17.99 2.10 -38.70
N GLU A 282 -17.53 3.05 -39.50
CA GLU A 282 -16.56 4.04 -39.05
C GLU A 282 -17.13 5.03 -38.05
N ARG A 283 -18.45 5.19 -38.02
CA ARG A 283 -19.07 5.98 -36.96
C ARG A 283 -19.00 5.27 -35.62
N VAL A 284 -19.14 3.94 -35.61
CA VAL A 284 -19.12 3.22 -34.34
C VAL A 284 -17.70 3.00 -33.84
N ILE A 285 -16.93 2.29 -34.66
CA ILE A 285 -15.52 2.05 -34.37
C ILE A 285 -14.67 3.30 -34.61
N GLY A 286 -14.93 3.91 -35.75
CA GLY A 286 -14.24 5.10 -36.23
C GLY A 286 -14.40 6.40 -35.47
N GLY A 287 -15.61 6.65 -35.00
CA GLY A 287 -15.92 7.90 -34.32
C GLY A 287 -16.38 8.91 -35.36
N LEU A 288 -16.62 10.14 -34.92
CA LEU A 288 -17.11 11.18 -35.82
C LEU A 288 -16.14 11.59 -36.95
N GLU A 289 -16.71 11.79 -38.13
CA GLU A 289 -16.00 12.25 -39.32
C GLU A 289 -16.32 13.71 -39.56
N LYS A 290 -15.42 14.60 -39.12
CA LYS A 290 -15.64 16.03 -39.20
C LYS A 290 -14.51 16.71 -39.96
N LYS A 291 -14.86 17.78 -40.68
CA LYS A 291 -13.93 18.54 -41.49
C LYS A 291 -13.58 19.89 -40.88
N THR A 292 -14.41 20.41 -39.97
CA THR A 292 -14.21 21.75 -39.41
C THR A 292 -12.97 21.83 -38.52
N GLN A 293 -12.44 20.70 -38.05
CA GLN A 293 -11.15 20.71 -37.38
C GLN A 293 -10.06 21.07 -38.38
N VAL A 294 -9.39 22.21 -38.13
CA VAL A 294 -8.29 22.60 -38.98
C VAL A 294 -7.09 21.71 -38.69
N LEU A 295 -6.42 21.27 -39.76
CA LEU A 295 -5.17 20.54 -39.65
C LEU A 295 -4.15 21.25 -40.53
N GLN A 296 -2.98 21.51 -39.97
CA GLN A 296 -1.94 22.17 -40.74
C GLN A 296 -1.43 21.23 -41.82
N PRO A 297 -1.33 21.67 -43.07
CA PRO A 297 -0.86 20.79 -44.14
C PRO A 297 0.61 20.41 -44.03
N GLU A 298 1.38 21.09 -43.18
CA GLU A 298 2.71 20.59 -42.84
C GLU A 298 2.61 19.35 -41.96
N GLU A 299 1.57 19.25 -41.14
CA GLU A 299 1.41 18.11 -40.25
C GLU A 299 0.43 17.07 -40.75
N LYS A 300 -0.52 17.43 -41.61
CA LYS A 300 -1.37 16.43 -42.22
C LYS A 300 -0.61 15.62 -43.26
N LYS A 301 0.41 16.23 -43.86
CA LYS A 301 1.32 15.50 -44.74
C LYS A 301 2.14 14.47 -43.96
N THR A 302 2.51 14.79 -42.72
CA THR A 302 3.33 13.88 -41.94
C THR A 302 2.54 12.66 -41.49
N VAL A 303 1.28 12.84 -41.11
CA VAL A 303 0.44 11.71 -40.74
C VAL A 303 0.05 10.92 -42.00
N ALA A 304 0.07 11.57 -43.16
CA ALA A 304 -0.12 10.83 -44.41
C ALA A 304 1.07 9.94 -44.71
N TYR A 305 2.29 10.45 -44.55
CA TYR A 305 3.47 9.63 -44.79
C TYR A 305 3.70 8.60 -43.70
N HIS A 306 3.17 8.83 -42.50
CA HIS A 306 3.35 7.86 -41.43
C HIS A 306 2.46 6.63 -41.64
N GLN A 307 1.19 6.85 -41.91
CA GLN A 307 0.25 5.76 -42.11
C GLN A 307 0.49 5.02 -43.42
N ALA A 308 1.23 5.60 -44.35
CA ALA A 308 1.57 4.93 -45.59
C ALA A 308 2.87 4.16 -45.51
N GLY A 309 3.76 4.53 -44.60
CA GLY A 309 4.93 3.70 -44.35
C GLY A 309 4.57 2.39 -43.69
N HIS A 310 3.51 2.39 -42.88
CA HIS A 310 2.97 1.14 -42.38
C HIS A 310 2.32 0.33 -43.49
N ALA A 311 1.70 1.01 -44.46
CA ALA A 311 0.94 0.32 -45.49
C ALA A 311 1.85 -0.34 -46.52
N VAL A 312 2.88 0.37 -46.97
CA VAL A 312 3.77 -0.17 -47.99
C VAL A 312 4.66 -1.25 -47.40
N ALA A 313 5.21 -1.03 -46.21
CA ALA A 313 6.05 -2.04 -45.59
C ALA A 313 5.25 -3.22 -45.04
N GLY A 314 3.94 -3.08 -44.91
CA GLY A 314 3.09 -4.20 -44.56
C GLY A 314 2.45 -4.82 -45.79
N TRP A 315 3.11 -4.65 -46.93
CA TRP A 315 2.59 -5.11 -48.21
C TRP A 315 3.66 -5.93 -48.90
N TYR A 316 4.92 -5.61 -48.63
CA TYR A 316 6.05 -6.28 -49.25
C TYR A 316 6.73 -7.29 -48.33
N LEU A 317 6.48 -7.22 -47.03
CA LEU A 317 6.97 -8.22 -46.11
C LEU A 317 6.00 -9.38 -46.05
N GLU A 318 6.54 -10.57 -45.84
CA GLU A 318 5.76 -11.80 -46.03
C GLU A 318 4.77 -12.03 -44.91
N HIS A 319 5.24 -12.05 -43.68
CA HIS A 319 4.43 -12.50 -42.56
C HIS A 319 3.73 -11.36 -41.84
N ALA A 320 3.78 -10.15 -42.39
CA ALA A 320 3.02 -9.05 -41.82
C ALA A 320 1.55 -9.16 -42.21
N ASP A 321 0.71 -8.44 -41.49
CA ASP A 321 -0.71 -8.54 -41.78
C ASP A 321 -1.06 -7.65 -42.97
N PRO A 322 -1.99 -8.09 -43.82
CA PRO A 322 -2.50 -7.20 -44.86
C PRO A 322 -3.41 -6.16 -44.26
N LEU A 323 -3.51 -5.02 -44.95
CA LEU A 323 -4.33 -3.92 -44.46
C LEU A 323 -5.76 -4.04 -44.99
N LEU A 324 -6.69 -3.46 -44.24
CA LEU A 324 -8.07 -3.36 -44.68
C LEU A 324 -8.45 -1.94 -45.06
N LYS A 325 -8.13 -0.96 -44.22
CA LYS A 325 -8.55 0.41 -44.44
C LYS A 325 -7.62 1.34 -43.69
N VAL A 326 -7.02 2.29 -44.39
CA VAL A 326 -6.13 3.29 -43.80
C VAL A 326 -6.74 4.65 -44.05
N SER A 327 -6.98 5.40 -42.98
CA SER A 327 -7.63 6.70 -43.06
C SER A 327 -6.86 7.73 -42.25
N ILE A 328 -6.94 8.98 -42.69
CA ILE A 328 -6.45 10.13 -41.93
C ILE A 328 -7.57 11.17 -41.90
N ILE A 329 -8.44 11.10 -40.90
CA ILE A 329 -9.55 12.04 -40.75
C ILE A 329 -9.59 12.51 -39.30
N PRO A 330 -9.64 13.82 -39.06
CA PRO A 330 -9.71 14.32 -37.68
C PRO A 330 -11.04 13.98 -37.02
N ARG A 331 -10.98 13.22 -35.94
CA ARG A 331 -12.17 12.75 -35.25
C ARG A 331 -11.83 12.40 -33.81
N GLY A 332 -12.72 12.78 -32.89
CA GLY A 332 -12.69 12.30 -31.52
C GLY A 332 -11.44 12.71 -30.77
N LYS A 333 -10.73 11.72 -30.25
CA LYS A 333 -9.49 11.94 -29.53
C LYS A 333 -8.28 11.97 -30.45
N GLY A 334 -8.31 11.24 -31.55
CA GLY A 334 -7.15 11.14 -32.42
C GLY A 334 -7.45 11.13 -33.91
N LEU A 335 -6.67 11.88 -34.68
CA LEU A 335 -6.87 11.94 -36.12
C LEU A 335 -6.37 10.65 -36.77
N GLY A 336 -7.18 10.09 -37.66
CA GLY A 336 -6.78 8.93 -38.42
C GLY A 336 -6.71 7.61 -37.67
N TYR A 337 -6.67 6.51 -38.41
CA TYR A 337 -6.54 5.18 -37.82
C TYR A 337 -5.99 4.25 -38.91
N ALA A 338 -5.90 2.97 -38.59
CA ALA A 338 -5.46 1.96 -39.54
C ALA A 338 -6.08 0.63 -39.14
N GLN A 339 -6.84 0.03 -40.05
CA GLN A 339 -7.49 -1.25 -39.81
C GLN A 339 -6.78 -2.34 -40.58
N TYR A 340 -6.38 -3.40 -39.88
CA TYR A 340 -5.66 -4.50 -40.48
C TYR A 340 -6.46 -5.78 -40.36
N LEU A 341 -6.10 -6.75 -41.19
CA LEU A 341 -6.70 -8.08 -41.16
C LEU A 341 -5.73 -9.03 -40.48
N PRO A 342 -5.93 -9.34 -39.20
CA PRO A 342 -4.96 -10.20 -38.51
C PRO A 342 -5.14 -11.65 -38.89
N LYS A 343 -4.02 -12.34 -39.06
CA LYS A 343 -4.06 -13.76 -39.32
C LYS A 343 -4.45 -14.52 -38.05
N GLU A 344 -5.31 -15.52 -38.20
CA GLU A 344 -5.89 -16.23 -37.06
C GLU A 344 -4.94 -17.35 -36.65
N GLN A 345 -3.91 -16.97 -35.91
CA GLN A 345 -2.88 -17.90 -35.46
C GLN A 345 -2.77 -17.89 -33.94
N TYR A 346 -2.32 -19.03 -33.40
CA TYR A 346 -1.98 -19.12 -31.99
C TYR A 346 -0.49 -19.02 -31.77
N LEU A 347 0.32 -19.48 -32.72
CA LEU A 347 1.76 -19.57 -32.55
C LEU A 347 2.45 -18.67 -33.56
N TYR A 348 3.43 -17.91 -33.10
CA TYR A 348 4.25 -17.08 -33.96
C TYR A 348 5.67 -17.61 -33.95
N THR A 349 6.43 -17.27 -34.99
CA THR A 349 7.81 -17.68 -35.08
C THR A 349 8.70 -16.47 -34.89
N LYS A 350 10.02 -16.69 -34.96
CA LYS A 350 10.94 -15.56 -34.91
C LYS A 350 10.90 -14.77 -36.20
N GLU A 351 10.57 -15.43 -37.30
CA GLU A 351 10.45 -14.75 -38.59
C GLU A 351 9.09 -14.07 -38.78
N GLN A 352 8.05 -14.53 -38.08
CA GLN A 352 6.78 -13.81 -38.16
C GLN A 352 6.77 -12.58 -37.27
N LEU A 353 7.46 -12.63 -36.13
CA LEU A 353 7.49 -11.48 -35.23
C LEU A 353 8.36 -10.36 -35.76
N LEU A 354 9.41 -10.72 -36.51
CA LEU A 354 10.26 -9.70 -37.11
C LEU A 354 9.52 -8.94 -38.21
N ASP A 355 8.59 -9.60 -38.89
CA ASP A 355 7.84 -8.91 -39.92
C ASP A 355 6.73 -8.04 -39.33
N ARG A 356 6.15 -8.43 -38.20
CA ARG A 356 5.26 -7.53 -37.48
C ARG A 356 6.02 -6.33 -36.91
N MET A 357 7.27 -6.54 -36.53
CA MET A 357 8.06 -5.51 -35.90
C MET A 357 8.61 -4.54 -36.94
N CYS A 358 8.95 -5.05 -38.12
CA CYS A 358 9.37 -4.17 -39.21
C CYS A 358 8.20 -3.41 -39.80
N MET A 359 6.98 -3.94 -39.67
CA MET A 359 5.81 -3.21 -40.15
C MET A 359 5.47 -2.06 -39.21
N THR A 360 5.63 -2.26 -37.91
CA THR A 360 5.27 -1.22 -36.94
C THR A 360 6.27 -0.08 -36.97
N LEU A 361 7.55 -0.39 -37.14
CA LEU A 361 8.57 0.62 -37.32
C LEU A 361 8.50 1.33 -38.66
N GLY A 362 7.70 0.84 -39.60
CA GLY A 362 7.69 1.35 -40.95
C GLY A 362 7.20 2.79 -41.08
N GLY A 363 6.37 3.25 -40.16
CA GLY A 363 5.89 4.62 -40.22
C GLY A 363 6.97 5.62 -39.84
N ARG A 364 7.79 5.27 -38.86
CA ARG A 364 8.86 6.17 -38.45
C ARG A 364 9.98 6.22 -39.47
N VAL A 365 10.19 5.11 -40.18
CA VAL A 365 11.22 5.09 -41.22
C VAL A 365 10.79 5.95 -42.40
N SER A 366 9.49 5.95 -42.72
CA SER A 366 8.97 6.77 -43.80
C SER A 366 9.13 8.26 -43.53
N GLU A 367 9.08 8.66 -42.25
CA GLU A 367 9.26 10.06 -41.90
C GLU A 367 10.72 10.49 -42.00
N GLU A 368 11.67 9.56 -41.91
CA GLU A 368 13.07 9.94 -42.05
C GLU A 368 13.52 9.97 -43.50
N ILE A 369 12.87 9.20 -44.38
CA ILE A 369 13.25 9.19 -45.78
C ILE A 369 12.76 10.45 -46.47
N PHE A 370 11.49 10.78 -46.28
CA PHE A 370 10.90 11.92 -46.97
C PHE A 370 11.21 13.23 -46.27
N PHE A 371 10.97 13.31 -44.97
CA PHE A 371 11.21 14.56 -44.27
C PHE A 371 12.61 14.67 -43.70
N GLY A 372 13.15 13.57 -43.18
CA GLY A 372 14.37 13.66 -42.41
C GLY A 372 14.17 14.24 -41.03
N ARG A 373 12.95 14.16 -40.50
CA ARG A 373 12.62 14.70 -39.19
C ARG A 373 11.73 13.70 -38.47
N ILE A 374 12.22 13.14 -37.38
CA ILE A 374 11.41 12.28 -36.53
C ILE A 374 10.46 13.14 -35.70
N THR A 375 9.27 12.60 -35.45
CA THR A 375 8.23 13.29 -34.71
C THR A 375 7.91 12.51 -33.44
N THR A 376 6.85 12.93 -32.76
CA THR A 376 6.36 12.21 -31.60
C THR A 376 5.11 11.39 -31.93
N GLY A 377 4.77 11.27 -33.20
CA GLY A 377 3.64 10.43 -33.58
C GLY A 377 3.92 8.96 -33.46
N ALA A 378 5.19 8.56 -33.42
CA ALA A 378 5.57 7.17 -33.36
C ALA A 378 5.73 6.67 -31.92
N GLN A 379 5.13 7.35 -30.95
CA GLN A 379 5.26 6.89 -29.58
C GLN A 379 4.45 5.63 -29.34
N ASP A 380 3.24 5.57 -29.89
CA ASP A 380 2.44 4.34 -29.79
C ASP A 380 3.01 3.23 -30.65
N ASP A 381 3.82 3.55 -31.65
CA ASP A 381 4.47 2.53 -32.45
C ASP A 381 5.76 2.04 -31.83
N LEU A 382 6.49 2.91 -31.12
CA LEU A 382 7.67 2.45 -30.40
C LEU A 382 7.33 1.77 -29.09
N ARG A 383 6.09 1.90 -28.60
CA ARG A 383 5.72 1.14 -27.41
C ARG A 383 5.47 -0.32 -27.74
N LYS A 384 4.85 -0.59 -28.90
CA LYS A 384 4.62 -1.97 -29.30
C LYS A 384 5.90 -2.68 -29.70
N VAL A 385 6.90 -1.93 -30.18
CA VAL A 385 8.16 -2.55 -30.55
C VAL A 385 8.91 -3.00 -29.29
N THR A 386 8.91 -2.17 -28.26
CA THR A 386 9.64 -2.50 -27.04
C THR A 386 8.95 -3.61 -26.27
N GLN A 387 7.62 -3.64 -26.29
CA GLN A 387 6.92 -4.70 -25.57
C GLN A 387 6.99 -6.03 -26.31
N SER A 388 7.12 -6.01 -27.62
CA SER A 388 7.26 -7.23 -28.40
C SER A 388 8.71 -7.62 -28.62
N ALA A 389 9.62 -6.99 -27.91
CA ALA A 389 11.02 -7.40 -27.95
C ALA A 389 11.54 -7.85 -26.59
N TYR A 390 11.01 -7.30 -25.50
CA TYR A 390 11.24 -7.90 -24.19
C TYR A 390 10.59 -9.27 -24.11
N ALA A 391 9.32 -9.38 -24.51
CA ALA A 391 8.63 -10.66 -24.44
C ALA A 391 9.19 -11.66 -25.45
N GLN A 392 9.78 -11.17 -26.53
CA GLN A 392 10.43 -12.06 -27.48
C GLN A 392 11.74 -12.61 -26.92
N ILE A 393 12.42 -11.86 -26.07
CA ILE A 393 13.69 -12.31 -25.49
C ILE A 393 13.51 -12.90 -24.09
N VAL A 394 12.81 -12.19 -23.21
CA VAL A 394 12.68 -12.66 -21.83
C VAL A 394 11.68 -13.80 -21.73
N GLN A 395 10.46 -13.59 -22.21
CA GLN A 395 9.42 -14.60 -22.04
C GLN A 395 9.60 -15.79 -22.97
N PHE A 396 10.22 -15.59 -24.12
CA PHE A 396 10.41 -16.66 -25.09
C PHE A 396 11.88 -17.03 -25.10
N GLY A 397 12.27 -17.89 -26.03
CA GLY A 397 13.66 -18.28 -26.05
C GLY A 397 14.33 -17.91 -27.35
N MET A 398 13.97 -16.75 -27.89
CA MET A 398 14.39 -16.40 -29.23
C MET A 398 15.86 -15.98 -29.29
N ASN A 399 16.35 -15.33 -28.25
CA ASN A 399 17.73 -14.90 -28.24
C ASN A 399 18.65 -16.07 -27.90
N GLU A 400 19.91 -15.94 -28.30
CA GLU A 400 20.93 -16.95 -28.04
C GLU A 400 21.81 -16.62 -26.86
N LYS A 401 22.17 -15.34 -26.67
CA LYS A 401 23.04 -14.99 -25.55
C LYS A 401 22.31 -15.01 -24.22
N VAL A 402 21.00 -14.74 -24.20
CA VAL A 402 20.24 -14.87 -22.98
C VAL A 402 20.05 -16.34 -22.63
N GLY A 403 19.77 -17.16 -23.64
CA GLY A 403 19.60 -18.58 -23.45
C GLY A 403 18.17 -19.00 -23.76
N GLN A 404 17.69 -19.98 -23.00
CA GLN A 404 16.35 -20.52 -23.19
C GLN A 404 15.46 -20.19 -22.00
N ILE A 405 15.77 -19.14 -21.30
CA ILE A 405 15.14 -18.85 -20.02
C ILE A 405 13.85 -18.09 -20.27
N SER A 406 12.80 -18.44 -19.53
CA SER A 406 11.46 -17.85 -19.73
C SER A 406 10.93 -17.33 -18.39
N PHE A 407 11.11 -16.03 -18.16
CA PHE A 407 10.63 -15.40 -16.94
C PHE A 407 9.21 -14.89 -17.14
N ASP A 408 8.75 -14.07 -16.20
CA ASP A 408 7.51 -13.32 -16.32
C ASP A 408 7.81 -11.83 -16.48
N LEU A 409 6.82 -11.10 -16.97
CA LEU A 409 6.94 -9.66 -17.16
C LEU A 409 5.85 -8.92 -16.42
N PRO A 410 6.09 -7.67 -16.02
CA PRO A 410 5.03 -6.87 -15.37
C PRO A 410 3.93 -6.53 -16.37
N ARG A 411 2.70 -6.91 -16.03
CA ARG A 411 1.55 -6.74 -16.94
C ARG A 411 1.03 -5.31 -16.84
N GLN A 412 1.68 -4.43 -17.61
CA GLN A 412 1.28 -3.03 -17.84
C GLN A 412 1.19 -2.23 -16.54
N GLY A 413 2.34 -2.06 -15.89
CA GLY A 413 2.42 -1.25 -14.70
C GLY A 413 1.85 -1.92 -13.46
N ASP A 414 2.35 -3.10 -13.14
CA ASP A 414 1.91 -3.84 -11.97
C ASP A 414 2.81 -3.45 -10.79
N MET A 415 2.54 -4.00 -9.60
CA MET A 415 3.35 -3.74 -8.42
C MET A 415 4.64 -4.55 -8.54
N VAL A 416 5.58 -3.99 -9.31
CA VAL A 416 6.89 -4.59 -9.48
C VAL A 416 7.84 -4.02 -8.44
N LEU A 417 8.61 -4.90 -7.81
CA LEU A 417 9.54 -4.50 -6.77
C LEU A 417 10.98 -4.80 -7.13
N GLU A 418 11.25 -5.97 -7.71
CA GLU A 418 12.58 -6.32 -8.15
C GLU A 418 12.45 -7.28 -9.32
N LYS A 419 13.39 -7.19 -10.26
CA LYS A 419 13.45 -8.13 -11.37
C LYS A 419 13.81 -9.51 -10.85
N PRO A 420 13.28 -10.58 -11.44
CA PRO A 420 13.59 -11.94 -10.97
C PRO A 420 14.95 -12.46 -11.37
N TYR A 421 15.77 -11.64 -12.03
CA TYR A 421 17.14 -11.98 -12.42
C TYR A 421 18.11 -10.93 -11.91
N SER A 422 19.37 -11.06 -12.30
CA SER A 422 20.42 -10.22 -11.76
C SER A 422 20.47 -8.89 -12.50
N GLU A 423 21.50 -8.10 -12.23
CA GLU A 423 21.70 -6.87 -12.98
C GLU A 423 22.56 -7.07 -14.21
N ALA A 424 23.55 -7.96 -14.13
CA ALA A 424 24.33 -8.31 -15.31
C ALA A 424 23.49 -9.05 -16.34
N THR A 425 22.44 -9.73 -15.89
CA THR A 425 21.46 -10.25 -16.82
C THR A 425 20.65 -9.13 -17.46
N ALA A 426 20.22 -8.17 -16.64
CA ALA A 426 19.42 -7.06 -17.15
C ALA A 426 20.25 -6.11 -18.02
N ARG A 427 21.56 -6.05 -17.79
CA ARG A 427 22.43 -5.36 -18.74
C ARG A 427 22.52 -6.13 -20.04
N LEU A 428 22.46 -7.46 -19.97
CA LEU A 428 22.51 -8.27 -21.18
C LEU A 428 21.19 -8.24 -21.93
N ILE A 429 20.07 -8.20 -21.22
CA ILE A 429 18.76 -8.21 -21.87
C ILE A 429 18.53 -6.92 -22.65
N ASP A 430 18.83 -5.78 -22.04
CA ASP A 430 18.60 -4.50 -22.71
C ASP A 430 19.61 -4.27 -23.82
N ASP A 431 20.83 -4.80 -23.70
CA ASP A 431 21.78 -4.65 -24.79
C ASP A 431 21.48 -5.56 -25.96
N GLU A 432 20.61 -6.56 -25.78
CA GLU A 432 20.22 -7.41 -26.89
C GLU A 432 18.91 -6.99 -27.53
N VAL A 433 18.04 -6.33 -26.78
CA VAL A 433 16.87 -5.71 -27.39
C VAL A 433 17.28 -4.53 -28.25
N ARG A 434 18.29 -3.78 -27.80
CA ARG A 434 18.82 -2.65 -28.56
C ARG A 434 19.47 -3.10 -29.86
N ILE A 435 20.07 -4.29 -29.87
CA ILE A 435 20.52 -4.88 -31.12
C ILE A 435 19.34 -5.46 -31.90
N LEU A 436 18.32 -5.96 -31.20
CA LEU A 436 17.16 -6.55 -31.88
C LEU A 436 16.35 -5.51 -32.62
N ILE A 437 16.18 -4.33 -32.03
CA ILE A 437 15.38 -3.29 -32.68
C ILE A 437 16.13 -2.71 -33.86
N ASN A 438 17.45 -2.52 -33.73
CA ASN A 438 18.26 -2.01 -34.85
C ASN A 438 18.31 -2.99 -36.01
N ASP A 439 18.20 -4.29 -35.75
CA ASP A 439 18.16 -5.23 -36.86
C ASP A 439 16.82 -5.17 -37.57
N ALA A 440 15.73 -4.93 -36.83
CA ALA A 440 14.44 -4.66 -37.46
C ALA A 440 14.38 -3.27 -38.04
N TYR A 441 15.22 -2.36 -37.57
CA TYR A 441 15.19 -0.99 -38.08
C TYR A 441 15.88 -0.90 -39.43
N LYS A 442 17.08 -1.46 -39.54
CA LYS A 442 17.84 -1.39 -40.79
C LYS A 442 17.24 -2.27 -41.87
N ARG A 443 16.45 -3.27 -41.50
CA ARG A 443 15.73 -4.03 -42.51
C ARG A 443 14.61 -3.21 -43.11
N THR A 444 13.94 -2.40 -42.28
CA THR A 444 12.84 -1.57 -42.76
C THR A 444 13.35 -0.40 -43.60
N VAL A 445 14.52 0.15 -43.24
CA VAL A 445 15.14 1.19 -44.05
C VAL A 445 15.52 0.64 -45.42
N ALA A 446 16.13 -0.55 -45.45
CA ALA A 446 16.52 -1.17 -46.71
C ALA A 446 15.32 -1.57 -47.55
N LEU A 447 14.18 -1.83 -46.91
CA LEU A 447 12.96 -2.08 -47.68
C LEU A 447 12.38 -0.79 -48.23
N LEU A 448 12.26 0.24 -47.40
CA LEU A 448 11.51 1.42 -47.80
C LEU A 448 12.32 2.39 -48.65
N THR A 449 13.64 2.46 -48.48
CA THR A 449 14.43 3.29 -49.39
C THR A 449 14.49 2.68 -50.78
N GLU A 450 14.48 1.35 -50.87
CA GLU A 450 14.40 0.70 -52.16
C GLU A 450 13.02 0.88 -52.79
N LYS A 451 11.98 0.90 -51.97
CA LYS A 451 10.61 1.08 -52.44
C LYS A 451 10.12 2.50 -52.17
N LYS A 452 11.00 3.48 -52.35
CA LYS A 452 10.70 4.86 -52.02
C LYS A 452 9.63 5.45 -52.95
N ALA A 453 9.62 5.05 -54.21
CA ALA A 453 8.59 5.54 -55.12
C ALA A 453 7.22 4.97 -54.78
N ASP A 454 7.18 3.77 -54.21
CA ASP A 454 5.90 3.15 -53.86
C ASP A 454 5.27 3.80 -52.64
N VAL A 455 6.08 4.29 -51.70
CA VAL A 455 5.52 4.96 -50.53
C VAL A 455 4.93 6.29 -50.92
N GLU A 456 5.55 6.97 -51.89
CA GLU A 456 5.05 8.25 -52.38
C GLU A 456 3.71 8.10 -53.09
N LYS A 457 3.53 6.99 -53.83
CA LYS A 457 2.30 6.79 -54.59
C LYS A 457 1.13 6.51 -53.67
N VAL A 458 1.34 5.66 -52.65
CA VAL A 458 0.27 5.27 -51.75
C VAL A 458 -0.16 6.43 -50.89
N ALA A 459 0.78 7.30 -50.53
CA ALA A 459 0.49 8.36 -49.57
C ALA A 459 -0.26 9.52 -50.19
N LEU A 460 0.08 9.89 -51.43
CA LEU A 460 -0.63 10.97 -52.10
C LEU A 460 -2.05 10.57 -52.43
N LEU A 461 -2.29 9.29 -52.68
CA LEU A 461 -3.64 8.77 -52.75
C LEU A 461 -4.33 8.87 -51.40
N LEU A 462 -3.59 8.63 -50.32
CA LEU A 462 -4.11 8.80 -48.97
C LEU A 462 -4.23 10.27 -48.59
N LEU A 463 -3.35 11.12 -49.12
CA LEU A 463 -3.43 12.53 -48.77
C LEU A 463 -4.60 13.23 -49.45
N GLU A 464 -5.11 12.67 -50.55
CA GLU A 464 -6.25 13.26 -51.25
C GLU A 464 -7.57 12.63 -50.81
N LYS A 465 -7.72 11.33 -51.00
CA LYS A 465 -9.00 10.68 -50.73
C LYS A 465 -9.24 10.46 -49.24
N GLU A 466 -8.19 10.49 -48.42
CA GLU A 466 -8.20 10.36 -46.96
C GLU A 466 -8.69 9.01 -46.45
N VAL A 467 -8.95 8.05 -47.34
CA VAL A 467 -9.35 6.69 -47.00
C VAL A 467 -8.69 5.76 -48.00
N LEU A 468 -7.92 4.79 -47.51
CA LEU A 468 -7.39 3.74 -48.35
C LEU A 468 -8.17 2.45 -48.14
N ASP A 469 -7.91 1.49 -49.02
CA ASP A 469 -8.62 0.23 -49.03
C ASP A 469 -7.66 -0.83 -49.56
N LYS A 470 -8.00 -2.10 -49.34
CA LYS A 470 -7.22 -3.18 -49.92
C LYS A 470 -7.30 -3.17 -51.44
N ASN A 471 -8.47 -2.82 -51.97
CA ASN A 471 -8.62 -2.71 -53.43
C ASN A 471 -7.84 -1.53 -53.97
N ASP A 472 -7.73 -0.44 -53.20
CA ASP A 472 -6.97 0.71 -53.63
C ASP A 472 -5.47 0.44 -53.61
N MET A 473 -5.02 -0.50 -52.79
CA MET A 473 -3.61 -0.89 -52.80
C MET A 473 -3.29 -1.74 -54.02
N VAL A 474 -4.22 -2.63 -54.41
CA VAL A 474 -3.99 -3.49 -55.56
C VAL A 474 -4.05 -2.69 -56.84
N GLU A 475 -4.94 -1.69 -56.91
CA GLU A 475 -5.03 -0.82 -58.07
C GLU A 475 -3.82 0.11 -58.23
N LEU A 476 -2.97 0.20 -57.22
CA LEU A 476 -1.84 1.12 -57.27
C LEU A 476 -0.49 0.43 -57.22
N LEU A 477 -0.32 -0.61 -56.40
CA LEU A 477 0.94 -1.31 -56.31
C LEU A 477 0.91 -2.68 -56.97
N GLY A 478 -0.21 -3.08 -57.57
CA GLY A 478 -0.36 -4.42 -58.08
C GLY A 478 -0.80 -5.35 -56.98
N PRO A 479 -0.99 -6.62 -57.31
CA PRO A 479 -1.34 -7.60 -56.26
C PRO A 479 -0.16 -7.86 -55.35
N ARG A 480 -0.48 -8.32 -54.15
CA ARG A 480 0.56 -8.66 -53.18
C ARG A 480 1.31 -9.89 -53.66
N PRO A 481 2.65 -9.86 -53.69
CA PRO A 481 3.41 -10.93 -54.36
C PRO A 481 3.49 -12.25 -53.60
N PHE A 482 2.66 -12.46 -52.59
CA PHE A 482 2.69 -13.62 -51.74
C PHE A 482 1.32 -14.30 -51.77
N ALA A 483 1.31 -15.60 -51.54
CA ALA A 483 0.08 -16.38 -51.63
C ALA A 483 -0.87 -16.02 -50.49
N GLU A 484 -2.13 -15.77 -50.84
CA GLU A 484 -3.11 -15.31 -49.88
C GLU A 484 -3.63 -16.49 -49.04
N LYS A 485 -4.51 -16.17 -48.10
CA LYS A 485 -5.08 -17.17 -47.20
C LYS A 485 -6.51 -16.82 -46.82
N VAL B 23 -37.65 5.55 -0.31
CA VAL B 23 -38.38 6.78 -0.62
C VAL B 23 -39.18 6.57 -1.90
N GLY B 24 -38.49 6.53 -3.04
CA GLY B 24 -39.13 6.30 -4.32
C GLY B 24 -39.35 7.53 -5.16
N GLU B 25 -39.09 8.73 -4.63
CA GLU B 25 -39.32 9.95 -5.37
C GLU B 25 -38.27 10.14 -6.45
N THR B 26 -38.72 10.46 -7.66
CA THR B 26 -37.85 10.44 -8.83
C THR B 26 -36.95 11.67 -8.94
N THR B 27 -37.22 12.72 -8.16
CA THR B 27 -36.59 14.06 -8.17
C THR B 27 -36.23 14.59 -9.56
N ALA B 28 -37.12 14.38 -10.53
CA ALA B 28 -36.99 14.93 -11.86
C ALA B 28 -38.01 16.05 -12.04
N LYS B 29 -37.70 16.97 -12.95
CA LYS B 29 -38.53 18.15 -13.18
C LYS B 29 -38.91 18.21 -14.65
N VAL B 30 -40.20 18.07 -14.94
CA VAL B 30 -40.69 18.23 -16.30
C VAL B 30 -40.66 19.71 -16.60
N LEU B 31 -39.62 20.18 -17.26
CA LEU B 31 -39.43 21.60 -17.48
C LEU B 31 -39.85 21.96 -18.90
N LYS B 32 -40.79 22.90 -19.00
CA LYS B 32 -41.24 23.47 -20.26
C LYS B 32 -40.93 24.96 -20.33
N ASP B 33 -40.10 25.44 -19.39
CA ASP B 33 -39.78 26.85 -19.26
C ASP B 33 -39.07 27.39 -20.49
N GLU B 34 -39.37 28.64 -20.84
CA GLU B 34 -38.77 29.31 -21.99
C GLU B 34 -37.32 29.65 -21.64
N ILE B 35 -36.45 28.65 -21.78
CA ILE B 35 -35.03 28.84 -21.53
C ILE B 35 -34.44 29.66 -22.67
N ASP B 36 -33.60 30.63 -22.34
CA ASP B 36 -32.99 31.50 -23.32
C ASP B 36 -31.79 30.86 -24.02
N VAL B 37 -31.64 29.55 -23.97
CA VAL B 37 -30.60 28.83 -24.68
C VAL B 37 -31.21 28.28 -25.97
N LYS B 38 -30.69 28.75 -27.10
CA LYS B 38 -31.10 28.31 -28.42
C LYS B 38 -29.93 27.60 -29.09
N PHE B 39 -30.16 27.11 -30.31
CA PHE B 39 -29.05 26.56 -31.09
C PHE B 39 -28.07 27.62 -31.57
N LYS B 40 -28.44 28.90 -31.52
CA LYS B 40 -27.51 29.98 -31.80
C LYS B 40 -26.57 30.26 -30.64
N ASP B 41 -26.72 29.56 -29.51
CA ASP B 41 -25.89 29.77 -28.34
C ASP B 41 -24.83 28.69 -28.16
N VAL B 42 -24.70 27.76 -29.10
CA VAL B 42 -23.73 26.68 -28.97
C VAL B 42 -22.49 27.02 -29.77
N ALA B 43 -22.64 27.17 -31.09
CA ALA B 43 -21.77 27.98 -31.94
C ALA B 43 -20.31 27.55 -31.90
N GLY B 44 -20.04 26.37 -32.44
CA GLY B 44 -18.67 25.92 -32.57
C GLY B 44 -18.48 24.43 -32.46
N CYS B 45 -19.46 23.75 -31.87
CA CYS B 45 -19.53 22.30 -31.90
C CYS B 45 -20.49 21.86 -33.01
N GLU B 46 -20.19 22.29 -34.23
CA GLU B 46 -21.18 22.24 -35.30
C GLU B 46 -21.35 20.83 -35.88
N GLU B 47 -20.27 20.06 -35.97
CA GLU B 47 -20.43 18.69 -36.43
C GLU B 47 -20.97 17.79 -35.33
N ALA B 48 -20.90 18.22 -34.08
CA ALA B 48 -21.62 17.60 -32.99
C ALA B 48 -23.02 18.15 -32.85
N LYS B 49 -23.34 19.24 -33.55
CA LYS B 49 -24.65 19.88 -33.41
C LYS B 49 -25.69 19.17 -34.26
N LEU B 50 -25.31 18.71 -35.44
CA LEU B 50 -26.27 18.11 -36.37
C LEU B 50 -26.75 16.75 -35.87
N GLU B 51 -25.97 16.06 -35.08
CA GLU B 51 -26.34 14.72 -34.65
C GLU B 51 -27.37 14.73 -33.54
N ILE B 52 -27.53 15.85 -32.83
CA ILE B 52 -28.67 16.00 -31.94
C ILE B 52 -29.84 16.64 -32.68
N MET B 53 -29.58 17.37 -33.76
CA MET B 53 -30.66 17.74 -34.68
C MET B 53 -31.22 16.50 -35.37
N GLU B 54 -30.43 15.44 -35.49
CA GLU B 54 -30.94 14.16 -35.96
C GLU B 54 -31.80 13.48 -34.89
N PHE B 55 -31.49 13.73 -33.62
CA PHE B 55 -32.30 13.16 -32.54
C PHE B 55 -33.68 13.82 -32.45
N VAL B 56 -33.75 15.11 -32.76
CA VAL B 56 -35.05 15.77 -32.84
C VAL B 56 -35.78 15.28 -34.09
N ASN B 57 -35.02 14.92 -35.14
CA ASN B 57 -35.59 14.40 -36.37
C ASN B 57 -36.20 13.02 -36.15
N PHE B 58 -35.68 12.27 -35.18
CA PHE B 58 -36.24 10.95 -34.86
C PHE B 58 -37.62 11.08 -34.24
N LEU B 59 -37.81 12.06 -33.38
CA LEU B 59 -39.10 12.25 -32.73
C LEU B 59 -40.13 12.82 -33.69
N LYS B 60 -39.72 13.78 -34.51
CA LYS B 60 -40.67 14.47 -35.37
C LYS B 60 -40.94 13.69 -36.66
N ASN B 61 -39.97 12.92 -37.13
CA ASN B 61 -40.09 12.16 -38.38
C ASN B 61 -39.62 10.73 -38.17
N PRO B 62 -40.52 9.83 -37.76
CA PRO B 62 -40.18 8.40 -37.72
C PRO B 62 -40.26 7.70 -39.06
N LYS B 63 -40.43 8.43 -40.16
CA LYS B 63 -40.67 7.82 -41.46
C LYS B 63 -39.38 7.62 -42.25
N GLN B 64 -38.59 8.68 -42.42
CA GLN B 64 -37.44 8.63 -43.32
C GLN B 64 -36.25 7.89 -42.74
N TYR B 65 -36.30 7.48 -41.47
CA TYR B 65 -35.29 6.59 -40.92
C TYR B 65 -35.77 5.14 -40.86
N GLN B 66 -37.05 4.90 -41.13
CA GLN B 66 -37.58 3.56 -41.28
C GLN B 66 -37.83 3.19 -42.74
N ASP B 67 -37.52 4.11 -43.67
CA ASP B 67 -37.67 3.78 -45.08
C ASP B 67 -36.61 2.79 -45.55
N LEU B 68 -35.45 2.79 -44.92
CA LEU B 68 -34.37 1.89 -45.29
C LEU B 68 -34.22 0.72 -44.33
N GLY B 69 -35.19 0.53 -43.43
CA GLY B 69 -35.11 -0.55 -42.48
C GLY B 69 -34.12 -0.33 -41.36
N ALA B 70 -33.78 0.91 -41.07
CA ALA B 70 -32.80 1.23 -40.05
C ALA B 70 -33.48 1.29 -38.69
N LYS B 71 -32.90 0.60 -37.72
CA LYS B 71 -33.35 0.70 -36.34
C LYS B 71 -32.96 2.06 -35.79
N ILE B 72 -33.94 2.84 -35.36
CA ILE B 72 -33.70 4.19 -34.84
C ILE B 72 -33.02 4.09 -33.49
N PRO B 73 -31.84 4.70 -33.33
CA PRO B 73 -31.08 4.54 -32.08
C PRO B 73 -31.73 5.27 -30.93
N LYS B 74 -31.33 4.85 -29.73
CA LYS B 74 -32.02 5.28 -28.52
C LYS B 74 -31.43 6.56 -27.95
N GLY B 75 -30.17 6.83 -28.22
CA GLY B 75 -29.56 8.07 -27.77
C GLY B 75 -28.06 7.96 -27.76
N ALA B 76 -27.42 9.10 -27.53
CA ALA B 76 -25.97 9.17 -27.50
C ALA B 76 -25.50 9.63 -26.13
N ILE B 77 -24.20 9.52 -25.92
CA ILE B 77 -23.56 9.98 -24.69
C ILE B 77 -22.63 11.12 -25.07
N LEU B 78 -22.90 12.30 -24.54
CA LEU B 78 -22.11 13.48 -24.84
C LEU B 78 -20.83 13.41 -24.01
N THR B 79 -19.69 13.26 -24.68
CA THR B 79 -18.41 13.09 -24.00
C THR B 79 -17.46 14.23 -24.37
N GLY B 80 -16.49 14.46 -23.50
CA GLY B 80 -15.48 15.47 -23.74
C GLY B 80 -14.89 16.05 -22.47
N PRO B 81 -13.95 16.96 -22.61
CA PRO B 81 -13.35 17.61 -21.44
C PRO B 81 -14.36 18.52 -20.74
N PRO B 82 -14.11 18.87 -19.48
CA PRO B 82 -15.03 19.78 -18.78
C PRO B 82 -14.95 21.19 -19.34
N GLY B 83 -16.10 21.84 -19.40
CA GLY B 83 -16.19 23.20 -19.88
C GLY B 83 -16.48 23.35 -21.34
N THR B 84 -17.01 22.33 -22.00
CA THR B 84 -17.02 22.25 -23.45
C THR B 84 -18.38 22.51 -24.06
N GLY B 85 -19.45 22.03 -23.45
CA GLY B 85 -20.75 22.22 -24.06
C GLY B 85 -21.68 21.02 -23.97
N LYS B 86 -21.27 19.98 -23.24
CA LYS B 86 -22.06 18.76 -23.18
C LYS B 86 -23.32 18.90 -22.32
N THR B 87 -23.49 20.02 -21.61
CA THR B 87 -24.72 20.33 -20.89
C THR B 87 -25.51 21.44 -21.57
N LEU B 88 -24.81 22.44 -22.11
CA LEU B 88 -25.46 23.54 -22.80
C LEU B 88 -26.14 23.08 -24.07
N LEU B 89 -25.55 22.10 -24.76
CA LEU B 89 -26.16 21.55 -25.96
C LEU B 89 -27.39 20.70 -25.62
N ALA B 90 -27.51 20.26 -24.37
CA ALA B 90 -28.76 19.65 -23.93
C ALA B 90 -29.77 20.68 -23.50
N LYS B 91 -29.32 21.85 -23.04
CA LYS B 91 -30.24 22.95 -22.77
C LYS B 91 -30.85 23.45 -24.07
N ALA B 92 -30.04 23.59 -25.12
CA ALA B 92 -30.52 24.09 -26.40
C ALA B 92 -31.46 23.12 -27.08
N THR B 93 -31.35 21.83 -26.77
CA THR B 93 -32.34 20.88 -27.27
C THR B 93 -33.68 21.08 -26.60
N ALA B 94 -33.68 21.50 -25.33
CA ALA B 94 -34.94 21.70 -24.62
C ALA B 94 -35.69 22.93 -25.11
N GLY B 95 -34.97 23.93 -25.59
CA GLY B 95 -35.60 25.15 -26.05
C GLY B 95 -36.00 25.11 -27.52
N GLU B 96 -35.10 24.61 -28.35
CA GLU B 96 -35.35 24.58 -29.80
C GLU B 96 -36.43 23.56 -30.14
N ALA B 97 -36.28 22.33 -29.67
CA ALA B 97 -37.31 21.33 -29.92
C ALA B 97 -38.54 21.62 -29.07
N ASN B 98 -39.70 21.53 -29.69
CA ASN B 98 -40.96 21.79 -29.00
C ASN B 98 -41.42 20.62 -28.13
N VAL B 99 -40.70 19.50 -28.15
CA VAL B 99 -41.02 18.36 -27.30
C VAL B 99 -40.73 18.72 -25.84
N PRO B 100 -41.44 18.13 -24.88
CA PRO B 100 -41.11 18.37 -23.47
C PRO B 100 -39.78 17.75 -23.08
N PHE B 101 -39.25 18.24 -21.97
CA PHE B 101 -37.90 17.91 -21.53
C PHE B 101 -37.93 17.50 -20.06
N ILE B 102 -37.18 16.45 -19.74
CA ILE B 102 -37.02 15.99 -18.36
C ILE B 102 -35.55 15.70 -18.11
N THR B 103 -35.04 16.11 -16.96
CA THR B 103 -33.63 15.97 -16.65
C THR B 103 -33.43 15.50 -15.22
N VAL B 104 -32.37 14.72 -15.03
CA VAL B 104 -31.85 14.34 -13.72
C VAL B 104 -30.33 14.49 -13.76
N SER B 105 -29.69 14.15 -12.66
CA SER B 105 -28.28 13.80 -12.67
C SER B 105 -28.17 12.33 -12.33
N GLY B 106 -26.98 11.77 -12.58
CA GLY B 106 -26.78 10.36 -12.29
C GLY B 106 -26.72 10.08 -10.82
N SER B 107 -26.30 11.04 -10.01
CA SER B 107 -26.15 10.83 -8.59
C SER B 107 -27.47 10.91 -7.83
N GLU B 108 -28.57 11.29 -8.47
CA GLU B 108 -29.86 11.42 -7.79
C GLU B 108 -30.58 10.10 -7.58
N PHE B 109 -29.95 8.96 -7.88
CA PHE B 109 -30.64 7.68 -7.87
C PHE B 109 -30.32 6.83 -6.64
N LEU B 110 -29.08 6.87 -6.17
CA LEU B 110 -28.70 6.07 -5.01
C LEU B 110 -29.25 6.69 -3.73
N GLU B 111 -29.96 5.89 -2.96
CA GLU B 111 -30.62 6.31 -1.74
C GLU B 111 -30.17 5.38 -0.61
N MET B 112 -30.51 5.77 0.62
CA MET B 112 -30.18 4.98 1.81
C MET B 112 -30.72 3.57 1.74
N PHE B 113 -32.02 3.42 1.48
CA PHE B 113 -32.64 2.11 1.56
C PHE B 113 -32.36 1.29 0.32
N VAL B 114 -32.10 0.00 0.51
CA VAL B 114 -31.88 -0.92 -0.60
C VAL B 114 -33.21 -1.19 -1.27
N GLY B 115 -33.32 -0.82 -2.54
CA GLY B 115 -34.55 -0.98 -3.29
C GLY B 115 -35.13 0.30 -3.84
N VAL B 116 -34.47 1.44 -3.63
CA VAL B 116 -34.95 2.72 -4.13
C VAL B 116 -34.28 3.09 -5.44
N GLY B 117 -32.96 2.87 -5.52
CA GLY B 117 -32.19 3.05 -6.73
C GLY B 117 -32.70 2.32 -7.97
N PRO B 118 -32.98 1.03 -7.86
CA PRO B 118 -33.67 0.34 -8.95
C PRO B 118 -35.17 0.53 -8.96
N ALA B 119 -35.68 1.55 -8.26
CA ALA B 119 -37.09 1.91 -8.32
C ALA B 119 -37.32 3.32 -8.82
N ARG B 120 -36.36 4.22 -8.65
CA ARG B 120 -36.51 5.56 -9.22
C ARG B 120 -36.37 5.53 -10.73
N VAL B 121 -35.60 4.59 -11.27
CA VAL B 121 -35.39 4.51 -12.71
C VAL B 121 -36.66 4.03 -13.41
N ARG B 122 -37.52 3.29 -12.70
CA ARG B 122 -38.88 3.09 -13.15
C ARG B 122 -39.61 4.42 -13.27
N ASP B 123 -39.57 5.22 -12.20
CA ASP B 123 -40.34 6.46 -12.16
C ASP B 123 -39.78 7.54 -13.08
N LEU B 124 -38.50 7.49 -13.41
CA LEU B 124 -37.98 8.41 -14.42
C LEU B 124 -38.45 8.02 -15.81
N PHE B 125 -38.35 6.73 -16.14
CA PHE B 125 -38.78 6.26 -17.45
C PHE B 125 -40.29 6.09 -17.57
N ALA B 126 -41.03 6.12 -16.46
CA ALA B 126 -42.47 6.22 -16.57
C ALA B 126 -42.93 7.66 -16.71
N LEU B 127 -42.12 8.61 -16.24
CA LEU B 127 -42.39 10.02 -16.49
C LEU B 127 -42.20 10.35 -17.96
N ALA B 128 -41.27 9.67 -18.63
CA ALA B 128 -41.02 9.88 -20.04
C ALA B 128 -42.10 9.31 -20.94
N ARG B 129 -42.99 8.48 -20.41
CA ARG B 129 -44.13 8.01 -21.19
C ARG B 129 -45.31 8.95 -21.12
N LYS B 130 -45.53 9.58 -19.96
CA LYS B 130 -46.66 10.50 -19.83
C LYS B 130 -46.43 11.79 -20.59
N ASN B 131 -45.18 12.11 -20.90
CA ASN B 131 -44.82 13.13 -21.87
C ASN B 131 -44.05 12.36 -22.94
N ALA B 132 -44.76 11.78 -23.91
CA ALA B 132 -44.20 10.64 -24.63
C ALA B 132 -43.10 11.03 -25.64
N PRO B 133 -43.30 11.98 -26.60
CA PRO B 133 -42.14 12.39 -27.39
C PRO B 133 -41.32 13.37 -26.57
N CYS B 134 -40.18 12.93 -26.07
CA CYS B 134 -39.43 13.77 -25.14
C CYS B 134 -37.94 13.49 -25.21
N ILE B 135 -37.17 14.56 -24.95
CA ILE B 135 -35.75 14.44 -24.66
C ILE B 135 -35.63 14.11 -23.17
N LEU B 136 -34.65 13.28 -22.82
CA LEU B 136 -34.43 12.89 -21.43
C LEU B 136 -32.94 12.82 -21.18
N PHE B 137 -32.44 13.78 -20.42
CA PHE B 137 -31.01 14.00 -20.26
C PHE B 137 -30.58 13.59 -18.86
N ILE B 138 -29.49 12.83 -18.78
CA ILE B 138 -28.93 12.38 -17.51
C ILE B 138 -27.52 12.94 -17.44
N ASP B 139 -27.35 14.07 -16.77
CA ASP B 139 -26.04 14.69 -16.66
C ASP B 139 -25.19 13.91 -15.66
N GLN B 140 -23.89 13.80 -15.97
CA GLN B 140 -22.91 13.07 -15.17
C GLN B 140 -23.35 11.61 -14.96
N ILE B 141 -23.43 10.87 -16.06
CA ILE B 141 -23.95 9.51 -16.03
C ILE B 141 -22.98 8.52 -15.41
N ASP B 142 -21.71 8.92 -15.23
CA ASP B 142 -20.72 8.05 -14.59
C ASP B 142 -20.99 7.83 -13.10
N ALA B 143 -21.99 8.50 -12.53
CA ALA B 143 -22.45 8.18 -11.19
C ALA B 143 -23.26 6.89 -11.16
N VAL B 144 -23.86 6.49 -12.28
CA VAL B 144 -24.57 5.22 -12.38
C VAL B 144 -23.78 4.22 -13.21
N GLY B 145 -23.44 4.58 -14.44
CA GLY B 145 -22.67 3.68 -15.29
C GLY B 145 -21.25 3.54 -14.80
N ARG B 146 -20.96 2.41 -14.18
CA ARG B 146 -19.65 2.11 -13.64
C ARG B 146 -19.32 0.65 -13.92
N LYS B 147 -18.10 0.27 -13.60
CA LYS B 147 -17.72 -1.13 -13.71
C LYS B 147 -18.38 -1.92 -12.58
N ARG B 148 -19.07 -2.98 -12.95
CA ARG B 148 -19.76 -3.81 -11.97
C ARG B 148 -18.76 -4.63 -11.16
N GLY B 149 -19.25 -5.19 -10.06
CA GLY B 149 -18.42 -6.01 -9.20
C GLY B 149 -19.15 -7.21 -8.63
N ASN B 152 -20.01 -8.08 -5.03
CA ASN B 152 -19.08 -7.86 -3.93
C ASN B 152 -19.82 -7.44 -2.66
N PHE B 153 -19.47 -6.28 -2.13
CA PHE B 153 -20.13 -5.74 -0.95
C PHE B 153 -21.51 -5.21 -1.36
N GLY B 154 -22.40 -5.06 -0.38
CA GLY B 154 -23.77 -4.63 -0.66
C GLY B 154 -23.89 -3.20 -1.14
N GLY B 155 -22.91 -2.35 -0.80
CA GLY B 155 -22.89 -1.00 -1.33
C GLY B 155 -22.54 -0.95 -2.80
N GLN B 156 -21.78 -1.94 -3.28
CA GLN B 156 -21.47 -2.03 -4.70
C GLN B 156 -22.52 -2.81 -5.46
N SER B 157 -23.25 -3.70 -4.79
CA SER B 157 -24.36 -4.40 -5.40
C SER B 157 -25.59 -3.51 -5.59
N GLU B 158 -25.63 -2.34 -4.94
CA GLU B 158 -26.77 -1.44 -5.09
C GLU B 158 -26.72 -0.72 -6.44
N GLN B 159 -25.55 -0.20 -6.81
CA GLN B 159 -25.42 0.43 -8.12
C GLN B 159 -25.28 -0.60 -9.23
N GLU B 160 -25.09 -1.88 -8.89
CA GLU B 160 -25.18 -2.93 -9.88
C GLU B 160 -26.63 -3.18 -10.28
N ASN B 161 -27.53 -3.24 -9.30
CA ASN B 161 -28.94 -3.40 -9.63
C ASN B 161 -29.56 -2.13 -10.17
N THR B 162 -28.97 -0.97 -9.86
CA THR B 162 -29.46 0.28 -10.44
C THR B 162 -29.11 0.37 -11.92
N LEU B 163 -27.87 0.03 -12.26
CA LEU B 163 -27.44 0.03 -13.66
C LEU B 163 -28.14 -1.05 -14.46
N ASN B 164 -28.45 -2.19 -13.85
CA ASN B 164 -29.25 -3.20 -14.52
C ASN B 164 -30.67 -2.71 -14.74
N GLN B 165 -31.20 -1.87 -13.85
CA GLN B 165 -32.53 -1.32 -14.07
C GLN B 165 -32.54 -0.33 -15.21
N LEU B 166 -31.42 0.39 -15.41
CA LEU B 166 -31.32 1.30 -16.55
C LEU B 166 -31.30 0.52 -17.86
N LEU B 167 -30.58 -0.62 -17.90
CA LEU B 167 -30.43 -1.38 -19.13
C LEU B 167 -31.70 -2.11 -19.52
N VAL B 168 -32.52 -2.52 -18.53
CA VAL B 168 -33.74 -3.26 -18.84
C VAL B 168 -34.76 -2.36 -19.50
N GLU B 169 -34.98 -1.18 -18.94
CA GLU B 169 -35.99 -0.29 -19.49
C GLU B 169 -35.47 0.49 -20.69
N MET B 170 -34.15 0.52 -20.88
CA MET B 170 -33.60 1.04 -22.13
C MET B 170 -34.00 0.16 -23.30
N ASP B 171 -33.88 -1.16 -23.14
CA ASP B 171 -34.29 -2.10 -24.17
C ASP B 171 -35.81 -2.23 -24.24
N GLY B 172 -36.52 -1.82 -23.21
CA GLY B 172 -37.96 -1.98 -23.18
C GLY B 172 -38.76 -0.88 -23.85
N PHE B 173 -38.12 -0.14 -24.75
CA PHE B 173 -38.80 0.91 -25.51
C PHE B 173 -39.28 0.42 -26.87
N ASN B 174 -39.43 -0.89 -27.04
CA ASN B 174 -39.98 -1.42 -28.28
C ASN B 174 -41.48 -1.18 -28.37
N THR B 175 -42.16 -1.12 -27.22
CA THR B 175 -43.60 -0.85 -27.23
C THR B 175 -43.89 0.59 -27.62
N THR B 176 -43.14 1.54 -27.04
CA THR B 176 -43.30 2.93 -27.42
C THR B 176 -42.66 3.17 -28.78
N THR B 177 -43.08 4.26 -29.41
CA THR B 177 -42.57 4.62 -30.72
C THR B 177 -41.45 5.65 -30.67
N ASN B 178 -41.46 6.53 -29.67
CA ASN B 178 -40.54 7.68 -29.69
C ASN B 178 -40.19 8.11 -28.27
N VAL B 179 -39.08 7.56 -27.75
CA VAL B 179 -38.44 8.06 -26.53
C VAL B 179 -36.93 8.08 -26.79
N VAL B 180 -36.34 9.26 -26.75
CA VAL B 180 -34.90 9.40 -26.96
C VAL B 180 -34.27 9.87 -25.65
N ILE B 181 -33.08 9.36 -25.35
CA ILE B 181 -32.43 9.61 -24.08
C ILE B 181 -31.00 10.07 -24.34
N LEU B 182 -30.73 11.34 -24.10
CA LEU B 182 -29.37 11.85 -24.13
C LEU B 182 -28.67 11.53 -22.82
N ALA B 183 -27.37 11.78 -22.81
CA ALA B 183 -26.54 11.55 -21.65
C ALA B 183 -25.28 12.36 -21.81
N GLY B 184 -24.77 12.85 -20.69
CA GLY B 184 -23.56 13.64 -20.77
C GLY B 184 -22.62 13.35 -19.62
N THR B 185 -21.38 13.04 -19.94
CA THR B 185 -20.35 12.82 -18.93
C THR B 185 -19.00 13.17 -19.51
N ASN B 186 -18.08 13.49 -18.62
CA ASN B 186 -16.72 13.83 -19.01
C ASN B 186 -15.76 12.66 -18.80
N ARG B 187 -16.28 11.47 -18.48
CA ARG B 187 -15.45 10.28 -18.27
C ARG B 187 -16.12 9.09 -18.95
N PRO B 188 -15.87 8.87 -20.23
CA PRO B 188 -16.48 7.72 -20.91
C PRO B 188 -15.78 6.40 -20.63
N ASP B 189 -14.58 6.42 -20.05
CA ASP B 189 -13.82 5.20 -19.86
C ASP B 189 -14.36 4.37 -18.71
N ILE B 190 -14.85 5.03 -17.65
CA ILE B 190 -15.37 4.31 -16.48
C ILE B 190 -16.74 3.71 -16.74
N LEU B 191 -17.36 4.03 -17.88
CA LEU B 191 -18.68 3.51 -18.17
C LEU B 191 -18.66 2.02 -18.48
N ASP B 192 -19.74 1.35 -18.10
CA ASP B 192 -19.90 -0.08 -18.34
C ASP B 192 -20.09 -0.32 -19.83
N PRO B 193 -19.37 -1.27 -20.44
CA PRO B 193 -19.62 -1.60 -21.85
C PRO B 193 -20.97 -2.24 -22.13
N ALA B 194 -21.76 -2.56 -21.11
CA ALA B 194 -23.12 -3.02 -21.35
C ALA B 194 -24.03 -1.90 -21.85
N LEU B 195 -23.68 -0.64 -21.56
CA LEU B 195 -24.45 0.50 -22.05
C LEU B 195 -24.27 0.70 -23.55
N LEU B 196 -23.20 0.20 -24.14
CA LEU B 196 -22.78 0.60 -25.47
C LEU B 196 -23.17 -0.40 -26.55
N ARG B 197 -24.06 -1.34 -26.24
CA ARG B 197 -24.52 -2.31 -27.22
C ARG B 197 -25.54 -1.67 -28.16
N PRO B 198 -25.81 -2.29 -29.31
CA PRO B 198 -26.93 -1.83 -30.13
C PRO B 198 -28.27 -1.99 -29.42
N GLY B 199 -29.20 -1.10 -29.77
CA GLY B 199 -30.45 -0.97 -29.05
C GLY B 199 -30.37 -0.15 -27.79
N ARG B 200 -29.23 0.48 -27.55
CA ARG B 200 -28.89 1.19 -26.31
C ARG B 200 -28.14 2.46 -26.72
N PHE B 201 -27.30 2.98 -25.83
CA PHE B 201 -26.56 4.20 -26.15
C PHE B 201 -25.56 3.95 -27.26
N ASP B 202 -26.03 4.04 -28.51
CA ASP B 202 -25.26 3.61 -29.66
C ASP B 202 -24.17 4.60 -29.99
N ARG B 203 -24.55 5.83 -30.31
CA ARG B 203 -23.60 6.84 -30.73
C ARG B 203 -22.88 7.40 -29.52
N GLN B 204 -21.68 7.93 -29.77
CA GLN B 204 -20.94 8.66 -28.74
C GLN B 204 -20.53 9.97 -29.37
N ILE B 205 -21.36 11.00 -29.17
CA ILE B 205 -21.05 12.32 -29.68
C ILE B 205 -19.96 12.92 -28.82
N PHE B 206 -18.73 12.92 -29.34
CA PHE B 206 -17.61 13.50 -28.62
C PHE B 206 -17.62 15.01 -28.84
N ILE B 207 -17.92 15.76 -27.79
CA ILE B 207 -17.92 17.21 -27.82
C ILE B 207 -16.57 17.65 -27.26
N GLY B 208 -15.64 18.01 -28.15
CA GLY B 208 -14.29 18.34 -27.75
C GLY B 208 -14.01 19.82 -27.83
N PRO B 209 -12.84 20.24 -27.33
CA PRO B 209 -12.49 21.66 -27.32
C PRO B 209 -12.30 22.18 -28.73
N PRO B 210 -12.78 23.38 -29.01
CA PRO B 210 -12.82 23.86 -30.38
C PRO B 210 -11.46 24.34 -30.86
N ASP B 211 -11.31 24.38 -32.17
CA ASP B 211 -10.20 25.09 -32.78
C ASP B 211 -10.58 26.56 -32.90
N ILE B 212 -9.75 27.35 -33.57
CA ILE B 212 -9.93 28.79 -33.53
C ILE B 212 -11.08 29.25 -34.44
N LYS B 213 -11.49 28.43 -35.41
CA LYS B 213 -12.70 28.74 -36.18
C LYS B 213 -13.93 28.69 -35.29
N GLY B 214 -14.12 27.57 -34.59
CA GLY B 214 -15.25 27.42 -33.71
C GLY B 214 -15.17 28.27 -32.46
N ARG B 215 -13.96 28.68 -32.06
CA ARG B 215 -13.84 29.44 -30.83
C ARG B 215 -14.26 30.89 -31.02
N ALA B 216 -14.00 31.46 -32.20
CA ALA B 216 -14.47 32.81 -32.49
C ALA B 216 -15.99 32.88 -32.54
N SER B 217 -16.64 31.78 -32.93
CA SER B 217 -18.09 31.73 -32.84
C SER B 217 -18.57 31.62 -31.41
N ILE B 218 -17.73 31.16 -30.48
CA ILE B 218 -18.13 31.14 -29.09
C ILE B 218 -18.06 32.54 -28.49
N PHE B 219 -17.06 33.33 -28.89
CA PHE B 219 -16.98 34.72 -28.44
C PHE B 219 -18.13 35.56 -28.95
N LYS B 220 -18.66 35.26 -30.14
CA LYS B 220 -19.78 36.01 -30.68
C LYS B 220 -21.06 35.81 -29.88
N VAL B 221 -21.15 34.72 -29.13
CA VAL B 221 -22.31 34.53 -28.25
C VAL B 221 -22.18 35.40 -27.02
N HIS B 222 -20.95 35.59 -26.53
CA HIS B 222 -20.74 36.24 -25.26
C HIS B 222 -20.18 37.64 -25.36
N LEU B 223 -19.84 38.10 -26.56
CA LEU B 223 -19.75 39.53 -26.79
C LEU B 223 -21.11 40.16 -27.01
N ARG B 224 -22.16 39.34 -27.11
CA ARG B 224 -23.48 39.86 -27.46
C ARG B 224 -24.17 40.64 -26.34
N PRO B 225 -24.22 40.18 -25.07
CA PRO B 225 -24.89 41.01 -24.07
C PRO B 225 -24.02 42.09 -23.44
N LEU B 226 -22.87 42.44 -24.03
CA LEU B 226 -21.99 43.44 -23.44
C LEU B 226 -22.18 44.79 -24.10
N LYS B 227 -22.02 45.85 -23.31
CA LYS B 227 -22.03 47.22 -23.81
C LYS B 227 -20.58 47.59 -24.09
N LEU B 228 -20.12 47.28 -25.30
CA LEU B 228 -18.72 47.45 -25.63
C LEU B 228 -18.44 48.91 -25.99
N ASP B 229 -17.18 49.19 -26.30
CA ASP B 229 -16.79 50.48 -26.82
C ASP B 229 -17.36 50.66 -28.23
N SER B 230 -17.60 51.91 -28.61
CA SER B 230 -18.19 52.18 -29.92
C SER B 230 -17.21 51.95 -31.05
N THR B 231 -15.91 51.95 -30.79
CA THR B 231 -14.90 51.71 -31.81
C THR B 231 -14.50 50.23 -31.92
N LEU B 232 -15.35 49.33 -31.44
CA LEU B 232 -15.09 47.90 -31.50
C LEU B 232 -16.27 47.23 -32.18
N GLU B 233 -15.99 46.39 -33.17
CA GLU B 233 -17.01 45.59 -33.83
C GLU B 233 -17.03 44.20 -33.22
N LYS B 234 -18.24 43.67 -32.96
CA LYS B 234 -18.39 42.39 -32.28
C LYS B 234 -18.00 41.19 -33.14
N ASP B 235 -17.48 41.34 -34.35
CA ASP B 235 -16.92 40.23 -35.11
C ASP B 235 -15.43 40.39 -35.39
N LYS B 236 -14.93 41.61 -35.53
CA LYS B 236 -13.50 41.81 -35.64
C LYS B 236 -12.81 41.59 -34.30
N LEU B 237 -13.53 41.68 -33.19
CA LEU B 237 -12.98 41.48 -31.87
C LEU B 237 -13.05 40.02 -31.45
N ALA B 238 -14.13 39.32 -31.83
CA ALA B 238 -14.27 37.90 -31.54
C ALA B 238 -13.23 37.07 -32.26
N ARG B 239 -12.76 37.54 -33.42
CA ARG B 239 -11.63 36.90 -34.07
C ARG B 239 -10.31 37.27 -33.39
N LYS B 240 -10.24 38.47 -32.81
CA LYS B 240 -9.03 38.87 -32.10
C LYS B 240 -8.91 38.15 -30.77
N LEU B 241 -10.04 37.96 -30.08
CA LEU B 241 -10.01 37.26 -28.80
C LEU B 241 -9.78 35.77 -28.97
N ALA B 242 -10.23 35.20 -30.08
CA ALA B 242 -9.92 33.79 -30.33
C ALA B 242 -8.44 33.62 -30.67
N SER B 243 -7.82 34.66 -31.22
CA SER B 243 -6.39 34.59 -31.52
C SER B 243 -5.56 34.62 -30.25
N LEU B 244 -5.98 35.38 -29.27
CA LEU B 244 -5.19 35.51 -28.04
C LEU B 244 -5.44 34.39 -27.06
N THR B 245 -6.46 33.55 -27.28
CA THR B 245 -6.85 32.50 -26.35
C THR B 245 -6.80 31.14 -27.01
N PRO B 246 -5.64 30.48 -27.06
CA PRO B 246 -5.59 29.12 -27.57
C PRO B 246 -5.80 28.11 -26.45
N GLY B 247 -6.35 26.95 -26.84
CA GLY B 247 -6.56 25.86 -25.93
C GLY B 247 -7.73 26.02 -24.96
N PHE B 248 -8.40 27.17 -24.95
CA PHE B 248 -9.52 27.35 -24.04
C PHE B 248 -10.72 26.54 -24.49
N SER B 249 -11.58 26.25 -23.53
CA SER B 249 -12.81 25.53 -23.77
C SER B 249 -13.95 26.52 -23.93
N GLY B 250 -15.18 26.02 -23.95
CA GLY B 250 -16.33 26.90 -24.04
C GLY B 250 -16.69 27.58 -22.74
N ALA B 251 -16.04 27.24 -21.64
CA ALA B 251 -16.27 27.90 -20.36
C ALA B 251 -15.27 29.02 -20.10
N ASP B 252 -14.01 28.82 -20.51
CA ASP B 252 -13.01 29.87 -20.38
C ASP B 252 -13.29 31.04 -21.31
N VAL B 253 -14.02 30.82 -22.39
CA VAL B 253 -14.39 31.91 -23.28
C VAL B 253 -15.50 32.74 -22.67
N ALA B 254 -16.50 32.07 -22.09
CA ALA B 254 -17.58 32.78 -21.42
C ALA B 254 -17.13 33.48 -20.15
N ASN B 255 -15.97 33.10 -19.60
CA ASN B 255 -15.47 33.78 -18.41
C ASN B 255 -14.77 35.08 -18.77
N VAL B 256 -13.98 35.09 -19.85
CA VAL B 256 -13.26 36.28 -20.27
C VAL B 256 -14.22 37.38 -20.66
N CYS B 257 -15.33 37.00 -21.30
CA CYS B 257 -16.35 37.99 -21.64
C CYS B 257 -17.15 38.45 -20.42
N ASN B 258 -17.05 37.75 -19.31
CA ASN B 258 -17.69 38.18 -18.07
C ASN B 258 -16.72 38.91 -17.15
N GLU B 259 -15.47 38.47 -17.09
CA GLU B 259 -14.49 39.13 -16.22
C GLU B 259 -14.14 40.51 -16.73
N ALA B 260 -14.03 40.67 -18.05
CA ALA B 260 -13.72 41.98 -18.62
C ALA B 260 -14.86 42.97 -18.46
N ALA B 261 -16.08 42.50 -18.22
CA ALA B 261 -17.14 43.41 -17.83
C ALA B 261 -17.06 43.77 -16.35
N LEU B 262 -16.62 42.82 -15.52
CA LEU B 262 -16.45 43.12 -14.10
C LEU B 262 -15.21 43.97 -13.86
N ILE B 263 -14.19 43.83 -14.70
CA ILE B 263 -13.05 44.73 -14.65
C ILE B 263 -13.44 46.12 -15.11
N ALA B 264 -14.38 46.21 -16.04
CA ALA B 264 -14.80 47.50 -16.59
C ALA B 264 -15.52 48.34 -15.54
N ALA B 265 -16.53 47.76 -14.89
CA ALA B 265 -17.29 48.51 -13.91
C ALA B 265 -16.59 48.64 -12.57
N ARG B 266 -15.44 47.98 -12.38
CA ARG B 266 -14.61 48.22 -11.22
C ARG B 266 -14.09 49.65 -11.21
N HIS B 267 -13.72 50.15 -12.39
CA HIS B 267 -13.22 51.51 -12.53
C HIS B 267 -14.30 52.50 -12.92
N LEU B 268 -15.58 52.08 -12.87
CA LEU B 268 -16.73 52.85 -13.33
C LEU B 268 -16.56 53.34 -14.77
N SER B 269 -16.03 52.47 -15.62
CA SER B 269 -15.82 52.85 -17.01
C SER B 269 -17.15 52.87 -17.76
N ASP B 270 -17.20 53.69 -18.80
CA ASP B 270 -18.45 53.86 -19.55
C ASP B 270 -18.74 52.65 -20.42
N SER B 271 -17.71 52.08 -21.03
CA SER B 271 -17.89 50.97 -21.96
C SER B 271 -16.64 50.10 -21.92
N ILE B 272 -16.81 48.83 -22.26
CA ILE B 272 -15.71 47.88 -22.22
C ILE B 272 -14.85 48.09 -23.45
N ASN B 273 -13.56 48.28 -23.26
CA ASN B 273 -12.64 48.46 -24.37
C ASN B 273 -11.76 47.22 -24.53
N GLN B 274 -10.78 47.31 -25.43
CA GLN B 274 -9.93 46.17 -25.73
C GLN B 274 -8.94 45.89 -24.60
N LYS B 275 -8.57 46.92 -23.84
CA LYS B 275 -7.66 46.74 -22.71
C LYS B 275 -8.29 45.94 -21.58
N HIS B 276 -9.61 45.93 -21.47
CA HIS B 276 -10.25 45.14 -20.44
C HIS B 276 -10.28 43.66 -20.78
N PHE B 277 -10.42 43.31 -22.07
CA PHE B 277 -10.38 41.92 -22.45
C PHE B 277 -8.98 41.35 -22.35
N GLU B 278 -7.96 42.17 -22.61
CA GLU B 278 -6.59 41.70 -22.52
C GLU B 278 -6.16 41.48 -21.07
N GLN B 279 -6.90 42.02 -20.11
CA GLN B 279 -6.65 41.73 -18.70
C GLN B 279 -7.42 40.53 -18.19
N ALA B 280 -8.63 40.30 -18.73
CA ALA B 280 -9.41 39.13 -18.31
C ALA B 280 -8.77 37.84 -18.78
N ILE B 281 -8.13 37.86 -19.95
CA ILE B 281 -7.29 36.74 -20.36
C ILE B 281 -6.10 36.62 -19.42
N GLU B 282 -5.50 37.75 -19.08
CA GLU B 282 -4.35 37.82 -18.20
C GLU B 282 -4.69 37.44 -16.77
N ARG B 283 -5.96 37.61 -16.37
CA ARG B 283 -6.40 37.25 -15.03
C ARG B 283 -6.55 35.75 -14.86
N VAL B 284 -7.11 35.08 -15.87
CA VAL B 284 -7.48 33.67 -15.73
C VAL B 284 -6.24 32.79 -15.67
N ILE B 285 -5.31 32.99 -16.59
CA ILE B 285 -4.13 32.14 -16.64
C ILE B 285 -2.96 32.70 -15.84
N GLY B 286 -2.99 33.98 -15.47
CA GLY B 286 -1.89 34.55 -14.73
C GLY B 286 -1.99 34.38 -13.23
N GLY B 287 -3.07 34.91 -12.64
CA GLY B 287 -3.20 34.89 -11.21
C GLY B 287 -3.87 36.13 -10.65
N LEU B 288 -3.20 36.82 -9.73
CA LEU B 288 -3.70 38.04 -9.11
C LEU B 288 -2.67 39.14 -9.30
N GLU B 289 -2.98 40.12 -10.15
CA GLU B 289 -2.10 41.25 -10.39
C GLU B 289 -2.12 42.12 -9.15
N LYS B 290 -1.08 42.00 -8.31
CA LYS B 290 -1.03 42.69 -7.04
C LYS B 290 0.15 43.66 -7.02
N LYS B 291 -0.14 44.90 -6.61
CA LYS B 291 0.85 45.96 -6.58
C LYS B 291 1.46 46.15 -5.19
N THR B 292 0.77 45.72 -4.14
CA THR B 292 1.23 45.93 -2.78
C THR B 292 2.42 45.07 -2.38
N GLN B 293 2.90 44.18 -3.24
CA GLN B 293 4.08 43.40 -2.92
C GLN B 293 5.32 44.27 -2.87
N VAL B 294 6.16 44.02 -1.88
CA VAL B 294 7.42 44.72 -1.76
C VAL B 294 8.52 43.90 -2.41
N LEU B 295 9.33 44.57 -3.22
CA LEU B 295 10.52 43.97 -3.81
C LEU B 295 11.62 45.01 -3.75
N GLN B 296 12.81 44.56 -3.37
CA GLN B 296 13.95 45.45 -3.34
C GLN B 296 14.34 45.84 -4.77
N PRO B 297 14.98 47.01 -4.95
CA PRO B 297 15.42 47.40 -6.30
C PRO B 297 16.51 46.52 -6.89
N GLU B 298 17.07 45.58 -6.14
CA GLU B 298 17.93 44.56 -6.71
C GLU B 298 17.15 43.32 -7.11
N GLU B 299 16.10 42.96 -6.38
CA GLU B 299 15.34 41.77 -6.74
C GLU B 299 14.31 42.02 -7.84
N LYS B 300 14.03 43.28 -8.21
CA LYS B 300 13.32 43.51 -9.45
C LYS B 300 14.25 43.49 -10.64
N LYS B 301 15.50 43.94 -10.44
CA LYS B 301 16.46 43.96 -11.53
C LYS B 301 16.87 42.55 -11.91
N THR B 302 16.79 41.61 -10.97
CA THR B 302 17.09 40.22 -11.30
C THR B 302 15.95 39.58 -12.08
N VAL B 303 14.70 39.88 -11.72
CA VAL B 303 13.55 39.31 -12.41
C VAL B 303 13.39 39.92 -13.79
N ALA B 304 13.68 41.22 -13.94
CA ALA B 304 13.58 41.86 -15.23
C ALA B 304 14.66 41.37 -16.19
N TYR B 305 15.87 41.15 -15.70
CA TYR B 305 16.88 40.54 -16.55
C TYR B 305 16.62 39.06 -16.77
N HIS B 306 15.82 38.43 -15.90
CA HIS B 306 15.48 37.03 -16.11
C HIS B 306 14.51 36.88 -17.26
N GLN B 307 13.35 37.51 -17.16
CA GLN B 307 12.30 37.27 -18.15
C GLN B 307 12.45 38.09 -19.42
N ALA B 308 13.50 38.89 -19.55
CA ALA B 308 13.89 39.32 -20.88
C ALA B 308 14.64 38.23 -21.60
N GLY B 309 15.29 37.33 -20.85
CA GLY B 309 15.96 36.19 -21.44
C GLY B 309 15.01 35.15 -21.97
N HIS B 310 13.79 35.08 -21.44
CA HIS B 310 12.79 34.24 -22.06
C HIS B 310 12.16 34.92 -23.27
N ALA B 311 12.15 36.26 -23.29
CA ALA B 311 11.48 36.98 -24.36
C ALA B 311 12.33 37.04 -25.61
N VAL B 312 13.62 37.29 -25.47
CA VAL B 312 14.51 37.37 -26.62
C VAL B 312 14.76 36.00 -27.21
N ALA B 313 14.83 34.96 -26.37
CA ALA B 313 15.10 33.61 -26.87
C ALA B 313 13.93 33.07 -27.68
N GLY B 314 12.70 33.29 -27.23
CA GLY B 314 11.55 32.95 -28.04
C GLY B 314 11.36 33.86 -29.25
N TRP B 315 12.04 35.00 -29.27
CA TRP B 315 11.94 35.90 -30.41
C TRP B 315 12.82 35.47 -31.56
N TYR B 316 13.87 34.72 -31.30
CA TYR B 316 14.90 34.43 -32.27
C TYR B 316 15.03 32.96 -32.63
N LEU B 317 14.18 32.10 -32.09
CA LEU B 317 14.15 30.69 -32.47
C LEU B 317 12.97 30.45 -33.39
N GLU B 318 13.16 29.58 -34.38
CA GLU B 318 12.17 29.42 -35.43
C GLU B 318 10.93 28.70 -34.91
N HIS B 319 11.11 27.67 -34.09
CA HIS B 319 10.01 26.83 -33.68
C HIS B 319 9.52 27.13 -32.28
N ALA B 320 10.03 28.19 -31.66
CA ALA B 320 9.50 28.64 -30.40
C ALA B 320 8.12 29.26 -30.59
N ASP B 321 7.34 29.24 -29.52
CA ASP B 321 6.02 29.87 -29.57
C ASP B 321 6.16 31.38 -29.62
N PRO B 322 5.25 32.07 -30.32
CA PRO B 322 5.33 33.54 -30.38
C PRO B 322 4.99 34.18 -29.05
N LEU B 323 5.68 35.28 -28.76
CA LEU B 323 5.53 35.96 -27.49
C LEU B 323 4.22 36.72 -27.44
N LEU B 324 3.53 36.64 -26.30
CA LEU B 324 2.26 37.33 -26.15
C LEU B 324 2.32 38.45 -25.13
N LYS B 325 2.76 38.19 -23.89
CA LYS B 325 2.86 39.24 -22.89
C LYS B 325 3.88 38.83 -21.82
N VAL B 326 4.77 39.74 -21.46
CA VAL B 326 5.76 39.55 -20.41
C VAL B 326 5.53 40.59 -19.33
N SER B 327 5.44 40.17 -18.08
CA SER B 327 5.29 41.09 -16.98
C SER B 327 6.08 40.62 -15.77
N ILE B 328 6.42 41.56 -14.89
CA ILE B 328 7.12 41.28 -13.65
C ILE B 328 6.27 41.63 -12.44
N ILE B 329 5.02 41.99 -12.63
CA ILE B 329 4.11 42.19 -11.51
C ILE B 329 3.71 40.81 -10.97
N PRO B 330 3.77 40.58 -9.66
CA PRO B 330 3.60 39.22 -9.13
C PRO B 330 2.18 38.69 -9.30
N ARG B 331 2.08 37.39 -9.58
CA ARG B 331 0.82 36.68 -9.81
C ARG B 331 0.80 35.43 -8.95
N GLY B 332 0.41 35.58 -7.68
CA GLY B 332 0.26 34.42 -6.82
C GLY B 332 1.56 33.70 -6.54
N LYS B 333 1.73 32.55 -7.19
CA LYS B 333 2.90 31.70 -7.01
C LYS B 333 4.05 32.08 -7.94
N GLY B 334 4.10 33.32 -8.40
CA GLY B 334 5.18 33.74 -9.28
C GLY B 334 5.54 35.19 -9.06
N LEU B 335 6.83 35.49 -9.22
CA LEU B 335 7.27 36.88 -9.15
C LEU B 335 6.99 37.61 -10.46
N GLY B 336 7.20 36.94 -11.58
CA GLY B 336 6.81 37.47 -12.87
C GLY B 336 6.18 36.36 -13.70
N TYR B 337 5.94 36.63 -14.98
CA TYR B 337 5.44 35.62 -15.90
C TYR B 337 5.70 36.10 -17.32
N ALA B 338 5.64 35.16 -18.25
CA ALA B 338 5.71 35.47 -19.67
C ALA B 338 4.60 34.66 -20.34
N GLN B 339 3.47 35.32 -20.61
CA GLN B 339 2.38 34.68 -21.33
C GLN B 339 2.79 34.44 -22.77
N TYR B 340 2.64 33.21 -23.23
CA TYR B 340 2.95 32.86 -24.60
C TYR B 340 1.69 32.54 -25.39
N LEU B 341 1.88 32.39 -26.69
CA LEU B 341 0.85 31.91 -27.61
C LEU B 341 1.26 30.52 -28.05
N PRO B 342 0.81 29.47 -27.35
CA PRO B 342 1.23 28.11 -27.72
C PRO B 342 0.61 27.68 -29.05
N LYS B 343 1.48 27.24 -29.96
CA LYS B 343 1.07 26.78 -31.28
C LYS B 343 0.32 25.47 -31.12
N GLU B 344 -1.00 25.51 -31.29
CA GLU B 344 -1.85 24.36 -31.04
C GLU B 344 -1.68 23.36 -32.18
N GLN B 345 -0.86 22.34 -31.94
CA GLN B 345 -0.54 21.35 -32.96
C GLN B 345 -0.50 19.97 -32.32
N TYR B 346 -0.33 18.95 -33.16
CA TYR B 346 -0.41 17.56 -32.73
C TYR B 346 0.91 16.83 -32.76
N LEU B 347 1.88 17.28 -33.55
CA LEU B 347 3.16 16.60 -33.67
C LEU B 347 4.29 17.56 -33.33
N TYR B 348 5.30 17.03 -32.66
CA TYR B 348 6.49 17.77 -32.27
C TYR B 348 7.70 17.09 -32.89
N THR B 349 8.47 17.83 -33.67
CA THR B 349 9.69 17.25 -34.20
C THR B 349 10.78 17.31 -33.14
N LYS B 350 11.99 16.87 -33.52
CA LYS B 350 13.09 16.88 -32.57
C LYS B 350 13.59 18.29 -32.31
N GLU B 351 13.55 19.16 -33.31
CA GLU B 351 14.00 20.53 -33.11
C GLU B 351 12.88 21.48 -32.71
N GLN B 352 11.62 21.08 -32.82
CA GLN B 352 10.57 21.88 -32.20
C GLN B 352 10.57 21.71 -30.69
N LEU B 353 11.07 20.57 -30.22
CA LEU B 353 11.30 20.38 -28.79
C LEU B 353 12.62 20.98 -28.34
N LEU B 354 13.56 21.18 -29.26
CA LEU B 354 14.84 21.79 -28.89
C LEU B 354 14.68 23.28 -28.67
N ASP B 355 13.85 23.94 -29.48
CA ASP B 355 13.68 25.37 -29.34
C ASP B 355 12.85 25.75 -28.12
N ARG B 356 12.04 24.83 -27.61
CA ARG B 356 11.38 25.10 -26.34
C ARG B 356 12.33 24.93 -25.16
N MET B 357 13.26 23.97 -25.24
CA MET B 357 14.30 23.86 -24.22
C MET B 357 15.25 25.03 -24.28
N CYS B 358 15.56 25.51 -25.49
CA CYS B 358 16.48 26.64 -25.58
C CYS B 358 15.84 27.94 -25.12
N MET B 359 14.51 28.02 -25.13
CA MET B 359 13.81 29.19 -24.63
C MET B 359 13.59 29.13 -23.13
N THR B 360 13.23 27.94 -22.62
CA THR B 360 13.01 27.78 -21.19
C THR B 360 14.30 27.94 -20.40
N LEU B 361 15.43 27.52 -20.98
CA LEU B 361 16.72 27.80 -20.38
C LEU B 361 17.13 29.26 -20.52
N GLY B 362 16.41 30.05 -21.31
CA GLY B 362 16.88 31.38 -21.68
C GLY B 362 16.91 32.37 -20.54
N GLY B 363 15.98 32.23 -19.59
CA GLY B 363 15.98 33.14 -18.46
C GLY B 363 17.17 32.94 -17.54
N ARG B 364 17.57 31.69 -17.34
CA ARG B 364 18.71 31.39 -16.49
C ARG B 364 20.01 31.81 -17.14
N VAL B 365 20.08 31.75 -18.47
CA VAL B 365 21.27 32.18 -19.18
C VAL B 365 21.46 33.69 -19.06
N SER B 366 20.36 34.44 -19.16
CA SER B 366 20.44 35.89 -19.10
C SER B 366 20.81 36.38 -17.70
N GLU B 367 20.46 35.63 -16.66
CA GLU B 367 20.94 35.95 -15.33
C GLU B 367 22.44 35.71 -15.22
N GLU B 368 22.99 34.81 -16.01
CA GLU B 368 24.41 34.50 -15.90
C GLU B 368 25.27 35.49 -16.66
N ILE B 369 24.77 36.00 -17.79
CA ILE B 369 25.56 36.93 -18.60
C ILE B 369 25.60 38.31 -17.97
N PHE B 370 24.46 38.78 -17.47
CA PHE B 370 24.38 40.13 -16.93
C PHE B 370 24.95 40.24 -15.53
N PHE B 371 24.88 39.18 -14.73
CA PHE B 371 25.27 39.22 -13.33
C PHE B 371 26.50 38.38 -13.03
N GLY B 372 26.51 37.13 -13.48
CA GLY B 372 27.49 36.17 -13.03
C GLY B 372 27.06 35.36 -11.84
N ARG B 373 25.84 35.59 -11.33
CA ARG B 373 25.32 34.87 -10.20
C ARG B 373 24.08 34.09 -10.62
N ILE B 374 23.84 32.97 -9.96
CA ILE B 374 22.80 32.02 -10.32
C ILE B 374 21.80 31.97 -9.17
N THR B 375 20.54 32.26 -9.47
CA THR B 375 19.52 32.36 -8.44
C THR B 375 18.73 31.06 -8.32
N THR B 376 17.96 30.95 -7.24
CA THR B 376 16.99 29.89 -7.11
C THR B 376 15.76 30.12 -7.99
N GLY B 377 15.64 31.30 -8.59
CA GLY B 377 14.75 31.45 -9.71
C GLY B 377 15.21 30.59 -10.88
N ALA B 378 14.27 30.38 -11.81
CA ALA B 378 14.34 29.33 -12.83
C ALA B 378 14.58 27.97 -12.15
N GLN B 379 13.76 27.68 -11.16
CA GLN B 379 13.63 26.31 -10.69
C GLN B 379 12.54 25.58 -11.45
N ASP B 380 11.42 26.25 -11.68
CA ASP B 380 10.37 25.68 -12.53
C ASP B 380 10.75 25.69 -14.00
N ASP B 381 11.73 26.51 -14.38
CA ASP B 381 12.27 26.41 -15.73
C ASP B 381 13.08 25.14 -15.89
N LEU B 382 13.89 24.79 -14.88
CA LEU B 382 14.75 23.62 -14.98
C LEU B 382 14.01 22.31 -14.79
N ARG B 383 12.80 22.34 -14.23
CA ARG B 383 11.96 21.15 -14.21
C ARG B 383 11.52 20.79 -15.62
N LYS B 384 11.02 21.78 -16.36
CA LYS B 384 10.54 21.54 -17.71
C LYS B 384 11.65 21.11 -18.65
N VAL B 385 12.87 21.59 -18.41
CA VAL B 385 14.02 21.13 -19.18
C VAL B 385 14.33 19.68 -18.86
N THR B 386 14.09 19.26 -17.62
CA THR B 386 14.30 17.86 -17.28
C THR B 386 13.17 16.97 -17.80
N GLN B 387 11.91 17.29 -17.46
CA GLN B 387 10.83 16.40 -17.85
C GLN B 387 10.50 16.45 -19.34
N SER B 388 11.12 17.35 -20.11
CA SER B 388 11.06 17.18 -21.55
C SER B 388 12.15 16.23 -22.02
N ALA B 389 13.38 16.45 -21.55
CA ALA B 389 14.53 15.68 -22.02
C ALA B 389 14.46 14.23 -21.57
N TYR B 390 13.88 13.95 -20.41
CA TYR B 390 13.62 12.56 -20.04
C TYR B 390 12.60 11.92 -20.95
N ALA B 391 11.50 12.62 -21.24
CA ALA B 391 10.50 12.09 -22.15
C ALA B 391 11.04 11.98 -23.57
N GLN B 392 11.94 12.89 -23.94
CA GLN B 392 12.50 12.90 -25.28
C GLN B 392 13.45 11.73 -25.49
N ILE B 393 14.27 11.42 -24.49
CA ILE B 393 15.20 10.29 -24.62
C ILE B 393 14.48 8.98 -24.40
N VAL B 394 13.71 8.86 -23.33
CA VAL B 394 13.19 7.56 -22.91
C VAL B 394 12.01 7.14 -23.76
N GLN B 395 10.92 7.91 -23.73
CA GLN B 395 9.67 7.41 -24.30
C GLN B 395 9.39 7.94 -25.70
N PHE B 396 10.39 8.47 -26.39
CA PHE B 396 10.33 8.58 -27.84
C PHE B 396 11.58 7.93 -28.39
N GLY B 397 11.83 8.06 -29.68
CA GLY B 397 13.04 7.49 -30.24
C GLY B 397 14.02 8.57 -30.67
N MET B 398 14.10 9.63 -29.88
CA MET B 398 14.84 10.81 -30.28
C MET B 398 16.34 10.67 -30.12
N ASN B 399 16.83 9.57 -29.54
CA ASN B 399 18.26 9.39 -29.36
C ASN B 399 18.72 8.14 -30.08
N GLU B 400 19.80 8.26 -30.84
CA GLU B 400 20.35 7.13 -31.58
C GLU B 400 21.06 6.15 -30.66
N LYS B 401 21.70 6.65 -29.61
CA LYS B 401 22.52 5.78 -28.76
C LYS B 401 21.65 4.95 -27.82
N VAL B 402 20.54 5.52 -27.35
CA VAL B 402 19.64 4.75 -26.50
C VAL B 402 18.79 3.82 -27.36
N GLY B 403 18.32 4.30 -28.50
CA GLY B 403 17.68 3.45 -29.48
C GLY B 403 16.22 3.81 -29.67
N GLN B 404 15.52 2.91 -30.37
CA GLN B 404 14.12 3.11 -30.72
C GLN B 404 13.20 2.42 -29.71
N ILE B 405 13.34 2.80 -28.45
CA ILE B 405 12.59 2.18 -27.37
C ILE B 405 11.61 3.18 -26.78
N SER B 406 10.60 2.63 -26.10
CA SER B 406 9.61 3.44 -25.42
C SER B 406 9.19 2.77 -24.13
N PHE B 407 9.22 3.52 -23.04
CA PHE B 407 8.96 3.02 -21.71
C PHE B 407 7.83 3.83 -21.09
N ASP B 408 6.99 3.15 -20.31
CA ASP B 408 5.93 3.84 -19.59
C ASP B 408 6.55 4.62 -18.44
N LEU B 409 6.86 5.89 -18.69
CA LEU B 409 7.56 6.69 -17.71
C LEU B 409 6.61 7.12 -16.61
N PRO B 410 6.92 6.85 -15.34
CA PRO B 410 6.02 7.25 -14.25
C PRO B 410 6.00 8.76 -14.06
N ARG B 411 4.80 9.31 -13.92
CA ARG B 411 4.63 10.75 -13.81
C ARG B 411 5.09 11.23 -12.44
N GLN B 412 5.39 12.53 -12.38
CA GLN B 412 5.85 13.14 -11.13
C GLN B 412 4.70 13.28 -10.15
N GLY B 413 4.99 13.01 -8.88
CA GLY B 413 3.98 13.04 -7.85
C GLY B 413 3.54 11.65 -7.45
N ASP B 414 3.36 10.78 -8.44
CA ASP B 414 3.10 9.38 -8.17
C ASP B 414 4.40 8.69 -7.78
N MET B 415 4.25 7.60 -7.02
CA MET B 415 5.42 6.84 -6.58
C MET B 415 6.04 6.09 -7.74
N VAL B 416 7.37 6.03 -7.75
CA VAL B 416 8.13 5.22 -8.69
C VAL B 416 8.41 3.88 -8.04
N LEU B 417 7.99 2.80 -8.71
CA LEU B 417 7.96 1.48 -8.10
C LEU B 417 9.27 0.74 -8.33
N GLU B 418 9.60 0.50 -9.60
CA GLU B 418 10.84 -0.14 -10.02
C GLU B 418 11.00 0.14 -11.50
N LYS B 419 12.22 0.45 -11.92
CA LYS B 419 12.46 0.84 -13.30
C LYS B 419 12.28 -0.37 -14.23
N PRO B 420 11.69 -0.17 -15.40
CA PRO B 420 11.53 -1.26 -16.37
C PRO B 420 12.79 -1.56 -17.18
N TYR B 421 13.92 -0.97 -16.84
CA TYR B 421 15.16 -1.16 -17.57
C TYR B 421 16.31 -1.31 -16.58
N SER B 422 17.50 -1.55 -17.10
CA SER B 422 18.64 -1.90 -16.28
C SER B 422 19.26 -0.65 -15.66
N GLU B 423 20.20 -0.88 -14.74
CA GLU B 423 20.99 0.23 -14.21
C GLU B 423 21.96 0.75 -15.27
N ALA B 424 22.46 -0.13 -16.13
CA ALA B 424 23.37 0.31 -17.18
C ALA B 424 22.65 1.12 -18.25
N THR B 425 21.36 0.87 -18.44
CA THR B 425 20.58 1.73 -19.32
C THR B 425 20.34 3.08 -18.67
N ALA B 426 20.02 3.08 -17.38
CA ALA B 426 19.80 4.33 -16.65
C ALA B 426 21.08 5.14 -16.53
N ARG B 427 22.23 4.49 -16.55
CA ARG B 427 23.47 5.24 -16.69
C ARG B 427 23.61 5.81 -18.10
N LEU B 428 23.16 5.06 -19.10
CA LEU B 428 23.22 5.53 -20.48
C LEU B 428 22.20 6.63 -20.73
N ILE B 429 21.02 6.51 -20.13
CA ILE B 429 20.00 7.54 -20.28
C ILE B 429 20.44 8.84 -19.63
N ASP B 430 20.85 8.80 -18.37
CA ASP B 430 21.18 10.00 -17.63
C ASP B 430 22.46 10.66 -18.10
N ASP B 431 23.31 9.97 -18.85
CA ASP B 431 24.46 10.62 -19.45
C ASP B 431 24.14 11.27 -20.78
N GLU B 432 23.06 10.85 -21.43
CA GLU B 432 22.65 11.46 -22.68
C GLU B 432 21.71 12.65 -22.48
N VAL B 433 20.89 12.60 -21.43
CA VAL B 433 20.08 13.74 -21.04
C VAL B 433 20.97 14.92 -20.66
N ARG B 434 22.10 14.63 -20.02
CA ARG B 434 23.06 15.66 -19.68
C ARG B 434 23.74 16.22 -20.93
N ILE B 435 23.88 15.41 -21.97
CA ILE B 435 24.38 15.93 -23.24
C ILE B 435 23.30 16.76 -23.92
N LEU B 436 22.05 16.31 -23.84
CA LEU B 436 20.95 17.01 -24.50
C LEU B 436 20.68 18.37 -23.90
N ILE B 437 20.82 18.50 -22.58
CA ILE B 437 20.56 19.78 -21.92
C ILE B 437 21.70 20.75 -22.17
N ASN B 438 22.95 20.28 -22.13
CA ASN B 438 24.06 21.16 -22.45
C ASN B 438 24.11 21.54 -23.93
N ASP B 439 23.55 20.72 -24.82
CA ASP B 439 23.42 21.16 -26.20
C ASP B 439 22.32 22.22 -26.33
N ALA B 440 21.27 22.11 -25.52
CA ALA B 440 20.29 23.19 -25.45
C ALA B 440 20.84 24.40 -24.72
N TYR B 441 21.79 24.18 -23.82
CA TYR B 441 22.32 25.28 -23.03
C TYR B 441 23.33 26.09 -23.82
N LYS B 442 24.23 25.40 -24.53
CA LYS B 442 25.26 26.10 -25.30
C LYS B 442 24.67 26.85 -26.48
N ARG B 443 23.53 26.40 -27.00
CA ARG B 443 22.87 27.10 -28.08
C ARG B 443 22.23 28.39 -27.60
N THR B 444 21.74 28.41 -26.37
CA THR B 444 21.12 29.62 -25.81
C THR B 444 22.18 30.62 -25.36
N VAL B 445 23.28 30.13 -24.76
CA VAL B 445 24.40 30.99 -24.40
C VAL B 445 24.99 31.63 -25.66
N ALA B 446 25.07 30.86 -26.75
CA ALA B 446 25.49 31.46 -28.01
C ALA B 446 24.44 32.40 -28.58
N LEU B 447 23.17 32.21 -28.23
CA LEU B 447 22.12 33.08 -28.75
C LEU B 447 22.08 34.41 -27.99
N LEU B 448 22.04 34.34 -26.66
CA LEU B 448 21.85 35.53 -25.84
C LEU B 448 23.14 36.23 -25.51
N THR B 449 24.26 35.86 -26.13
CA THR B 449 25.49 36.64 -26.03
C THR B 449 25.72 37.48 -27.28
N GLU B 450 25.42 36.91 -28.44
CA GLU B 450 25.41 37.69 -29.67
C GLU B 450 24.30 38.73 -29.64
N LYS B 451 23.17 38.39 -29.02
CA LYS B 451 22.02 39.28 -28.91
C LYS B 451 21.96 39.97 -27.56
N LYS B 452 23.12 40.33 -27.00
CA LYS B 452 23.19 40.80 -25.61
C LYS B 452 22.56 42.17 -25.45
N ALA B 453 22.77 43.06 -26.42
CA ALA B 453 22.19 44.39 -26.33
C ALA B 453 20.68 44.39 -26.51
N ASP B 454 20.13 43.36 -27.16
CA ASP B 454 18.68 43.30 -27.32
C ASP B 454 18.00 42.80 -26.06
N VAL B 455 18.70 42.02 -25.22
CA VAL B 455 18.12 41.63 -23.95
C VAL B 455 18.20 42.80 -22.98
N GLU B 456 19.19 43.67 -23.14
CA GLU B 456 19.31 44.88 -22.34
C GLU B 456 18.15 45.84 -22.60
N LYS B 457 17.68 45.91 -23.84
CA LYS B 457 16.61 46.83 -24.19
C LYS B 457 15.27 46.36 -23.66
N VAL B 458 14.99 45.06 -23.78
CA VAL B 458 13.70 44.51 -23.38
C VAL B 458 13.55 44.56 -21.86
N ALA B 459 14.66 44.42 -21.15
CA ALA B 459 14.58 44.33 -19.70
C ALA B 459 14.41 45.67 -19.03
N LEU B 460 15.14 46.69 -19.51
CA LEU B 460 15.01 48.02 -18.92
C LEU B 460 13.66 48.64 -19.21
N LEU B 461 13.01 48.22 -20.30
CA LEU B 461 11.65 48.66 -20.56
C LEU B 461 10.66 47.94 -19.64
N LEU B 462 10.98 46.72 -19.20
CA LEU B 462 10.23 46.12 -18.11
C LEU B 462 10.56 46.75 -16.77
N LEU B 463 11.71 47.40 -16.66
CA LEU B 463 12.11 47.95 -15.37
C LEU B 463 11.42 49.28 -15.11
N GLU B 464 10.72 49.85 -16.09
CA GLU B 464 9.95 51.07 -15.91
C GLU B 464 8.48 50.95 -16.26
N LYS B 465 8.09 49.98 -17.09
CA LYS B 465 6.70 49.81 -17.49
C LYS B 465 6.05 48.60 -16.84
N GLU B 466 6.84 47.54 -16.59
CA GLU B 466 6.54 46.32 -15.85
C GLU B 466 5.61 45.36 -16.58
N VAL B 467 5.07 45.76 -17.73
CA VAL B 467 4.28 44.90 -18.60
C VAL B 467 4.68 45.20 -20.03
N LEU B 468 5.09 44.18 -20.77
CA LEU B 468 5.33 44.33 -22.19
C LEU B 468 4.41 43.43 -23.00
N ASP B 469 3.88 43.98 -24.09
CA ASP B 469 3.05 43.28 -25.05
C ASP B 469 3.90 42.98 -26.27
N LYS B 470 3.34 42.18 -27.19
CA LYS B 470 4.04 41.87 -28.43
C LYS B 470 4.23 43.11 -29.30
N ASN B 471 3.28 44.06 -29.22
CA ASN B 471 3.43 45.33 -29.91
C ASN B 471 4.59 46.14 -29.37
N ASP B 472 4.88 46.03 -28.08
CA ASP B 472 6.05 46.68 -27.51
C ASP B 472 7.33 45.98 -27.92
N MET B 473 7.25 44.70 -28.31
CA MET B 473 8.43 43.98 -28.75
C MET B 473 8.75 44.29 -30.20
N VAL B 474 7.73 44.48 -31.04
CA VAL B 474 7.94 44.81 -32.44
C VAL B 474 8.48 46.23 -32.56
N GLU B 475 8.01 47.15 -31.72
CA GLU B 475 8.52 48.52 -31.74
C GLU B 475 9.94 48.62 -31.21
N LEU B 476 10.42 47.60 -30.50
CA LEU B 476 11.74 47.63 -29.89
C LEU B 476 12.76 46.77 -30.63
N LEU B 477 12.34 45.62 -31.16
CA LEU B 477 13.25 44.68 -31.81
C LEU B 477 13.07 44.61 -33.31
N GLY B 478 12.10 45.31 -33.87
CA GLY B 478 11.73 45.13 -35.26
C GLY B 478 10.81 43.95 -35.39
N PRO B 479 10.47 43.58 -36.62
CA PRO B 479 9.64 42.38 -36.82
C PRO B 479 10.43 41.12 -36.51
N ARG B 480 9.70 40.07 -36.20
CA ARG B 480 10.32 38.78 -35.94
C ARG B 480 10.84 38.20 -37.26
N PRO B 481 12.08 37.69 -37.31
CA PRO B 481 12.69 37.35 -38.61
C PRO B 481 12.17 36.08 -39.25
N PHE B 482 11.08 35.52 -38.74
CA PHE B 482 10.55 34.23 -39.14
C PHE B 482 9.12 34.38 -39.60
N ALA B 483 8.67 33.49 -40.48
CA ALA B 483 7.32 33.54 -41.01
C ALA B 483 6.36 33.05 -39.93
N GLU B 484 6.06 33.95 -38.99
CA GLU B 484 5.25 33.61 -37.83
C GLU B 484 3.77 33.58 -38.21
N LYS B 485 2.95 33.21 -37.24
CA LYS B 485 1.50 33.18 -37.39
C LYS B 485 0.89 33.72 -36.11
N SER B 486 0.29 34.90 -36.18
CA SER B 486 -0.34 35.50 -35.02
C SER B 486 -1.76 35.98 -35.29
N THR B 487 -2.04 36.50 -36.47
CA THR B 487 -3.35 37.04 -36.82
C THR B 487 -4.32 35.87 -37.02
N TYR B 488 -5.61 36.13 -36.76
CA TYR B 488 -6.64 35.11 -36.98
C TYR B 488 -6.77 34.77 -38.46
N GLU B 489 -6.65 35.78 -39.34
CA GLU B 489 -6.85 35.53 -40.76
C GLU B 489 -5.69 34.76 -41.39
N GLU B 490 -4.52 34.72 -40.75
CA GLU B 490 -3.44 33.86 -41.21
C GLU B 490 -3.40 32.53 -40.47
N PHE B 491 -4.13 32.40 -39.36
CA PHE B 491 -4.38 31.10 -38.74
C PHE B 491 -5.35 30.24 -39.53
N VAL B 492 -6.14 30.86 -40.42
CA VAL B 492 -7.28 30.19 -41.04
C VAL B 492 -7.01 29.80 -42.49
N GLU B 493 -5.93 30.28 -43.09
CA GLU B 493 -5.65 30.04 -44.51
C GLU B 493 -5.24 28.61 -44.82
N GLY B 494 -5.05 27.76 -43.80
CA GLY B 494 -4.67 26.37 -44.04
C GLY B 494 -5.76 25.53 -44.69
N THR B 495 -7.02 25.92 -44.52
CA THR B 495 -8.13 25.24 -45.18
C THR B 495 -8.68 26.00 -46.37
N GLY B 496 -8.84 27.32 -46.24
CA GLY B 496 -9.33 28.14 -47.33
C GLY B 496 -10.76 28.62 -47.18
N SER B 497 -11.44 28.25 -46.10
CA SER B 497 -12.83 28.67 -45.93
C SER B 497 -12.93 30.09 -45.40
N LEU B 498 -11.90 30.55 -44.67
CA LEU B 498 -11.66 31.94 -44.21
C LEU B 498 -12.61 32.36 -43.09
N ASP B 499 -13.61 31.54 -42.78
CA ASP B 499 -14.57 31.82 -41.72
C ASP B 499 -15.24 30.51 -41.33
N GLU B 500 -15.69 30.44 -40.09
CA GLU B 500 -16.37 29.24 -39.61
C GLU B 500 -17.80 29.23 -40.13
N ASP B 501 -18.22 28.09 -40.65
CA ASP B 501 -19.50 27.97 -41.35
C ASP B 501 -20.53 27.24 -40.50
N THR B 502 -21.77 27.73 -40.56
CA THR B 502 -22.92 27.13 -39.88
C THR B 502 -23.99 26.91 -40.94
N SER B 503 -24.12 25.68 -41.45
CA SER B 503 -25.08 25.37 -42.49
C SER B 503 -25.77 24.05 -42.16
N LEU B 504 -26.96 23.87 -42.74
CA LEU B 504 -27.72 22.65 -42.48
C LEU B 504 -27.63 21.69 -43.66
N PRO B 505 -27.74 20.39 -43.42
CA PRO B 505 -27.83 19.43 -44.52
C PRO B 505 -29.20 19.46 -45.19
N GLU B 506 -29.38 18.61 -46.19
CA GLU B 506 -30.65 18.58 -46.91
C GLU B 506 -31.72 17.77 -46.18
N GLY B 507 -31.33 16.87 -45.29
CA GLY B 507 -32.29 16.10 -44.52
C GLY B 507 -32.68 16.70 -43.20
N LEU B 508 -32.34 17.97 -42.96
CA LEU B 508 -32.56 18.64 -41.68
C LEU B 508 -33.32 19.94 -41.91
N LYS B 509 -34.44 19.86 -42.64
CA LYS B 509 -35.16 21.03 -43.12
C LYS B 509 -36.19 21.57 -42.13
N ASP B 510 -36.01 21.31 -40.83
CA ASP B 510 -36.94 21.80 -39.83
C ASP B 510 -36.26 22.60 -38.72
N TRP B 511 -35.00 23.00 -38.91
CA TRP B 511 -34.24 23.65 -37.84
C TRP B 511 -33.55 24.92 -38.34
N PHE C 21 -36.11 8.42 5.68
CA PHE C 21 -35.71 8.81 7.03
C PHE C 21 -35.12 10.22 6.97
N SER C 22 -35.08 10.90 8.12
CA SER C 22 -34.79 12.33 8.19
C SER C 22 -33.30 12.66 8.15
N VAL C 23 -32.45 11.76 7.69
CA VAL C 23 -31.04 12.12 7.40
C VAL C 23 -31.04 12.57 5.94
N GLY C 24 -31.45 13.82 5.73
CA GLY C 24 -31.34 14.45 4.44
C GLY C 24 -31.08 15.92 4.68
N GLU C 25 -30.89 16.26 5.94
CA GLU C 25 -30.66 17.65 6.31
C GLU C 25 -29.24 18.05 5.99
N THR C 26 -29.07 19.31 5.60
CA THR C 26 -27.80 19.80 5.11
C THR C 26 -26.80 20.14 6.21
N THR C 27 -27.22 20.09 7.48
CA THR C 27 -26.53 20.56 8.70
C THR C 27 -25.77 21.86 8.50
N ALA C 28 -26.37 22.79 7.76
CA ALA C 28 -25.79 24.09 7.48
C ALA C 28 -26.64 25.16 8.14
N LYS C 29 -26.00 26.02 8.92
CA LYS C 29 -26.71 27.03 9.69
C LYS C 29 -26.82 28.30 8.86
N VAL C 30 -28.04 28.78 8.66
CA VAL C 30 -28.24 30.11 8.09
C VAL C 30 -27.78 31.10 9.15
N LEU C 31 -26.64 31.74 8.90
CA LEU C 31 -25.94 32.53 9.91
C LEU C 31 -26.72 33.80 10.21
N LYS C 32 -27.37 33.81 11.38
CA LYS C 32 -28.16 34.95 11.83
C LYS C 32 -27.43 35.81 12.85
N ASP C 33 -26.34 35.31 13.43
CA ASP C 33 -25.56 36.10 14.36
C ASP C 33 -24.83 37.21 13.63
N GLU C 34 -24.91 38.42 14.17
CA GLU C 34 -24.21 39.56 13.58
C GLU C 34 -22.73 39.42 13.88
N ILE C 35 -21.98 38.91 12.91
CA ILE C 35 -20.52 38.85 13.04
C ILE C 35 -19.96 40.26 12.98
N ASP C 36 -19.16 40.61 13.98
CA ASP C 36 -18.60 41.96 14.10
C ASP C 36 -17.24 42.10 13.43
N VAL C 37 -16.99 41.34 12.37
CA VAL C 37 -15.76 41.44 11.60
C VAL C 37 -16.09 42.16 10.31
N LYS C 38 -15.65 43.41 10.19
CA LYS C 38 -15.83 44.17 8.97
C LYS C 38 -14.66 43.87 8.03
N PHE C 39 -14.60 44.57 6.91
CA PHE C 39 -13.43 44.42 6.05
C PHE C 39 -12.23 45.18 6.54
N LYS C 40 -12.39 46.05 7.55
CA LYS C 40 -11.25 46.75 8.11
C LYS C 40 -10.40 45.84 8.99
N ASP C 41 -10.93 44.69 9.38
CA ASP C 41 -10.18 43.74 10.19
C ASP C 41 -9.31 42.82 9.37
N VAL C 42 -9.55 42.70 8.07
CA VAL C 42 -8.83 41.80 7.20
C VAL C 42 -7.78 42.62 6.48
N ALA C 43 -6.55 42.56 6.95
CA ALA C 43 -5.46 43.32 6.36
C ALA C 43 -4.50 42.39 5.63
N GLY C 44 -3.51 42.99 4.97
CA GLY C 44 -2.50 42.21 4.30
C GLY C 44 -2.88 41.79 2.91
N CYS C 45 -3.91 40.93 2.80
CA CYS C 45 -4.39 40.47 1.49
C CYS C 45 -5.27 41.56 0.89
N GLU C 46 -4.60 42.53 0.25
CA GLU C 46 -5.32 43.70 -0.22
C GLU C 46 -5.98 43.44 -1.56
N GLU C 47 -5.26 42.85 -2.51
CA GLU C 47 -5.84 42.53 -3.80
C GLU C 47 -6.70 41.27 -3.78
N ALA C 48 -6.71 40.54 -2.68
CA ALA C 48 -7.61 39.41 -2.54
C ALA C 48 -8.96 39.82 -1.96
N LYS C 49 -8.96 40.79 -1.04
CA LYS C 49 -10.21 41.24 -0.46
C LYS C 49 -10.98 42.14 -1.40
N LEU C 50 -10.34 42.64 -2.46
CA LEU C 50 -11.04 43.43 -3.46
C LEU C 50 -11.97 42.56 -4.28
N GLU C 51 -11.54 41.34 -4.59
CA GLU C 51 -12.35 40.44 -5.40
C GLU C 51 -13.39 39.69 -4.58
N ILE C 52 -13.50 39.96 -3.28
CA ILE C 52 -14.57 39.42 -2.46
C ILE C 52 -15.58 40.53 -2.24
N MET C 53 -15.09 41.77 -2.18
CA MET C 53 -15.97 42.92 -2.07
C MET C 53 -16.82 43.11 -3.32
N GLU C 54 -16.34 42.68 -4.49
CA GLU C 54 -17.15 42.77 -5.70
C GLU C 54 -18.30 41.78 -5.71
N PHE C 55 -18.26 40.75 -4.89
CA PHE C 55 -19.46 39.96 -4.66
C PHE C 55 -20.47 40.74 -3.83
N VAL C 56 -19.97 41.49 -2.85
CA VAL C 56 -20.84 42.32 -2.03
C VAL C 56 -21.27 43.55 -2.81
N ASN C 57 -20.38 44.10 -3.63
CA ASN C 57 -20.70 45.28 -4.41
C ASN C 57 -21.76 44.98 -5.47
N PHE C 58 -21.79 43.75 -5.98
CA PHE C 58 -22.80 43.42 -6.97
C PHE C 58 -24.16 43.26 -6.33
N LEU C 59 -24.23 42.52 -5.21
CA LEU C 59 -25.51 42.26 -4.57
C LEU C 59 -26.10 43.49 -3.90
N LYS C 60 -25.27 44.50 -3.62
CA LYS C 60 -25.75 45.72 -2.99
C LYS C 60 -26.05 46.81 -4.00
N ASN C 61 -25.26 46.90 -5.06
CA ASN C 61 -25.44 47.89 -6.12
C ASN C 61 -25.32 47.22 -7.47
N PRO C 62 -26.39 46.58 -7.97
CA PRO C 62 -26.30 45.90 -9.27
C PRO C 62 -26.26 46.84 -10.46
N LYS C 63 -26.54 48.13 -10.27
CA LYS C 63 -26.70 49.05 -11.40
C LYS C 63 -25.36 49.36 -12.07
N GLN C 64 -24.26 49.34 -11.31
CA GLN C 64 -22.95 49.61 -11.89
C GLN C 64 -22.53 48.54 -12.88
N TYR C 65 -22.96 47.31 -12.66
CA TYR C 65 -22.53 46.16 -13.45
C TYR C 65 -23.55 45.73 -14.49
N GLN C 66 -24.85 45.81 -14.17
CA GLN C 66 -25.87 45.39 -15.11
C GLN C 66 -26.05 46.37 -16.25
N ASP C 67 -25.54 47.59 -16.12
CA ASP C 67 -25.53 48.52 -17.25
C ASP C 67 -24.44 48.19 -18.26
N LEU C 68 -23.46 47.36 -17.90
CA LEU C 68 -22.46 46.89 -18.83
C LEU C 68 -22.67 45.44 -19.23
N GLY C 69 -23.80 44.85 -18.84
CA GLY C 69 -24.10 43.48 -19.19
C GLY C 69 -23.39 42.44 -18.36
N ALA C 70 -22.79 42.84 -17.24
CA ALA C 70 -22.00 41.91 -16.44
C ALA C 70 -22.92 41.02 -15.63
N LYS C 71 -22.83 39.71 -15.86
CA LYS C 71 -23.60 38.78 -15.07
C LYS C 71 -22.97 38.64 -13.69
N ILE C 72 -23.70 38.01 -12.78
CA ILE C 72 -23.12 37.76 -11.46
C ILE C 72 -22.07 36.66 -11.58
N PRO C 73 -20.89 36.83 -10.99
CA PRO C 73 -19.92 35.74 -10.96
C PRO C 73 -20.38 34.65 -10.00
N LYS C 74 -20.14 33.40 -10.41
CA LYS C 74 -20.81 32.27 -9.77
C LYS C 74 -20.21 31.92 -8.41
N GLY C 75 -18.89 31.95 -8.30
CA GLY C 75 -18.29 31.57 -7.04
C GLY C 75 -16.83 31.96 -6.95
N ALA C 76 -16.17 31.47 -5.92
CA ALA C 76 -14.75 31.74 -5.72
C ALA C 76 -14.14 30.65 -4.84
N ILE C 77 -12.86 30.38 -5.08
CA ILE C 77 -12.07 29.49 -4.23
C ILE C 77 -11.04 30.34 -3.52
N LEU C 78 -10.87 30.11 -2.23
CA LEU C 78 -9.87 30.83 -1.45
C LEU C 78 -8.79 29.83 -1.06
N THR C 79 -7.66 29.90 -1.74
CA THR C 79 -6.55 28.99 -1.51
C THR C 79 -5.43 29.72 -0.78
N GLY C 80 -4.42 28.95 -0.39
CA GLY C 80 -3.27 29.49 0.30
C GLY C 80 -2.79 28.57 1.40
N PRO C 81 -1.65 28.91 2.01
CA PRO C 81 -1.17 28.17 3.16
C PRO C 81 -2.09 28.35 4.35
N PRO C 82 -2.05 27.46 5.33
CA PRO C 82 -2.98 27.58 6.46
C PRO C 82 -2.61 28.73 7.39
N GLY C 83 -3.63 29.44 7.85
CA GLY C 83 -3.44 30.58 8.72
C GLY C 83 -3.20 31.86 7.97
N THR C 84 -4.05 32.14 6.99
CA THR C 84 -3.84 33.30 6.14
C THR C 84 -5.09 34.17 6.04
N GLY C 85 -6.18 33.77 6.68
CA GLY C 85 -7.35 34.61 6.64
C GLY C 85 -8.15 34.40 5.38
N LYS C 86 -8.40 33.14 5.04
CA LYS C 86 -9.37 32.81 4.02
C LYS C 86 -10.69 32.38 4.61
N THR C 87 -10.74 32.11 5.91
CA THR C 87 -11.98 31.99 6.66
C THR C 87 -12.38 33.34 7.25
N LEU C 88 -11.38 34.11 7.68
CA LEU C 88 -11.63 35.48 8.17
C LEU C 88 -12.16 36.37 7.06
N LEU C 89 -11.66 36.17 5.83
CA LEU C 89 -12.18 36.91 4.70
C LEU C 89 -13.60 36.48 4.36
N ALA C 90 -13.98 35.26 4.71
CA ALA C 90 -15.38 34.88 4.64
C ALA C 90 -16.17 35.41 5.83
N LYS C 91 -15.52 35.60 6.98
CA LYS C 91 -16.20 36.20 8.12
C LYS C 91 -16.50 37.66 7.88
N ALA C 92 -15.67 38.34 7.09
CA ALA C 92 -15.92 39.74 6.79
C ALA C 92 -17.13 39.90 5.89
N THR C 93 -17.36 38.94 5.00
CA THR C 93 -18.48 39.05 4.08
C THR C 93 -19.80 38.82 4.80
N ALA C 94 -19.82 37.95 5.80
CA ALA C 94 -21.03 37.71 6.58
C ALA C 94 -21.42 38.95 7.37
N GLY C 95 -20.44 39.67 7.89
CA GLY C 95 -20.71 40.84 8.70
C GLY C 95 -20.88 42.13 7.94
N GLU C 96 -20.71 42.10 6.62
CA GLU C 96 -20.80 43.31 5.81
C GLU C 96 -21.91 43.24 4.78
N ALA C 97 -22.01 42.14 4.04
CA ALA C 97 -23.07 42.00 3.06
C ALA C 97 -24.41 41.81 3.76
N ASN C 98 -25.43 42.54 3.29
CA ASN C 98 -26.76 42.47 3.87
C ASN C 98 -27.63 41.38 3.25
N VAL C 99 -27.02 40.36 2.66
CA VAL C 99 -27.73 39.22 2.11
C VAL C 99 -27.70 38.12 3.16
N PRO C 100 -28.56 37.12 3.11
CA PRO C 100 -28.40 35.96 3.99
C PRO C 100 -27.12 35.23 3.66
N PHE C 101 -26.51 34.66 4.70
CA PHE C 101 -25.24 33.98 4.56
C PHE C 101 -25.35 32.66 5.29
N ILE C 102 -24.96 31.57 4.65
CA ILE C 102 -24.96 30.28 5.33
C ILE C 102 -23.55 29.71 5.26
N THR C 103 -23.25 28.82 6.20
CA THR C 103 -21.94 28.19 6.29
C THR C 103 -22.11 26.67 6.35
N VAL C 104 -21.13 25.97 5.79
CA VAL C 104 -21.12 24.52 5.81
C VAL C 104 -19.68 24.08 5.64
N SER C 105 -19.34 22.93 6.19
CA SER C 105 -18.00 22.40 6.07
C SER C 105 -17.98 21.31 5.01
N GLY C 106 -16.83 21.16 4.36
CA GLY C 106 -16.72 20.24 3.24
C GLY C 106 -16.78 18.79 3.63
N SER C 107 -16.53 18.47 4.89
CA SER C 107 -16.60 17.11 5.38
C SER C 107 -17.89 16.82 6.13
N GLU C 108 -18.92 17.61 5.91
CA GLU C 108 -20.21 17.34 6.54
C GLU C 108 -21.15 16.55 5.65
N PHE C 109 -20.78 16.32 4.39
CA PHE C 109 -21.71 15.70 3.47
C PHE C 109 -21.75 14.19 3.65
N LEU C 110 -20.59 13.56 3.78
CA LEU C 110 -20.51 12.11 3.86
C LEU C 110 -20.92 11.63 5.24
N GLU C 111 -21.77 10.60 5.28
CA GLU C 111 -22.10 9.92 6.52
C GLU C 111 -22.14 8.44 6.18
N MET C 112 -22.71 7.62 7.06
CA MET C 112 -22.55 6.17 7.00
C MET C 112 -23.57 5.49 6.09
N PHE C 113 -24.09 6.19 5.08
CA PHE C 113 -25.03 5.55 4.18
C PHE C 113 -24.67 5.87 2.73
N VAL C 114 -25.53 5.47 1.80
CA VAL C 114 -25.25 5.58 0.38
C VAL C 114 -25.89 6.83 -0.22
N GLY C 115 -27.16 7.08 0.07
CA GLY C 115 -27.80 8.28 -0.43
C GLY C 115 -27.26 9.56 0.17
N VAL C 116 -26.86 9.52 1.44
CA VAL C 116 -26.33 10.69 2.13
C VAL C 116 -24.99 11.05 1.51
N GLY C 117 -24.69 12.34 1.46
CA GLY C 117 -23.75 12.84 0.50
C GLY C 117 -24.49 13.59 -0.58
N PRO C 118 -24.81 12.89 -1.68
CA PRO C 118 -25.59 13.52 -2.76
C PRO C 118 -26.96 14.03 -2.34
N ALA C 119 -27.62 13.36 -1.39
CA ALA C 119 -28.89 13.86 -0.88
C ALA C 119 -28.72 14.94 0.16
N ARG C 120 -27.50 15.36 0.44
CA ARG C 120 -27.23 16.46 1.35
C ARG C 120 -26.74 17.71 0.64
N VAL C 121 -26.10 17.56 -0.51
CA VAL C 121 -25.79 18.73 -1.33
C VAL C 121 -27.06 19.27 -1.99
N ARG C 122 -28.00 18.39 -2.32
CA ARG C 122 -29.26 18.83 -2.94
C ARG C 122 -30.10 19.68 -2.01
N ASP C 123 -29.98 19.48 -0.71
CA ASP C 123 -30.68 20.30 0.26
C ASP C 123 -29.80 21.38 0.85
N LEU C 124 -28.52 21.42 0.47
CA LEU C 124 -27.71 22.60 0.75
C LEU C 124 -28.13 23.75 -0.14
N PHE C 125 -28.47 23.48 -1.40
CA PHE C 125 -28.79 24.55 -2.32
C PHE C 125 -30.28 24.83 -2.40
N ALA C 126 -31.12 23.84 -2.10
CA ALA C 126 -32.55 24.11 -1.96
C ALA C 126 -32.82 25.02 -0.77
N LEU C 127 -31.99 24.93 0.27
CA LEU C 127 -32.00 25.96 1.30
C LEU C 127 -31.45 27.27 0.76
N ALA C 128 -30.41 27.20 -0.07
CA ALA C 128 -29.80 28.40 -0.62
C ALA C 128 -30.58 29.00 -1.79
N ARG C 129 -31.71 28.41 -2.18
CA ARG C 129 -32.62 29.04 -3.11
C ARG C 129 -33.82 29.66 -2.42
N LYS C 130 -34.15 29.21 -1.21
CA LYS C 130 -35.15 29.90 -0.42
C LYS C 130 -34.64 31.27 0.01
N ASN C 131 -33.35 31.37 0.29
CA ASN C 131 -32.69 32.66 0.46
C ASN C 131 -32.12 33.03 -0.90
N ALA C 132 -32.84 33.90 -1.63
CA ALA C 132 -32.56 34.05 -3.07
C ALA C 132 -31.25 34.79 -3.37
N PRO C 133 -30.92 35.96 -2.77
CA PRO C 133 -29.63 36.56 -3.14
C PRO C 133 -28.45 36.07 -2.30
N CYS C 134 -28.56 34.92 -1.65
CA CYS C 134 -27.66 34.54 -0.56
C CYS C 134 -26.24 34.23 -1.06
N ILE C 135 -25.34 34.11 -0.10
CA ILE C 135 -23.96 33.69 -0.30
C ILE C 135 -23.72 32.50 0.62
N LEU C 136 -23.17 31.42 0.08
CA LEU C 136 -22.87 30.26 0.90
C LEU C 136 -21.38 29.99 0.89
N PHE C 137 -20.87 29.49 2.02
CA PHE C 137 -19.45 29.27 2.20
C PHE C 137 -19.20 27.81 2.55
N ILE C 138 -18.42 27.13 1.71
CA ILE C 138 -18.03 25.75 1.93
C ILE C 138 -16.59 25.76 2.41
N ASP C 139 -16.37 25.41 3.67
CA ASP C 139 -15.03 25.43 4.22
C ASP C 139 -14.43 24.04 4.13
N GLN C 140 -13.13 23.99 3.78
CA GLN C 140 -12.38 22.77 3.53
C GLN C 140 -13.06 21.92 2.47
N ILE C 141 -13.11 22.47 1.25
CA ILE C 141 -13.84 21.84 0.15
C ILE C 141 -13.10 20.61 -0.37
N ASP C 142 -11.83 20.44 -0.03
CA ASP C 142 -11.03 19.28 -0.44
C ASP C 142 -11.43 17.97 0.25
N ALA C 143 -12.49 17.96 1.06
CA ALA C 143 -13.01 16.72 1.62
C ALA C 143 -13.96 16.02 0.66
N VAL C 144 -14.70 16.78 -0.16
CA VAL C 144 -15.56 16.23 -1.19
C VAL C 144 -15.17 16.71 -2.57
N GLY C 145 -14.08 17.46 -2.68
CA GLY C 145 -13.61 17.95 -3.96
C GLY C 145 -12.53 17.12 -4.59
N ARG C 146 -12.27 15.91 -4.09
CA ARG C 146 -11.16 15.09 -4.56
C ARG C 146 -11.40 14.60 -5.98
N LYS C 147 -10.32 14.55 -6.76
CA LYS C 147 -10.40 14.18 -8.16
C LYS C 147 -10.85 12.73 -8.33
N ARG C 148 -11.75 12.52 -9.29
CA ARG C 148 -12.37 11.22 -9.47
C ARG C 148 -11.40 10.22 -10.11
N GLY C 149 -11.27 9.05 -9.48
CA GLY C 149 -10.43 8.00 -10.01
C GLY C 149 -11.24 6.95 -10.77
N ARG C 150 -10.53 5.92 -11.22
CA ARG C 150 -11.13 4.86 -12.01
C ARG C 150 -11.83 3.86 -11.09
N GLY C 151 -12.20 2.69 -11.64
CA GLY C 151 -12.81 1.63 -10.85
C GLY C 151 -11.86 1.09 -9.81
N ASN C 152 -12.12 1.44 -8.56
CA ASN C 152 -11.11 1.37 -7.50
C ASN C 152 -11.82 1.08 -6.18
N PHE C 153 -11.14 1.43 -5.08
CA PHE C 153 -11.60 1.24 -3.70
C PHE C 153 -13.04 1.68 -3.47
N GLY C 154 -13.75 0.93 -2.63
CA GLY C 154 -15.19 1.09 -2.52
C GLY C 154 -15.63 2.34 -1.78
N GLY C 155 -14.78 2.86 -0.89
CA GLY C 155 -15.09 4.12 -0.25
C GLY C 155 -14.91 5.33 -1.14
N GLN C 156 -14.20 5.18 -2.26
CA GLN C 156 -13.98 6.28 -3.19
C GLN C 156 -15.23 6.60 -4.01
N SER C 157 -16.13 5.64 -4.15
CA SER C 157 -17.30 5.84 -5.01
C SER C 157 -18.29 6.82 -4.40
N GLU C 158 -18.42 6.81 -3.07
CA GLU C 158 -19.37 7.72 -2.43
C GLU C 158 -18.88 9.15 -2.44
N GLN C 159 -17.57 9.35 -2.51
CA GLN C 159 -17.06 10.71 -2.67
C GLN C 159 -17.33 11.23 -4.07
N GLU C 160 -17.30 10.35 -5.07
CA GLU C 160 -17.54 10.78 -6.44
C GLU C 160 -19.01 11.06 -6.71
N ASN C 161 -19.92 10.35 -6.03
CA ASN C 161 -21.33 10.67 -6.18
C ASN C 161 -21.67 12.00 -5.52
N THR C 162 -21.01 12.33 -4.41
CA THR C 162 -21.25 13.61 -3.77
C THR C 162 -20.64 14.76 -4.57
N LEU C 163 -19.49 14.51 -5.21
CA LEU C 163 -18.91 15.51 -6.08
C LEU C 163 -19.74 15.72 -7.34
N ASN C 164 -20.20 14.63 -7.97
CA ASN C 164 -21.00 14.74 -9.20
C ASN C 164 -22.35 15.39 -8.93
N GLN C 165 -22.87 15.28 -7.71
CA GLN C 165 -24.05 16.04 -7.37
C GLN C 165 -23.73 17.51 -7.22
N LEU C 166 -22.56 17.82 -6.65
CA LEU C 166 -22.14 19.20 -6.47
C LEU C 166 -21.86 19.88 -7.79
N LEU C 167 -21.41 19.12 -8.78
CA LEU C 167 -21.08 19.71 -10.08
C LEU C 167 -22.34 20.05 -10.87
N VAL C 168 -23.38 19.23 -10.75
CA VAL C 168 -24.62 19.50 -11.45
C VAL C 168 -25.34 20.68 -10.85
N GLU C 169 -25.34 20.77 -9.52
CA GLU C 169 -26.07 21.82 -8.82
C GLU C 169 -25.42 23.19 -8.96
N MET C 170 -24.13 23.25 -9.27
CA MET C 170 -23.49 24.54 -9.46
C MET C 170 -23.59 25.06 -10.87
N ASP C 171 -23.72 24.17 -11.86
CA ASP C 171 -23.79 24.58 -13.26
C ASP C 171 -24.47 23.45 -14.02
N GLY C 172 -25.72 23.66 -14.40
CA GLY C 172 -26.48 22.67 -15.13
C GLY C 172 -27.93 23.09 -15.25
N PHE C 173 -28.84 22.12 -15.18
CA PHE C 173 -30.25 22.45 -15.15
C PHE C 173 -30.68 22.81 -13.73
N ASN C 174 -31.67 23.69 -13.65
CA ASN C 174 -32.19 24.27 -12.40
C ASN C 174 -31.11 24.97 -11.59
N THR C 175 -30.14 25.57 -12.28
CA THR C 175 -29.10 26.37 -11.63
C THR C 175 -29.60 27.81 -11.60
N THR C 176 -30.01 28.26 -10.41
CA THR C 176 -30.48 29.61 -10.25
C THR C 176 -29.31 30.60 -10.27
N THR C 177 -29.66 31.88 -10.36
CA THR C 177 -28.69 32.95 -10.23
C THR C 177 -28.71 33.46 -8.80
N ASN C 178 -27.87 34.47 -8.55
CA ASN C 178 -27.79 35.22 -7.28
C ASN C 178 -27.37 34.32 -6.11
N VAL C 179 -26.60 33.27 -6.38
CA VAL C 179 -26.05 32.42 -5.32
C VAL C 179 -24.53 32.41 -5.50
N VAL C 180 -23.83 33.13 -4.64
CA VAL C 180 -22.39 33.21 -4.70
C VAL C 180 -21.83 32.13 -3.79
N ILE C 181 -21.03 31.24 -4.34
CA ILE C 181 -20.55 30.07 -3.63
C ILE C 181 -19.09 30.29 -3.32
N LEU C 182 -18.81 30.81 -2.13
CA LEU C 182 -17.45 30.96 -1.66
C LEU C 182 -16.94 29.63 -1.13
N ALA C 183 -15.64 29.39 -1.30
CA ALA C 183 -15.06 28.12 -0.91
C ALA C 183 -13.62 28.34 -0.49
N GLY C 184 -13.16 27.49 0.41
CA GLY C 184 -11.82 27.63 0.92
C GLY C 184 -11.14 26.30 1.09
N THR C 185 -9.90 26.23 0.65
CA THR C 185 -9.09 25.02 0.83
C THR C 185 -7.64 25.42 0.87
N ASN C 186 -6.79 24.49 1.29
CA ASN C 186 -5.36 24.67 1.25
C ASN C 186 -4.64 23.58 0.48
N ARG C 187 -5.38 22.67 -0.15
CA ARG C 187 -4.85 21.75 -1.15
C ARG C 187 -5.70 21.86 -2.40
N PRO C 188 -5.47 22.88 -3.23
CA PRO C 188 -6.26 22.99 -4.47
C PRO C 188 -5.80 22.05 -5.55
N ASP C 189 -4.61 21.46 -5.42
CA ASP C 189 -4.05 20.64 -6.47
C ASP C 189 -4.70 19.26 -6.54
N ILE C 190 -5.30 18.78 -5.45
CA ILE C 190 -6.01 17.52 -5.48
C ILE C 190 -7.44 17.67 -5.95
N LEU C 191 -7.87 18.89 -6.24
CA LEU C 191 -9.25 19.12 -6.62
C LEU C 191 -9.51 18.67 -8.05
N ASP C 192 -10.77 18.31 -8.30
CA ASP C 192 -11.20 17.92 -9.62
C ASP C 192 -11.14 19.12 -10.56
N PRO C 193 -10.63 18.97 -11.78
CA PRO C 193 -10.78 20.04 -12.78
C PRO C 193 -12.20 20.35 -13.18
N ALA C 194 -13.18 19.50 -12.84
CA ALA C 194 -14.56 19.85 -13.08
C ALA C 194 -15.07 20.86 -12.08
N LEU C 195 -14.47 20.95 -10.89
CA LEU C 195 -14.76 22.06 -9.99
C LEU C 195 -13.99 23.32 -10.35
N LEU C 196 -12.80 23.17 -10.89
CA LEU C 196 -11.94 24.31 -11.14
C LEU C 196 -12.32 25.08 -12.39
N ARG C 197 -13.28 24.60 -13.17
CA ARG C 197 -13.67 25.28 -14.39
C ARG C 197 -14.49 26.52 -14.08
N PRO C 198 -14.45 27.52 -14.94
CA PRO C 198 -15.35 28.65 -14.77
C PRO C 198 -16.78 28.26 -15.08
N GLY C 199 -17.71 28.93 -14.41
CA GLY C 199 -19.08 28.51 -14.36
C GLY C 199 -19.42 27.78 -13.08
N ARG C 200 -18.45 27.10 -12.49
CA ARG C 200 -18.55 26.60 -11.12
C ARG C 200 -17.87 27.57 -10.15
N PHE C 201 -16.60 27.84 -10.39
CA PHE C 201 -15.76 28.67 -9.54
C PHE C 201 -15.02 29.61 -10.48
N ASP C 202 -15.64 30.77 -10.73
CA ASP C 202 -15.16 31.69 -11.75
C ASP C 202 -13.81 32.27 -11.40
N ARG C 203 -13.51 32.39 -10.12
CA ARG C 203 -12.26 32.97 -9.66
C ARG C 203 -11.58 32.00 -8.71
N GLN C 204 -10.26 31.91 -8.81
CA GLN C 204 -9.45 31.16 -7.87
C GLN C 204 -8.49 32.16 -7.24
N ILE C 205 -8.77 32.52 -6.00
CA ILE C 205 -8.03 33.56 -5.30
C ILE C 205 -7.00 32.89 -4.40
N PHE C 206 -5.74 33.23 -4.60
CA PHE C 206 -4.65 32.70 -3.79
C PHE C 206 -4.30 33.72 -2.74
N ILE C 207 -4.60 33.42 -1.49
CA ILE C 207 -4.27 34.28 -0.36
C ILE C 207 -2.96 33.74 0.21
N GLY C 208 -1.85 34.32 -0.24
CA GLY C 208 -0.55 33.89 0.22
C GLY C 208 -0.15 34.60 1.48
N PRO C 209 0.91 34.15 2.13
CA PRO C 209 1.42 34.83 3.32
C PRO C 209 1.92 36.21 2.97
N PRO C 210 1.53 37.22 3.74
CA PRO C 210 1.77 38.61 3.32
C PRO C 210 3.22 38.99 3.48
N ASP C 211 3.56 40.12 2.89
CA ASP C 211 4.88 40.69 2.97
C ASP C 211 4.97 41.60 4.19
N ILE C 212 6.02 42.43 4.25
CA ILE C 212 6.23 43.23 5.45
C ILE C 212 5.22 44.37 5.54
N LYS C 213 4.78 44.90 4.40
CA LYS C 213 3.74 45.91 4.41
C LYS C 213 2.39 45.29 4.75
N GLY C 214 2.23 43.99 4.52
CA GLY C 214 1.01 43.30 4.88
C GLY C 214 0.99 42.93 6.34
N ARG C 215 2.13 42.51 6.88
CA ARG C 215 2.18 42.18 8.30
C ARG C 215 2.07 43.41 9.16
N ALA C 216 2.59 44.55 8.70
CA ALA C 216 2.50 45.78 9.46
C ALA C 216 1.07 46.26 9.60
N SER C 217 0.21 45.92 8.64
CA SER C 217 -1.21 46.22 8.76
C SER C 217 -1.98 45.16 9.51
N ILE C 218 -1.45 43.94 9.59
CA ILE C 218 -2.10 42.94 10.44
C ILE C 218 -1.81 43.23 11.91
N PHE C 219 -0.65 43.82 12.22
CA PHE C 219 -0.41 44.28 13.58
C PHE C 219 -1.32 45.43 13.96
N LYS C 220 -1.63 46.32 13.02
CA LYS C 220 -2.53 47.43 13.30
C LYS C 220 -3.94 46.99 13.63
N VAL C 221 -4.36 45.81 13.16
CA VAL C 221 -5.66 45.29 13.52
C VAL C 221 -5.64 44.71 14.93
N HIS C 222 -4.55 44.05 15.31
CA HIS C 222 -4.52 43.30 16.56
C HIS C 222 -3.79 44.00 17.70
N LEU C 223 -3.02 45.06 17.42
CA LEU C 223 -2.56 45.92 18.51
C LEU C 223 -3.66 46.80 19.06
N ARG C 224 -4.75 46.94 18.33
CA ARG C 224 -5.88 47.80 18.62
C ARG C 224 -6.65 47.45 19.90
N PRO C 225 -6.90 46.19 20.27
CA PRO C 225 -7.52 45.97 21.60
C PRO C 225 -6.55 45.78 22.76
N LEU C 226 -5.26 46.04 22.60
CA LEU C 226 -4.33 45.89 23.71
C LEU C 226 -4.31 47.16 24.55
N LYS C 227 -3.34 47.24 25.46
CA LYS C 227 -3.15 48.43 26.30
C LYS C 227 -1.65 48.67 26.39
N LEU C 228 -1.15 49.60 25.59
CA LEU C 228 0.27 49.89 25.57
C LEU C 228 0.57 50.99 26.59
N ASP C 229 1.81 51.48 26.59
CA ASP C 229 2.28 52.42 27.60
C ASP C 229 1.70 53.82 27.36
N SER C 230 2.19 54.78 28.13
CA SER C 230 1.99 56.18 27.77
C SER C 230 2.78 56.54 26.52
N THR C 231 3.92 55.89 26.32
CA THR C 231 4.62 55.87 25.04
C THR C 231 4.05 54.71 24.21
N LEU C 232 4.75 54.32 23.14
CA LEU C 232 4.39 53.19 22.27
C LEU C 232 3.02 53.39 21.61
N GLU C 233 3.00 54.37 20.71
CA GLU C 233 1.88 54.54 19.79
C GLU C 233 1.67 53.27 18.98
N LYS C 234 0.40 52.89 18.78
CA LYS C 234 0.05 51.65 18.10
C LYS C 234 0.37 51.66 16.61
N ASP C 235 0.70 52.81 16.04
CA ASP C 235 1.06 52.87 14.63
C ASP C 235 2.53 52.59 14.40
N LYS C 236 3.40 53.27 15.15
CA LYS C 236 4.84 53.07 14.99
C LYS C 236 5.30 51.72 15.52
N LEU C 237 4.55 51.12 16.43
CA LEU C 237 4.95 49.82 16.95
C LEU C 237 4.70 48.72 15.94
N ALA C 238 3.62 48.84 15.17
CA ALA C 238 3.28 47.87 14.13
C ALA C 238 4.33 47.80 13.04
N ARG C 239 5.00 48.92 12.76
CA ARG C 239 6.12 48.90 11.84
C ARG C 239 7.32 48.19 12.45
N LYS C 240 7.56 48.41 13.74
CA LYS C 240 8.65 47.72 14.42
C LYS C 240 8.40 46.24 14.53
N LEU C 241 7.16 45.84 14.80
CA LEU C 241 6.88 44.44 15.03
C LEU C 241 6.84 43.62 13.75
N ALA C 242 6.52 44.22 12.61
CA ALA C 242 6.61 43.48 11.37
C ALA C 242 8.05 43.31 10.92
N SER C 243 8.95 44.16 11.40
CA SER C 243 10.37 43.98 11.11
C SER C 243 10.92 42.76 11.81
N LEU C 244 10.55 42.57 13.07
CA LEU C 244 11.07 41.48 13.88
C LEU C 244 10.41 40.15 13.56
N THR C 245 9.45 40.12 12.65
CA THR C 245 8.72 38.88 12.32
C THR C 245 8.75 38.59 10.83
N PRO C 246 9.88 38.16 10.27
CA PRO C 246 9.89 37.81 8.86
C PRO C 246 9.26 36.46 8.62
N GLY C 247 8.55 36.33 7.50
CA GLY C 247 8.00 35.07 7.10
C GLY C 247 6.80 34.60 7.87
N PHE C 248 6.26 35.40 8.79
CA PHE C 248 5.07 34.99 9.50
C PHE C 248 3.84 35.11 8.60
N SER C 249 2.70 34.76 9.14
CA SER C 249 1.47 34.72 8.38
C SER C 249 0.43 35.57 9.09
N GLY C 250 -0.82 35.45 8.63
CA GLY C 250 -1.88 36.26 9.19
C GLY C 250 -2.27 35.85 10.60
N ALA C 251 -1.93 34.63 11.01
CA ALA C 251 -2.24 34.15 12.34
C ALA C 251 -1.04 34.09 13.27
N ASP C 252 0.17 34.08 12.73
CA ASP C 252 1.36 34.15 13.58
C ASP C 252 1.49 35.53 14.20
N VAL C 253 1.02 36.56 13.49
CA VAL C 253 0.96 37.90 14.06
C VAL C 253 -0.08 37.96 15.16
N ALA C 254 -1.14 37.16 15.06
CA ALA C 254 -2.20 37.17 16.07
C ALA C 254 -1.73 36.61 17.41
N ASN C 255 -0.78 35.68 17.43
CA ASN C 255 -0.26 35.24 18.73
C ASN C 255 0.73 36.22 19.34
N VAL C 256 1.56 36.86 18.50
CA VAL C 256 2.55 37.80 19.01
C VAL C 256 1.88 39.01 19.65
N CYS C 257 0.74 39.42 19.13
CA CYS C 257 -0.06 40.43 19.82
C CYS C 257 -0.69 39.85 21.08
N ASN C 258 -1.15 38.60 21.02
CA ASN C 258 -1.87 38.03 22.15
C ASN C 258 -0.91 37.63 23.26
N GLU C 259 0.09 36.82 22.94
CA GLU C 259 0.94 36.28 23.98
C GLU C 259 1.92 37.29 24.56
N ALA C 260 2.00 38.49 24.00
CA ALA C 260 2.72 39.55 24.70
C ALA C 260 1.88 40.15 25.80
N ALA C 261 0.56 40.02 25.73
CA ALA C 261 -0.28 40.46 26.83
C ALA C 261 -0.28 39.44 27.95
N LEU C 262 -0.17 38.16 27.61
CA LEU C 262 -0.11 37.11 28.63
C LEU C 262 1.24 37.06 29.32
N ILE C 263 2.27 37.65 28.72
CA ILE C 263 3.54 37.82 29.42
C ILE C 263 3.51 39.11 30.25
N ALA C 264 2.84 40.14 29.72
CA ALA C 264 2.69 41.40 30.45
C ALA C 264 1.86 41.24 31.70
N ALA C 265 0.91 40.33 31.69
CA ALA C 265 0.06 40.14 32.85
C ALA C 265 0.52 38.97 33.73
N ARG C 266 1.47 38.18 33.26
CA ARG C 266 2.08 37.19 34.14
C ARG C 266 2.97 37.87 35.17
N HIS C 267 3.69 38.92 34.76
CA HIS C 267 4.49 39.68 35.69
C HIS C 267 3.69 40.75 36.42
N LEU C 268 2.38 40.83 36.18
CA LEU C 268 1.45 41.77 36.80
C LEU C 268 1.91 43.21 36.56
N SER C 269 1.88 43.58 35.29
CA SER C 269 2.26 44.90 34.85
C SER C 269 1.05 45.67 34.36
N ASP C 270 1.18 46.99 34.31
CA ASP C 270 0.05 47.84 33.99
C ASP C 270 -0.16 47.99 32.50
N SER C 271 0.90 48.00 31.71
CA SER C 271 0.78 48.19 30.27
C SER C 271 1.88 47.43 29.57
N ILE C 272 1.60 47.02 28.33
CA ILE C 272 2.47 46.11 27.60
C ILE C 272 3.66 46.89 27.05
N ASN C 273 4.87 46.56 27.52
CA ASN C 273 6.08 47.22 27.07
C ASN C 273 6.49 46.67 25.70
N GLN C 274 7.57 47.23 25.15
CA GLN C 274 8.13 46.64 23.94
C GLN C 274 8.87 45.35 24.27
N LYS C 275 9.44 45.25 25.48
CA LYS C 275 10.15 44.05 25.90
C LYS C 275 9.25 42.84 26.08
N HIS C 276 7.93 43.02 26.08
CA HIS C 276 7.01 41.91 26.20
C HIS C 276 6.61 41.33 24.86
N PHE C 277 6.73 42.11 23.79
CA PHE C 277 6.47 41.57 22.45
C PHE C 277 7.61 40.70 21.98
N GLU C 278 8.84 41.11 22.28
CA GLU C 278 10.01 40.35 21.88
C GLU C 278 10.08 39.01 22.60
N GLN C 279 9.56 38.95 23.83
CA GLN C 279 9.44 37.68 24.51
C GLN C 279 8.27 36.87 24.01
N ALA C 280 7.37 37.46 23.23
CA ALA C 280 6.34 36.69 22.57
C ALA C 280 6.77 36.19 21.21
N ILE C 281 7.73 36.85 20.58
CA ILE C 281 8.30 36.36 19.33
C ILE C 281 9.18 35.15 19.59
N GLU C 282 10.13 35.29 20.53
CA GLU C 282 11.12 34.27 20.79
C GLU C 282 10.52 33.02 21.42
N ARG C 283 9.35 33.12 22.04
CA ARG C 283 8.66 31.92 22.50
C ARG C 283 8.11 31.12 21.33
N VAL C 284 7.63 31.79 20.28
CA VAL C 284 7.04 31.07 19.16
C VAL C 284 8.11 30.52 18.23
N ILE C 285 9.15 31.31 17.97
CA ILE C 285 10.24 30.84 17.12
C ILE C 285 11.09 29.82 17.86
N GLY C 286 11.50 30.14 19.09
CA GLY C 286 12.26 29.19 19.86
C GLY C 286 11.34 28.26 20.62
N GLY C 287 11.39 28.31 21.93
CA GLY C 287 10.51 27.48 22.74
C GLY C 287 10.53 27.88 24.19
N LEU C 288 10.36 26.91 25.08
CA LEU C 288 10.30 27.17 26.51
C LEU C 288 11.68 27.50 27.04
N GLU C 289 11.88 28.73 27.51
CA GLU C 289 13.14 29.09 28.13
C GLU C 289 13.20 28.47 29.51
N LYS C 290 14.12 27.55 29.72
CA LYS C 290 14.19 26.84 30.98
C LYS C 290 14.95 27.67 32.02
N LYS C 291 14.38 27.77 33.22
CA LYS C 291 14.96 28.60 34.27
C LYS C 291 16.20 27.95 34.86
N THR C 292 16.05 26.73 35.38
CA THR C 292 17.15 26.03 36.02
C THR C 292 18.10 25.51 34.95
N GLN C 293 19.21 26.19 34.75
CA GLN C 293 20.27 25.63 33.92
C GLN C 293 20.94 24.49 34.67
N VAL C 294 21.23 23.41 33.95
CA VAL C 294 21.65 22.16 34.56
C VAL C 294 23.09 21.81 34.16
N LEU C 295 23.61 22.43 33.11
CA LEU C 295 24.91 22.07 32.54
C LEU C 295 26.05 22.30 33.51
N GLN C 296 27.03 21.41 33.46
CA GLN C 296 28.27 21.57 34.19
C GLN C 296 29.06 22.74 33.59
N PRO C 297 29.96 23.34 34.36
CA PRO C 297 30.81 24.42 33.80
C PRO C 297 31.79 23.96 32.74
N GLU C 298 31.97 22.66 32.52
CA GLU C 298 32.76 22.20 31.39
C GLU C 298 31.90 21.85 30.19
N GLU C 299 30.57 21.87 30.32
CA GLU C 299 29.68 21.69 29.19
C GLU C 299 28.74 22.85 28.98
N LYS C 300 28.73 23.83 29.88
CA LYS C 300 28.20 25.13 29.52
C LYS C 300 29.24 25.93 28.75
N LYS C 301 30.52 25.69 29.05
CA LYS C 301 31.61 26.34 28.34
C LYS C 301 31.66 25.88 26.88
N THR C 302 31.26 24.64 26.61
CA THR C 302 31.26 24.14 25.24
C THR C 302 30.13 24.75 24.43
N VAL C 303 28.94 24.86 25.04
CA VAL C 303 27.81 25.51 24.39
C VAL C 303 28.08 26.99 24.17
N ALA C 304 28.82 27.63 25.09
CA ALA C 304 29.15 29.05 24.95
C ALA C 304 30.08 29.30 23.77
N TYR C 305 31.13 28.48 23.64
CA TYR C 305 32.01 28.57 22.48
C TYR C 305 31.30 28.13 21.20
N HIS C 306 30.27 27.29 21.30
CA HIS C 306 29.54 26.88 20.11
C HIS C 306 28.64 28.00 19.61
N GLN C 307 27.90 28.63 20.52
CA GLN C 307 26.99 29.71 20.14
C GLN C 307 27.73 30.98 19.72
N ALA C 308 28.96 31.16 20.18
CA ALA C 308 29.77 32.25 19.66
C ALA C 308 30.24 31.99 18.24
N GLY C 309 30.33 30.72 17.83
CA GLY C 309 30.64 30.41 16.45
C GLY C 309 29.50 30.73 15.51
N HIS C 310 28.25 30.56 15.97
CA HIS C 310 27.12 31.05 15.19
C HIS C 310 27.07 32.56 15.19
N ALA C 311 27.52 33.20 16.28
CA ALA C 311 27.43 34.64 16.39
C ALA C 311 28.43 35.33 15.48
N VAL C 312 29.69 34.93 15.55
CA VAL C 312 30.76 35.66 14.88
C VAL C 312 30.73 35.39 13.38
N ALA C 313 30.45 34.15 12.98
CA ALA C 313 30.37 33.82 11.55
C ALA C 313 29.18 34.52 10.90
N GLY C 314 28.05 34.60 11.60
CA GLY C 314 26.94 35.41 11.11
C GLY C 314 27.20 36.90 11.14
N TRP C 315 28.19 37.35 11.90
CA TRP C 315 28.49 38.77 12.01
C TRP C 315 29.47 39.25 10.95
N TYR C 316 30.30 38.37 10.42
CA TYR C 316 31.36 38.74 9.50
C TYR C 316 31.15 38.23 8.09
N LEU C 317 30.01 37.64 7.79
CA LEU C 317 29.68 37.17 6.46
C LEU C 317 28.56 38.03 5.88
N GLU C 318 28.81 38.58 4.69
CA GLU C 318 27.76 39.20 3.91
C GLU C 318 26.73 38.14 3.53
N HIS C 319 25.47 38.58 3.40
CA HIS C 319 24.27 37.80 3.07
C HIS C 319 23.84 36.88 4.21
N ALA C 320 24.58 36.84 5.31
CA ALA C 320 24.10 36.17 6.50
C ALA C 320 23.08 37.06 7.18
N ASP C 321 22.18 36.42 7.91
CA ASP C 321 21.07 37.14 8.52
C ASP C 321 21.56 38.00 9.68
N PRO C 322 20.90 39.12 9.94
CA PRO C 322 21.21 39.92 11.13
C PRO C 322 20.94 39.17 12.42
N LEU C 323 21.73 39.49 13.43
CA LEU C 323 21.72 38.79 14.71
C LEU C 323 20.89 39.58 15.70
N LEU C 324 20.13 38.88 16.54
CA LEU C 324 19.34 39.53 17.58
C LEU C 324 19.75 39.12 18.98
N LYS C 325 19.79 37.81 19.27
CA LYS C 325 19.91 37.38 20.67
C LYS C 325 20.62 36.02 20.72
N VAL C 326 21.91 36.05 21.03
CA VAL C 326 22.65 34.84 21.31
C VAL C 326 22.49 34.51 22.79
N SER C 327 22.04 33.29 23.09
CA SER C 327 21.73 32.91 24.45
C SER C 327 22.09 31.46 24.70
N ILE C 328 22.86 31.20 25.76
CA ILE C 328 23.20 29.83 26.13
C ILE C 328 22.26 29.26 27.18
N ILE C 329 21.25 30.01 27.58
CA ILE C 329 20.17 29.42 28.39
C ILE C 329 19.41 28.43 27.51
N PRO C 330 19.19 27.20 27.97
CA PRO C 330 18.52 26.20 27.13
C PRO C 330 17.09 26.59 26.83
N ARG C 331 16.68 26.34 25.58
CA ARG C 331 15.35 26.73 25.12
C ARG C 331 14.88 25.72 24.10
N GLY C 332 13.71 25.14 24.35
CA GLY C 332 13.17 24.14 23.43
C GLY C 332 13.95 22.85 23.54
N LYS C 333 14.18 22.22 22.40
CA LYS C 333 14.99 21.01 22.33
C LYS C 333 16.46 21.29 22.09
N GLY C 334 16.91 22.51 22.38
CA GLY C 334 18.29 22.85 22.21
C GLY C 334 18.95 23.29 23.50
N LEU C 335 20.28 23.32 23.51
CA LEU C 335 21.03 23.83 24.65
C LEU C 335 21.39 25.30 24.49
N GLY C 336 21.00 25.90 23.38
CA GLY C 336 21.21 27.32 23.15
C GLY C 336 20.54 27.68 21.84
N TYR C 337 20.51 28.98 21.56
CA TYR C 337 19.91 29.44 20.31
C TYR C 337 20.58 30.72 19.88
N ALA C 338 20.24 31.17 18.68
CA ALA C 338 20.93 32.30 18.08
C ALA C 338 20.03 33.46 17.71
N GLN C 339 18.77 33.22 17.34
CA GLN C 339 17.76 34.25 17.08
C GLN C 339 18.19 35.19 15.96
N TYR C 340 18.24 34.64 14.75
CA TYR C 340 18.54 35.50 13.62
C TYR C 340 17.28 36.18 13.10
N LEU C 341 17.51 37.23 12.31
CA LEU C 341 16.46 37.97 11.62
C LEU C 341 16.55 37.60 10.15
N PRO C 342 15.81 36.61 9.68
CA PRO C 342 15.98 36.13 8.29
C PRO C 342 15.52 37.16 7.28
N LYS C 343 16.39 37.45 6.31
CA LYS C 343 16.08 38.41 5.26
C LYS C 343 14.96 37.86 4.40
N GLU C 344 13.83 38.57 4.39
CA GLU C 344 12.63 38.08 3.72
C GLU C 344 12.83 38.27 2.22
N GLN C 345 13.45 37.26 1.60
CA GLN C 345 13.80 37.31 0.20
C GLN C 345 13.03 36.26 -0.58
N TYR C 346 12.98 36.46 -1.89
CA TYR C 346 12.33 35.53 -2.80
C TYR C 346 13.29 34.87 -3.77
N LEU C 347 14.51 35.37 -3.91
CA LEU C 347 15.50 34.82 -4.82
C LEU C 347 16.83 34.70 -4.08
N TYR C 348 17.18 33.48 -3.71
CA TYR C 348 18.48 33.21 -3.14
C TYR C 348 19.47 32.96 -4.27
N THR C 349 20.60 33.63 -4.23
CA THR C 349 21.63 33.36 -5.23
C THR C 349 22.52 32.23 -4.73
N LYS C 350 23.64 32.01 -5.40
CA LYS C 350 24.51 30.92 -4.99
C LYS C 350 25.39 31.33 -3.82
N GLU C 351 25.83 32.58 -3.79
CA GLU C 351 26.68 33.06 -2.70
C GLU C 351 25.89 33.33 -1.43
N GLN C 352 24.60 33.62 -1.54
CA GLN C 352 23.80 33.83 -0.33
C GLN C 352 23.55 32.52 0.38
N LEU C 353 23.38 31.44 -0.39
CA LEU C 353 23.18 30.13 0.20
C LEU C 353 24.47 29.54 0.76
N LEU C 354 25.63 30.00 0.29
CA LEU C 354 26.89 29.53 0.84
C LEU C 354 27.14 30.11 2.22
N ASP C 355 26.79 31.39 2.41
CA ASP C 355 27.04 32.05 3.68
C ASP C 355 26.01 31.70 4.74
N ARG C 356 24.97 30.94 4.40
CA ARG C 356 24.21 30.26 5.43
C ARG C 356 24.89 28.96 5.83
N MET C 357 25.48 28.26 4.86
CA MET C 357 26.24 27.05 5.17
C MET C 357 27.51 27.38 5.91
N CYS C 358 28.15 28.49 5.57
CA CYS C 358 29.36 28.88 6.28
C CYS C 358 29.07 29.48 7.64
N MET C 359 27.81 29.76 7.94
CA MET C 359 27.38 30.20 9.26
C MET C 359 26.84 29.05 10.09
N THR C 360 26.07 28.14 9.48
CA THR C 360 25.54 27.00 10.20
C THR C 360 26.65 26.02 10.58
N LEU C 361 27.71 25.96 9.79
CA LEU C 361 28.88 25.20 10.19
C LEU C 361 29.76 25.95 11.17
N GLY C 362 29.44 27.20 11.50
CA GLY C 362 30.34 28.03 12.29
C GLY C 362 30.44 27.62 13.73
N GLY C 363 29.44 26.92 14.26
CA GLY C 363 29.50 26.53 15.65
C GLY C 363 30.47 25.40 15.90
N ARG C 364 30.48 24.40 15.03
CA ARG C 364 31.38 23.27 15.19
C ARG C 364 32.82 23.66 14.92
N VAL C 365 33.03 24.66 14.06
CA VAL C 365 34.37 25.15 13.79
C VAL C 365 34.96 25.80 15.03
N SER C 366 34.15 26.56 15.77
CA SER C 366 34.64 27.21 16.98
C SER C 366 34.93 26.21 18.09
N GLU C 367 34.18 25.10 18.13
CA GLU C 367 34.54 24.02 19.04
C GLU C 367 35.88 23.40 18.64
N GLU C 368 36.09 23.23 17.34
CA GLU C 368 37.26 22.51 16.86
C GLU C 368 38.52 23.36 16.96
N ILE C 369 38.39 24.69 16.94
CA ILE C 369 39.56 25.55 17.10
C ILE C 369 39.98 25.64 18.56
N PHE C 370 39.01 25.83 19.45
CA PHE C 370 39.31 26.02 20.86
C PHE C 370 39.68 24.71 21.55
N PHE C 371 38.86 23.69 21.37
CA PHE C 371 39.01 22.45 22.12
C PHE C 371 39.81 21.39 21.38
N GLY C 372 39.66 21.30 20.07
CA GLY C 372 40.17 20.16 19.35
C GLY C 372 39.30 18.92 19.46
N ARG C 373 38.08 19.06 19.95
CA ARG C 373 37.19 17.92 20.19
C ARG C 373 35.84 18.24 19.58
N ILE C 374 35.52 17.57 18.48
CA ILE C 374 34.19 17.66 17.90
C ILE C 374 33.19 17.01 18.83
N THR C 375 31.99 17.56 18.89
CA THR C 375 30.95 17.05 19.78
C THR C 375 29.76 16.60 18.97
N THR C 376 28.80 15.99 19.65
CA THR C 376 27.56 15.59 19.02
C THR C 376 26.48 16.64 19.14
N GLY C 377 26.83 17.82 19.65
CA GLY C 377 25.84 18.87 19.77
C GLY C 377 25.54 19.60 18.49
N ALA C 378 26.38 19.44 17.47
CA ALA C 378 26.17 20.07 16.18
C ALA C 378 25.40 19.19 15.21
N GLN C 379 24.53 18.32 15.73
CA GLN C 379 23.80 17.41 14.85
C GLN C 379 22.78 18.15 13.98
N ASP C 380 22.04 19.09 14.57
CA ASP C 380 21.07 19.85 13.81
C ASP C 380 21.71 20.90 12.93
N ASP C 381 22.97 21.29 13.20
CA ASP C 381 23.66 22.17 12.27
C ASP C 381 24.04 21.41 11.01
N LEU C 382 24.40 20.14 11.14
CA LEU C 382 24.86 19.36 10.00
C LEU C 382 23.72 18.88 9.12
N ARG C 383 22.54 18.65 9.69
CA ARG C 383 21.39 18.26 8.89
C ARG C 383 20.91 19.41 8.02
N LYS C 384 21.07 20.65 8.48
CA LYS C 384 20.75 21.80 7.66
C LYS C 384 21.76 21.98 6.53
N VAL C 385 23.04 21.74 6.82
CA VAL C 385 24.08 21.87 5.81
C VAL C 385 23.96 20.73 4.80
N THR C 386 23.50 19.57 5.24
CA THR C 386 23.23 18.47 4.31
C THR C 386 22.09 18.81 3.36
N GLN C 387 20.96 19.26 3.90
CA GLN C 387 19.80 19.49 3.06
C GLN C 387 19.92 20.74 2.20
N SER C 388 20.76 21.70 2.58
CA SER C 388 21.05 22.84 1.73
C SER C 388 22.27 22.63 0.86
N ALA C 389 22.75 21.39 0.75
CA ALA C 389 23.74 21.02 -0.24
C ALA C 389 23.23 19.99 -1.23
N TYR C 390 22.15 19.30 -0.90
CA TYR C 390 21.45 18.46 -1.84
C TYR C 390 20.41 19.22 -2.64
N ALA C 391 19.73 20.19 -2.04
CA ALA C 391 18.76 20.98 -2.78
C ALA C 391 19.43 21.92 -3.76
N GLN C 392 20.68 22.30 -3.53
CA GLN C 392 21.38 23.12 -4.50
C GLN C 392 21.76 22.32 -5.73
N ILE C 393 22.06 21.04 -5.56
CA ILE C 393 22.57 20.24 -6.65
C ILE C 393 21.44 19.47 -7.34
N VAL C 394 20.63 18.74 -6.58
CA VAL C 394 19.56 17.96 -7.19
C VAL C 394 18.39 18.85 -7.56
N GLN C 395 17.84 19.55 -6.56
CA GLN C 395 16.61 20.31 -6.75
C GLN C 395 16.84 21.56 -7.58
N PHE C 396 17.92 22.28 -7.30
CA PHE C 396 18.27 23.47 -8.06
C PHE C 396 19.23 23.03 -9.15
N GLY C 397 19.92 23.98 -9.77
CA GLY C 397 20.93 23.61 -10.74
C GLY C 397 22.25 24.27 -10.47
N MET C 398 22.62 24.40 -9.19
CA MET C 398 23.79 25.18 -8.82
C MET C 398 25.11 24.50 -9.15
N ASN C 399 25.10 23.26 -9.63
CA ASN C 399 26.32 22.52 -9.87
C ASN C 399 26.58 22.42 -11.37
N GLU C 400 27.81 22.73 -11.77
CA GLU C 400 28.18 22.66 -13.17
C GLU C 400 28.35 21.22 -13.64
N LYS C 401 28.79 20.33 -12.76
CA LYS C 401 29.15 18.99 -13.19
C LYS C 401 27.93 18.08 -13.35
N VAL C 402 26.95 18.20 -12.45
CA VAL C 402 25.71 17.44 -12.63
C VAL C 402 24.91 17.99 -13.79
N GLY C 403 24.82 19.30 -13.90
CA GLY C 403 24.22 19.94 -15.05
C GLY C 403 23.10 20.85 -14.63
N GLN C 404 22.35 21.30 -15.63
CA GLN C 404 21.21 22.20 -15.41
C GLN C 404 19.93 21.40 -15.21
N ILE C 405 19.95 20.45 -14.29
CA ILE C 405 18.91 19.45 -14.16
C ILE C 405 18.24 19.61 -12.81
N SER C 406 16.92 19.67 -12.80
CA SER C 406 16.17 19.78 -11.57
C SER C 406 15.30 18.56 -11.38
N PHE C 407 15.19 18.11 -10.14
CA PHE C 407 14.36 16.98 -9.77
C PHE C 407 13.41 17.39 -8.66
N ASP C 408 12.77 16.42 -8.02
CA ASP C 408 11.99 16.66 -6.81
C ASP C 408 12.58 15.88 -5.65
N LEU C 409 12.85 16.57 -4.55
CA LEU C 409 13.39 15.90 -3.38
C LEU C 409 12.28 15.30 -2.53
N PRO C 410 12.48 14.12 -1.97
CA PRO C 410 11.58 13.63 -0.93
C PRO C 410 11.78 14.44 0.34
N ARG C 411 10.67 14.78 0.98
CA ARG C 411 10.70 15.60 2.19
C ARG C 411 11.08 14.73 3.39
N GLN C 412 11.11 15.34 4.58
CA GLN C 412 11.37 14.58 5.79
C GLN C 412 10.18 13.68 6.14
N GLY C 413 8.96 14.20 6.00
CA GLY C 413 7.78 13.38 6.20
C GLY C 413 7.56 12.41 5.06
N ASP C 414 7.98 12.76 3.86
CA ASP C 414 7.92 11.84 2.74
C ASP C 414 8.96 10.74 2.91
N MET C 415 8.62 9.54 2.44
CA MET C 415 9.47 8.38 2.59
C MET C 415 10.15 8.04 1.28
N VAL C 416 11.47 7.84 1.33
CA VAL C 416 12.27 7.61 0.14
C VAL C 416 11.99 6.21 -0.39
N LEU C 417 11.22 6.13 -1.46
CA LEU C 417 10.75 4.86 -1.99
C LEU C 417 11.55 4.36 -3.18
N GLU C 418 11.96 5.25 -4.10
CA GLU C 418 12.87 4.90 -5.19
C GLU C 418 13.45 6.20 -5.74
N LYS C 419 14.75 6.21 -5.94
CA LYS C 419 15.43 7.41 -6.39
C LYS C 419 15.28 7.56 -7.90
N PRO C 420 14.81 8.71 -8.38
CA PRO C 420 14.39 8.80 -9.79
C PRO C 420 15.50 9.08 -10.78
N TYR C 421 16.64 8.43 -10.62
CA TYR C 421 17.76 8.50 -11.55
C TYR C 421 18.69 7.34 -11.24
N SER C 422 19.81 7.28 -11.96
CA SER C 422 20.71 6.15 -11.86
C SER C 422 21.57 6.23 -10.61
N GLU C 423 22.11 5.09 -10.21
CA GLU C 423 23.07 5.08 -9.12
C GLU C 423 24.42 5.63 -9.54
N ALA C 424 24.70 5.69 -10.85
CA ALA C 424 25.89 6.38 -11.31
C ALA C 424 25.72 7.89 -11.28
N THR C 425 24.47 8.37 -11.27
CA THR C 425 24.23 9.79 -11.06
C THR C 425 24.26 10.12 -9.58
N ALA C 426 23.68 9.26 -8.75
CA ALA C 426 23.72 9.47 -7.31
C ALA C 426 25.12 9.32 -6.75
N ARG C 427 25.99 8.55 -7.42
CA ARG C 427 27.40 8.56 -7.07
C ARG C 427 28.03 9.90 -7.41
N LEU C 428 27.59 10.52 -8.51
CA LEU C 428 28.12 11.83 -8.89
C LEU C 428 27.61 12.92 -7.96
N ILE C 429 26.36 12.80 -7.51
CA ILE C 429 25.77 13.81 -6.64
C ILE C 429 26.44 13.81 -5.28
N ASP C 430 26.61 12.63 -4.68
CA ASP C 430 27.17 12.54 -3.33
C ASP C 430 28.65 12.91 -3.31
N ASP C 431 29.35 12.75 -4.42
CA ASP C 431 30.71 13.24 -4.47
C ASP C 431 30.77 14.74 -4.56
N GLU C 432 29.67 15.40 -4.95
CA GLU C 432 29.65 16.83 -5.10
C GLU C 432 29.03 17.56 -3.92
N VAL C 433 28.18 16.90 -3.15
CA VAL C 433 27.79 17.42 -1.84
C VAL C 433 28.99 17.48 -0.93
N ARG C 434 29.85 16.45 -1.01
CA ARG C 434 31.01 16.36 -0.14
C ARG C 434 32.08 17.39 -0.52
N ILE C 435 32.11 17.82 -1.78
CA ILE C 435 32.99 18.92 -2.16
C ILE C 435 32.38 20.26 -1.75
N LEU C 436 31.05 20.36 -1.83
CA LEU C 436 30.38 21.61 -1.54
C LEU C 436 30.44 21.96 -0.05
N ILE C 437 30.24 20.97 0.82
CA ILE C 437 30.29 21.23 2.24
C ILE C 437 31.72 21.50 2.69
N ASN C 438 32.68 20.76 2.14
CA ASN C 438 34.08 20.98 2.49
C ASN C 438 34.60 22.32 1.96
N ASP C 439 34.02 22.82 0.87
CA ASP C 439 34.33 24.19 0.47
C ASP C 439 33.68 25.19 1.40
N ALA C 440 32.49 24.88 1.90
CA ALA C 440 31.87 25.73 2.90
C ALA C 440 32.54 25.58 4.25
N TYR C 441 33.14 24.42 4.51
CA TYR C 441 33.79 24.19 5.79
C TYR C 441 35.14 24.88 5.88
N LYS C 442 35.94 24.78 4.82
CA LYS C 442 37.27 25.39 4.83
C LYS C 442 37.19 26.92 4.84
N ARG C 443 36.10 27.48 4.33
CA ARG C 443 35.92 28.93 4.39
C ARG C 443 35.66 29.39 5.81
N THR C 444 34.89 28.62 6.57
CA THR C 444 34.59 29.00 7.94
C THR C 444 35.79 28.80 8.84
N VAL C 445 36.55 27.72 8.62
CA VAL C 445 37.75 27.48 9.39
C VAL C 445 38.79 28.57 9.12
N ALA C 446 38.86 29.03 7.88
CA ALA C 446 39.71 30.17 7.55
C ALA C 446 39.03 31.51 7.82
N LEU C 447 37.92 31.53 8.54
CA LEU C 447 37.27 32.75 9.01
C LEU C 447 37.37 32.91 10.51
N LEU C 448 37.18 31.83 11.26
CA LEU C 448 37.22 31.88 12.71
C LEU C 448 38.60 31.56 13.28
N THR C 449 39.63 31.45 12.43
CA THR C 449 40.97 31.25 12.94
C THR C 449 41.80 32.53 12.96
N GLU C 450 41.37 33.58 12.27
CA GLU C 450 41.95 34.89 12.45
C GLU C 450 41.07 35.79 13.28
N LYS C 451 39.80 35.44 13.44
CA LYS C 451 38.90 36.09 14.37
C LYS C 451 38.79 35.32 15.68
N LYS C 452 39.88 34.67 16.07
CA LYS C 452 39.87 33.81 17.25
C LYS C 452 39.73 34.64 18.53
N ALA C 453 40.25 35.86 18.53
CA ALA C 453 40.06 36.73 19.67
C ALA C 453 38.62 37.23 19.76
N ASP C 454 37.95 37.42 18.63
CA ASP C 454 36.59 37.92 18.64
C ASP C 454 35.59 36.87 19.06
N VAL C 455 35.88 35.59 18.81
CA VAL C 455 35.02 34.54 19.33
C VAL C 455 35.27 34.38 20.83
N GLU C 456 36.48 34.68 21.27
CA GLU C 456 36.82 34.63 22.69
C GLU C 456 36.07 35.71 23.47
N LYS C 457 35.90 36.90 22.88
CA LYS C 457 35.23 37.99 23.59
C LYS C 457 33.75 37.73 23.75
N VAL C 458 33.12 37.08 22.77
CA VAL C 458 31.67 36.91 22.80
C VAL C 458 31.28 35.87 23.84
N ALA C 459 31.93 34.72 23.81
CA ALA C 459 31.49 33.61 24.63
C ALA C 459 31.87 33.76 26.09
N LEU C 460 32.89 34.55 26.41
CA LEU C 460 33.15 34.85 27.81
C LEU C 460 32.06 35.73 28.38
N LEU C 461 31.54 36.68 27.59
CA LEU C 461 30.38 37.43 28.03
C LEU C 461 29.11 36.60 28.03
N LEU C 462 29.07 35.49 27.31
CA LEU C 462 27.93 34.61 27.41
C LEU C 462 27.91 33.84 28.73
N LEU C 463 29.04 33.70 29.39
CA LEU C 463 29.09 32.93 30.62
C LEU C 463 28.70 33.74 31.86
N GLU C 464 28.36 35.02 31.72
CA GLU C 464 27.75 35.74 32.83
C GLU C 464 26.35 36.23 32.51
N LYS C 465 26.17 36.96 31.41
CA LYS C 465 24.86 37.54 31.12
C LYS C 465 23.88 36.49 30.64
N GLU C 466 24.38 35.42 30.00
CA GLU C 466 23.66 34.24 29.50
C GLU C 466 22.70 34.53 28.35
N VAL C 467 22.54 35.81 27.99
CA VAL C 467 21.92 36.26 26.75
C VAL C 467 22.80 37.37 26.21
N LEU C 468 22.58 37.73 24.96
CA LEU C 468 23.22 38.91 24.41
C LEU C 468 22.21 39.74 23.64
N ASP C 469 22.27 41.05 23.85
CA ASP C 469 21.55 41.96 22.98
C ASP C 469 22.33 42.12 21.68
N LYS C 470 21.66 42.66 20.66
CA LYS C 470 22.39 43.10 19.49
C LYS C 470 23.30 44.28 19.84
N ASN C 471 22.87 45.13 20.78
CA ASN C 471 23.69 46.24 21.24
C ASN C 471 24.92 45.77 21.99
N ASP C 472 24.84 44.60 22.64
CA ASP C 472 26.01 44.02 23.29
C ASP C 472 27.05 43.59 22.27
N MET C 473 26.62 43.19 21.09
CA MET C 473 27.55 42.86 20.02
C MET C 473 28.21 44.12 19.47
N VAL C 474 27.48 45.23 19.48
CA VAL C 474 28.03 46.49 18.99
C VAL C 474 29.05 47.05 19.97
N GLU C 475 28.78 46.92 21.26
CA GLU C 475 29.71 47.39 22.28
C GLU C 475 30.97 46.55 22.34
N LEU C 476 30.92 45.31 21.83
CA LEU C 476 32.03 44.38 21.91
C LEU C 476 32.82 44.28 20.62
N LEU C 477 32.13 44.12 19.49
CA LEU C 477 32.80 43.94 18.21
C LEU C 477 32.84 45.21 17.37
N GLY C 478 31.96 46.17 17.62
CA GLY C 478 31.87 47.34 16.81
C GLY C 478 30.67 47.28 15.89
N PRO C 479 30.55 48.25 14.99
CA PRO C 479 29.48 48.18 13.99
C PRO C 479 29.75 47.07 12.99
N ARG C 480 28.68 46.45 12.52
CA ARG C 480 28.81 45.38 11.54
C ARG C 480 29.25 45.96 10.20
N PRO C 481 30.33 45.47 9.60
CA PRO C 481 30.94 46.15 8.46
C PRO C 481 30.21 45.98 7.13
N PHE C 482 28.99 45.47 7.13
CA PHE C 482 28.24 45.20 5.91
C PHE C 482 26.97 46.01 5.91
N ALA C 483 26.37 46.17 4.72
CA ALA C 483 25.22 47.03 4.54
C ALA C 483 23.99 46.35 5.14
N GLU C 484 23.88 46.48 6.46
CA GLU C 484 22.82 45.83 7.22
C GLU C 484 21.60 46.73 7.28
N LYS C 485 20.42 46.13 7.08
CA LYS C 485 19.16 46.84 7.21
C LYS C 485 18.27 46.11 8.20
N SER C 486 17.73 46.84 9.16
CA SER C 486 17.02 46.22 10.26
C SER C 486 15.64 46.80 10.51
N THR C 487 15.45 48.10 10.36
CA THR C 487 14.18 48.70 10.71
C THR C 487 13.18 48.53 9.58
N TYR C 488 11.97 49.01 9.80
CA TYR C 488 10.91 48.90 8.79
C TYR C 488 11.16 49.86 7.64
N GLU C 489 11.56 51.09 7.94
CA GLU C 489 11.72 52.11 6.91
C GLU C 489 12.89 51.84 5.99
N GLU C 490 13.83 50.98 6.40
CA GLU C 490 14.92 50.59 5.52
C GLU C 490 14.71 49.22 4.90
N PHE C 491 13.63 48.53 5.26
CA PHE C 491 13.16 47.39 4.49
C PHE C 491 12.23 47.78 3.35
N VAL C 492 11.56 48.92 3.46
CA VAL C 492 10.52 49.32 2.51
C VAL C 492 11.03 50.58 1.82
N GLU C 493 12.33 50.64 1.57
CA GLU C 493 12.87 51.76 0.81
C GLU C 493 12.47 51.69 -0.66
N GLY C 494 12.34 50.48 -1.22
CA GLY C 494 12.29 50.32 -2.66
C GLY C 494 10.95 50.71 -3.26
N THR C 495 9.85 50.32 -2.61
CA THR C 495 8.54 50.60 -3.15
C THR C 495 8.15 52.07 -3.01
N GLY C 496 8.75 52.79 -2.08
CA GLY C 496 8.54 54.22 -1.96
C GLY C 496 7.19 54.65 -1.47
N SER C 497 6.35 53.72 -0.99
CA SER C 497 5.02 54.07 -0.52
C SER C 497 4.87 54.03 0.99
N LEU C 498 5.72 53.27 1.70
CA LEU C 498 5.92 53.27 3.15
C LEU C 498 4.75 52.65 3.92
N ASP C 499 3.66 52.31 3.24
CA ASP C 499 2.50 51.73 3.92
C ASP C 499 1.69 50.96 2.90
N GLU C 500 1.01 49.92 3.37
CA GLU C 500 0.09 49.16 2.54
C GLU C 500 -1.09 50.04 2.18
N ASP C 501 -1.18 50.45 0.92
CA ASP C 501 -2.23 51.36 0.48
C ASP C 501 -3.55 50.61 0.36
N THR C 502 -4.49 50.91 1.25
CA THR C 502 -5.84 50.36 1.18
C THR C 502 -6.76 51.27 0.39
N SER C 503 -6.33 51.68 -0.79
CA SER C 503 -7.09 52.58 -1.64
C SER C 503 -8.09 51.78 -2.48
N LEU C 504 -9.27 52.28 -2.56
CA LEU C 504 -10.30 51.52 -3.26
C LEU C 504 -10.51 52.06 -4.67
N PRO C 505 -10.90 51.20 -5.60
CA PRO C 505 -11.29 51.67 -6.94
C PRO C 505 -12.60 52.42 -6.88
N GLU C 506 -12.90 53.12 -7.98
CA GLU C 506 -14.03 54.04 -8.01
C GLU C 506 -15.37 53.34 -7.95
N GLY C 507 -15.44 52.10 -8.42
CA GLY C 507 -16.66 51.34 -8.27
C GLY C 507 -16.81 50.63 -6.96
N LEU C 508 -15.85 50.78 -6.06
CA LEU C 508 -15.85 50.09 -4.78
C LEU C 508 -15.83 51.07 -3.61
N LYS C 509 -16.35 52.27 -3.83
CA LYS C 509 -16.28 53.33 -2.82
C LYS C 509 -17.55 53.42 -1.99
N ASP C 510 -18.15 52.28 -1.68
CA ASP C 510 -19.25 52.20 -0.73
C ASP C 510 -18.79 51.73 0.65
N TRP C 511 -17.49 51.73 0.89
CA TRP C 511 -16.90 51.25 2.14
C TRP C 511 -15.94 52.28 2.71
N PHE D 21 -27.00 6.65 12.25
CA PHE D 21 -28.04 6.77 13.26
C PHE D 21 -27.52 6.38 14.64
N SER D 22 -27.32 5.08 14.83
CA SER D 22 -26.85 4.56 16.11
C SER D 22 -25.40 4.96 16.35
N VAL D 23 -24.51 4.61 15.41
CA VAL D 23 -23.13 5.04 15.49
C VAL D 23 -23.05 6.54 15.19
N GLY D 24 -22.26 7.26 15.97
CA GLY D 24 -22.06 8.66 15.65
C GLY D 24 -21.90 9.59 16.84
N GLU D 25 -22.31 9.17 18.03
CA GLU D 25 -22.10 10.02 19.20
C GLU D 25 -20.62 10.02 19.59
N THR D 26 -20.23 11.06 20.31
CA THR D 26 -18.82 11.37 20.51
C THR D 26 -18.12 10.45 21.49
N THR D 27 -18.87 9.63 22.25
CA THR D 27 -18.48 8.81 23.40
C THR D 27 -17.45 9.49 24.31
N ALA D 28 -17.64 10.79 24.55
CA ALA D 28 -16.84 11.54 25.48
C ALA D 28 -17.38 11.35 26.89
N LYS D 29 -16.60 11.80 27.87
CA LYS D 29 -16.99 11.71 29.26
C LYS D 29 -16.72 13.05 29.93
N VAL D 30 -17.79 13.77 30.25
CA VAL D 30 -17.67 14.96 31.08
C VAL D 30 -17.38 14.43 32.48
N LEU D 31 -16.12 14.47 32.89
CA LEU D 31 -15.72 13.76 34.10
C LEU D 31 -16.19 14.50 35.34
N LYS D 32 -16.83 13.76 36.24
CA LYS D 32 -17.41 14.29 37.45
C LYS D 32 -16.62 13.93 38.70
N ASP D 33 -15.73 12.96 38.61
CA ASP D 33 -14.87 12.63 39.74
C ASP D 33 -13.87 13.74 39.97
N GLU D 34 -13.77 14.18 41.22
CA GLU D 34 -12.78 15.21 41.58
C GLU D 34 -11.40 14.59 41.55
N ILE D 35 -10.64 14.92 40.51
CA ILE D 35 -9.28 14.41 40.38
C ILE D 35 -8.40 15.04 41.44
N ASP D 36 -7.70 14.21 42.20
CA ASP D 36 -6.88 14.67 43.31
C ASP D 36 -5.45 15.03 42.90
N VAL D 37 -5.24 15.39 41.65
CA VAL D 37 -3.93 15.79 41.15
C VAL D 37 -3.89 17.30 41.13
N LYS D 38 -2.97 17.88 41.89
CA LYS D 38 -2.76 19.31 41.91
C LYS D 38 -1.49 19.63 41.11
N PHE D 39 -1.19 20.92 40.98
CA PHE D 39 0.05 21.28 40.29
C PHE D 39 1.28 20.97 41.13
N LYS D 40 1.12 20.81 42.44
CA LYS D 40 2.26 20.42 43.27
C LYS D 40 2.67 18.98 43.02
N ASP D 41 1.79 18.15 42.47
CA ASP D 41 2.13 16.78 42.13
C ASP D 41 2.90 16.66 40.82
N VAL D 42 3.00 17.75 40.07
CA VAL D 42 3.79 17.79 38.84
C VAL D 42 5.03 18.61 39.13
N ALA D 43 6.19 17.97 39.09
CA ALA D 43 7.44 18.67 39.28
C ALA D 43 8.37 18.31 38.16
N GLY D 44 9.56 18.90 38.16
CA GLY D 44 10.52 18.69 37.11
C GLY D 44 10.40 19.64 35.94
N CYS D 45 9.19 20.13 35.67
CA CYS D 45 8.93 21.02 34.54
C CYS D 45 8.04 22.18 34.99
N GLU D 46 8.66 23.25 35.48
CA GLU D 46 7.86 24.42 35.80
C GLU D 46 7.59 25.26 34.57
N GLU D 47 8.45 25.19 33.56
CA GLU D 47 8.26 25.96 32.35
C GLU D 47 7.10 25.44 31.51
N ALA D 48 6.73 24.17 31.71
CA ALA D 48 5.54 23.62 31.08
C ALA D 48 4.30 23.76 31.95
N LYS D 49 4.46 23.74 33.27
CA LYS D 49 3.34 24.02 34.17
C LYS D 49 2.83 25.43 34.01
N LEU D 50 3.75 26.39 33.96
CA LEU D 50 3.40 27.80 34.01
C LEU D 50 2.62 28.23 32.79
N GLU D 51 2.89 27.61 31.64
CA GLU D 51 2.09 27.91 30.47
C GLU D 51 0.79 27.13 30.41
N ILE D 52 0.55 26.24 31.36
CA ILE D 52 -0.77 25.62 31.52
C ILE D 52 -1.49 26.14 32.74
N MET D 53 -0.77 26.68 33.73
CA MET D 53 -1.42 27.44 34.79
C MET D 53 -2.02 28.74 34.29
N GLU D 54 -1.54 29.28 33.16
CA GLU D 54 -2.14 30.47 32.58
C GLU D 54 -3.52 30.21 32.01
N PHE D 55 -3.87 28.96 31.73
CA PHE D 55 -5.22 28.69 31.27
C PHE D 55 -6.20 28.67 32.44
N VAL D 56 -5.77 28.10 33.56
CA VAL D 56 -6.61 28.05 34.75
C VAL D 56 -6.68 29.42 35.41
N ASN D 57 -5.59 30.19 35.38
CA ASN D 57 -5.60 31.53 35.94
C ASN D 57 -6.48 32.47 35.13
N PHE D 58 -6.65 32.20 33.83
CA PHE D 58 -7.64 32.94 33.08
C PHE D 58 -9.05 32.61 33.57
N LEU D 59 -9.34 31.33 33.78
CA LEU D 59 -10.69 30.92 34.15
C LEU D 59 -11.02 31.20 35.61
N LYS D 60 -10.05 31.64 36.41
CA LYS D 60 -10.31 32.13 37.76
C LYS D 60 -10.22 33.64 37.88
N ASN D 61 -9.26 34.28 37.21
CA ASN D 61 -9.11 35.72 37.25
C ASN D 61 -9.16 36.28 35.83
N PRO D 62 -10.35 36.45 35.25
CA PRO D 62 -10.41 37.03 33.90
C PRO D 62 -10.14 38.51 33.88
N LYS D 63 -10.38 39.23 34.98
CA LYS D 63 -10.23 40.68 35.00
C LYS D 63 -8.78 41.11 34.85
N GLN D 64 -7.85 40.32 35.38
CA GLN D 64 -6.43 40.62 35.26
C GLN D 64 -5.98 40.55 33.80
N TYR D 65 -6.46 39.54 33.08
CA TYR D 65 -6.03 39.33 31.70
C TYR D 65 -6.78 40.23 30.74
N GLN D 66 -8.02 40.60 31.05
CA GLN D 66 -8.83 41.41 30.17
C GLN D 66 -8.69 42.91 30.39
N ASP D 67 -7.91 43.33 31.38
CA ASP D 67 -7.54 44.74 31.46
C ASP D 67 -6.42 45.09 30.49
N LEU D 68 -5.76 44.09 29.92
CA LEU D 68 -4.79 44.31 28.87
C LEU D 68 -5.32 43.88 27.52
N GLY D 69 -6.55 43.39 27.45
CA GLY D 69 -7.15 42.99 26.21
C GLY D 69 -6.78 41.61 25.73
N ALA D 70 -6.22 40.78 26.60
CA ALA D 70 -5.76 39.45 26.20
C ALA D 70 -6.95 38.52 26.03
N LYS D 71 -7.06 37.94 24.84
CA LYS D 71 -8.02 36.87 24.63
C LYS D 71 -7.53 35.60 25.29
N ILE D 72 -8.43 34.66 25.48
CA ILE D 72 -8.03 33.34 25.98
C ILE D 72 -7.32 32.60 24.85
N PRO D 73 -6.26 31.84 25.13
CA PRO D 73 -5.67 31.00 24.08
C PRO D 73 -6.57 29.82 23.78
N LYS D 74 -6.70 29.50 22.50
CA LYS D 74 -7.69 28.52 22.06
C LYS D 74 -7.25 27.08 22.27
N GLY D 75 -6.06 26.83 22.80
CA GLY D 75 -5.65 25.47 23.07
C GLY D 75 -4.14 25.35 23.12
N ALA D 76 -3.70 24.12 23.40
CA ALA D 76 -2.29 23.83 23.53
C ALA D 76 -2.02 22.38 23.23
N ILE D 77 -0.84 22.11 22.67
CA ILE D 77 -0.38 20.76 22.38
C ILE D 77 0.77 20.43 23.34
N LEU D 78 0.82 19.19 23.78
CA LEU D 78 1.82 18.72 24.73
C LEU D 78 2.65 17.64 24.04
N THR D 79 3.88 17.98 23.67
CA THR D 79 4.75 17.07 22.96
C THR D 79 5.87 16.60 23.87
N GLY D 80 6.40 15.41 23.58
CA GLY D 80 7.52 14.90 24.31
C GLY D 80 7.70 13.40 24.22
N PRO D 81 8.79 12.89 24.78
CA PRO D 81 9.00 11.44 24.85
C PRO D 81 7.99 10.78 25.77
N PRO D 82 7.85 9.46 25.74
CA PRO D 82 6.93 8.80 26.66
C PRO D 82 7.41 8.86 28.11
N GLY D 83 6.48 9.19 28.99
CA GLY D 83 6.75 9.16 30.42
C GLY D 83 7.30 10.44 31.00
N THR D 84 6.92 11.59 30.48
CA THR D 84 7.44 12.87 30.94
C THR D 84 6.41 13.72 31.67
N GLY D 85 5.17 13.26 31.80
CA GLY D 85 4.18 14.02 32.51
C GLY D 85 3.32 14.89 31.65
N LYS D 86 2.72 14.31 30.61
CA LYS D 86 1.85 15.05 29.70
C LYS D 86 0.38 14.77 29.95
N THR D 87 0.03 13.54 30.30
CA THR D 87 -1.34 13.28 30.72
C THR D 87 -1.54 13.68 32.18
N LEU D 88 -0.47 13.59 32.98
CA LEU D 88 -0.52 14.05 34.37
C LEU D 88 -0.72 15.57 34.44
N LEU D 89 -0.04 16.30 33.56
CA LEU D 89 -0.18 17.75 33.55
C LEU D 89 -1.53 18.18 32.98
N ALA D 90 -2.24 17.28 32.32
CA ALA D 90 -3.64 17.51 32.00
C ALA D 90 -4.57 17.06 33.11
N LYS D 91 -4.15 16.10 33.95
CA LYS D 91 -4.94 15.76 35.12
C LYS D 91 -4.91 16.87 36.15
N ALA D 92 -3.75 17.50 36.32
CA ALA D 92 -3.62 18.62 37.24
C ALA D 92 -4.44 19.82 36.77
N THR D 93 -4.64 19.94 35.45
CA THR D 93 -5.43 21.04 34.93
C THR D 93 -6.91 20.83 35.25
N ALA D 94 -7.38 19.59 35.20
CA ALA D 94 -8.73 19.28 35.65
C ALA D 94 -8.86 19.36 37.17
N GLY D 95 -7.76 19.39 37.91
CA GLY D 95 -7.81 19.52 39.34
C GLY D 95 -8.18 20.90 39.81
N GLU D 96 -7.34 21.90 39.53
CA GLU D 96 -7.58 23.21 40.10
C GLU D 96 -8.65 24.02 39.39
N ALA D 97 -8.87 23.79 38.10
CA ALA D 97 -9.82 24.61 37.36
C ALA D 97 -11.25 24.27 37.79
N ASN D 98 -12.05 25.31 37.99
CA ASN D 98 -13.42 25.16 38.50
C ASN D 98 -14.42 25.02 37.37
N VAL D 99 -14.01 24.42 36.27
CA VAL D 99 -14.79 24.32 35.04
C VAL D 99 -14.92 22.84 34.72
N PRO D 100 -15.91 22.44 33.91
CA PRO D 100 -15.98 21.04 33.49
C PRO D 100 -14.85 20.69 32.54
N PHE D 101 -14.57 19.40 32.45
CA PHE D 101 -13.41 18.88 31.74
C PHE D 101 -13.84 17.65 30.95
N ILE D 102 -13.62 17.67 29.65
CA ILE D 102 -14.11 16.65 28.74
C ILE D 102 -12.91 15.95 28.10
N THR D 103 -12.97 14.63 28.01
CA THR D 103 -11.81 13.83 27.62
C THR D 103 -12.18 12.84 26.52
N VAL D 104 -11.47 12.90 25.39
CA VAL D 104 -11.49 11.86 24.38
C VAL D 104 -10.07 11.48 24.03
N SER D 105 -9.94 10.34 23.36
CA SER D 105 -8.68 9.92 22.76
C SER D 105 -8.70 10.25 21.27
N GLY D 106 -7.52 10.13 20.66
CA GLY D 106 -7.45 10.39 19.22
C GLY D 106 -8.10 9.30 18.40
N SER D 107 -7.96 8.06 18.81
CA SER D 107 -8.44 6.93 18.03
C SER D 107 -9.94 6.68 18.18
N GLU D 108 -10.65 7.51 18.94
CA GLU D 108 -12.06 7.26 19.19
C GLU D 108 -12.97 7.69 18.06
N PHE D 109 -12.44 8.31 17.02
CA PHE D 109 -13.24 9.01 16.03
C PHE D 109 -13.61 8.14 14.83
N LEU D 110 -12.69 7.31 14.35
CA LEU D 110 -12.91 6.47 13.19
C LEU D 110 -13.47 5.12 13.61
N GLU D 111 -14.59 4.71 13.01
CA GLU D 111 -15.12 3.38 13.30
C GLU D 111 -15.90 2.86 12.09
N MET D 112 -15.19 2.12 11.22
CA MET D 112 -15.72 1.08 10.34
C MET D 112 -16.55 1.60 9.16
N PHE D 113 -16.93 2.87 9.17
CA PHE D 113 -17.85 3.42 8.19
C PHE D 113 -17.27 4.71 7.63
N VAL D 114 -17.88 5.21 6.59
CA VAL D 114 -17.48 6.50 6.03
C VAL D 114 -18.31 7.58 6.71
N GLY D 115 -17.71 8.75 6.88
CA GLY D 115 -18.38 9.89 7.45
C GLY D 115 -18.50 9.90 8.95
N VAL D 116 -18.37 8.75 9.63
CA VAL D 116 -18.52 8.70 11.08
C VAL D 116 -17.31 9.24 11.82
N GLY D 117 -16.26 9.59 11.12
CA GLY D 117 -15.18 10.37 11.66
C GLY D 117 -15.54 11.83 11.88
N PRO D 118 -15.83 12.55 10.79
CA PRO D 118 -16.29 13.94 10.95
C PRO D 118 -17.63 14.09 11.65
N ALA D 119 -18.48 13.06 11.66
CA ALA D 119 -19.74 13.17 12.37
C ALA D 119 -19.58 13.02 13.87
N ARG D 120 -18.44 12.53 14.30
CA ARG D 120 -18.15 12.35 15.71
C ARG D 120 -17.29 13.47 16.27
N VAL D 121 -16.57 14.19 15.41
CA VAL D 121 -15.85 15.39 15.82
C VAL D 121 -16.83 16.53 16.07
N ARG D 122 -17.88 16.63 15.26
CA ARG D 122 -18.89 17.68 15.47
C ARG D 122 -19.66 17.46 16.76
N ASP D 123 -19.96 16.20 17.10
CA ASP D 123 -20.63 15.92 18.35
C ASP D 123 -19.71 16.09 19.55
N LEU D 124 -18.40 16.06 19.33
CA LEU D 124 -17.47 16.41 20.41
C LEU D 124 -17.57 17.89 20.73
N PHE D 125 -17.60 18.73 19.71
CA PHE D 125 -17.73 20.17 19.91
C PHE D 125 -19.17 20.61 20.13
N ALA D 126 -20.13 19.72 19.97
CA ALA D 126 -21.47 20.00 20.47
C ALA D 126 -21.49 19.94 21.98
N LEU D 127 -20.96 18.85 22.54
CA LEU D 127 -20.87 18.71 23.99
C LEU D 127 -19.86 19.67 24.59
N ALA D 128 -18.85 20.07 23.81
CA ALA D 128 -17.84 20.99 24.34
C ALA D 128 -18.42 22.37 24.56
N ARG D 129 -18.91 23.00 23.51
CA ARG D 129 -19.40 24.37 23.59
C ARG D 129 -20.75 24.48 24.29
N LYS D 130 -21.40 23.37 24.62
CA LYS D 130 -22.59 23.41 25.45
C LYS D 130 -22.25 23.88 26.86
N ASN D 131 -21.19 23.33 27.43
CA ASN D 131 -20.59 23.88 28.63
C ASN D 131 -19.81 25.12 28.23
N ALA D 132 -19.99 26.22 28.96
CA ALA D 132 -19.44 27.44 28.37
C ALA D 132 -17.92 27.56 28.59
N PRO D 133 -17.34 27.57 29.85
CA PRO D 133 -15.88 27.70 29.96
C PRO D 133 -15.13 26.36 30.04
N CYS D 134 -15.48 25.41 29.16
CA CYS D 134 -15.00 24.05 29.35
C CYS D 134 -13.54 23.92 28.91
N ILE D 135 -12.92 22.80 29.29
CA ILE D 135 -11.58 22.43 28.85
C ILE D 135 -11.65 21.02 28.28
N LEU D 136 -11.14 20.84 27.07
CA LEU D 136 -11.25 19.58 26.35
C LEU D 136 -9.86 18.99 26.12
N PHE D 137 -9.74 17.67 26.24
CA PHE D 137 -8.45 17.01 26.14
C PHE D 137 -8.51 15.85 25.17
N ILE D 138 -7.68 15.90 24.12
CA ILE D 138 -7.60 14.87 23.10
C ILE D 138 -6.27 14.16 23.30
N ASP D 139 -6.30 12.98 23.93
CA ASP D 139 -5.06 12.26 24.19
C ASP D 139 -4.67 11.46 22.96
N GLN D 140 -3.38 11.47 22.64
CA GLN D 140 -2.77 10.74 21.51
C GLN D 140 -3.42 11.17 20.19
N ILE D 141 -3.14 12.42 19.82
CA ILE D 141 -3.78 13.04 18.65
C ILE D 141 -3.16 12.57 17.34
N ASP D 142 -2.15 11.69 17.38
CA ASP D 142 -1.53 11.16 16.18
C ASP D 142 -2.46 10.29 15.34
N ALA D 143 -3.56 9.82 15.91
CA ALA D 143 -4.49 8.99 15.16
C ALA D 143 -5.31 9.81 14.19
N VAL D 144 -5.51 11.09 14.48
CA VAL D 144 -6.32 11.98 13.65
C VAL D 144 -5.50 13.09 13.02
N GLY D 145 -4.57 13.65 13.77
CA GLY D 145 -3.76 14.73 13.26
C GLY D 145 -2.66 14.35 12.29
N ARG D 146 -2.71 13.13 11.77
CA ARG D 146 -1.78 12.67 10.74
C ARG D 146 -1.89 13.54 9.50
N LYS D 147 -0.74 13.86 8.92
CA LYS D 147 -0.65 14.86 7.86
C LYS D 147 -1.40 14.42 6.62
N ARG D 148 -2.14 15.35 6.03
CA ARG D 148 -2.91 15.05 4.84
C ARG D 148 -1.98 14.86 3.65
N GLY D 149 -2.03 13.68 3.04
CA GLY D 149 -1.22 13.37 1.89
C GLY D 149 -1.96 13.60 0.59
N ARG D 150 -1.31 13.19 -0.51
CA ARG D 150 -1.87 13.31 -1.83
C ARG D 150 -2.64 12.03 -2.17
N GLY D 151 -2.96 11.84 -3.45
CA GLY D 151 -3.74 10.70 -3.91
C GLY D 151 -3.12 9.34 -3.62
N ASN D 152 -3.74 8.60 -2.71
CA ASN D 152 -3.21 7.34 -2.19
C ASN D 152 -4.39 6.42 -1.89
N PHE D 153 -4.14 5.41 -1.07
CA PHE D 153 -5.15 4.40 -0.74
C PHE D 153 -6.28 5.01 0.08
N GLY D 154 -7.41 4.29 0.11
CA GLY D 154 -8.64 4.79 0.69
C GLY D 154 -8.70 4.79 2.20
N GLY D 155 -7.66 4.28 2.87
CA GLY D 155 -7.59 4.43 4.31
C GLY D 155 -7.25 5.84 4.74
N GLN D 156 -6.51 6.56 3.90
CA GLN D 156 -6.22 7.97 4.13
C GLN D 156 -7.37 8.87 3.71
N SER D 157 -8.43 8.33 3.11
CA SER D 157 -9.55 9.16 2.69
C SER D 157 -10.35 9.62 3.89
N GLU D 158 -10.91 8.68 4.66
CA GLU D 158 -11.75 9.01 5.79
C GLU D 158 -10.98 9.48 7.00
N GLN D 159 -9.65 9.42 6.98
CA GLN D 159 -8.88 10.05 8.05
C GLN D 159 -8.80 11.55 7.83
N GLU D 160 -8.60 11.98 6.58
CA GLU D 160 -8.50 13.39 6.28
C GLU D 160 -9.84 14.11 6.32
N ASN D 161 -10.95 13.38 6.21
CA ASN D 161 -12.24 14.00 6.44
C ASN D 161 -12.47 14.26 7.92
N THR D 162 -11.81 13.48 8.77
CA THR D 162 -11.90 13.69 10.21
C THR D 162 -10.96 14.80 10.64
N LEU D 163 -9.82 14.95 9.97
CA LEU D 163 -8.91 16.03 10.30
C LEU D 163 -9.43 17.38 9.83
N ASN D 164 -10.03 17.42 8.64
CA ASN D 164 -10.55 18.67 8.13
C ASN D 164 -11.78 19.12 8.90
N GLN D 165 -12.57 18.19 9.41
CA GLN D 165 -13.69 18.57 10.26
C GLN D 165 -13.21 19.13 11.59
N LEU D 166 -12.10 18.60 12.10
CA LEU D 166 -11.51 19.13 13.32
C LEU D 166 -11.06 20.57 13.12
N LEU D 167 -10.32 20.83 12.04
CA LEU D 167 -9.79 22.15 11.73
C LEU D 167 -10.88 23.20 11.48
N VAL D 168 -12.07 22.79 11.06
CA VAL D 168 -13.17 23.72 10.95
C VAL D 168 -13.71 24.06 12.34
N GLU D 169 -13.79 23.06 13.21
CA GLU D 169 -14.30 23.28 14.55
C GLU D 169 -13.31 24.04 15.41
N MET D 170 -12.02 23.94 15.11
CA MET D 170 -11.03 24.67 15.91
C MET D 170 -11.05 26.15 15.59
N ASP D 171 -11.14 26.50 14.30
CA ASP D 171 -11.09 27.90 13.88
C ASP D 171 -11.97 28.05 12.65
N GLY D 172 -13.21 28.45 12.86
CA GLY D 172 -14.14 28.66 11.77
C GLY D 172 -15.27 29.57 12.18
N PHE D 173 -16.39 29.42 11.48
CA PHE D 173 -17.58 30.21 11.82
C PHE D 173 -18.22 29.70 13.10
N ASN D 174 -18.26 28.39 13.30
CA ASN D 174 -18.81 27.80 14.51
C ASN D 174 -17.75 27.67 15.61
N THR D 175 -17.06 28.77 15.89
CA THR D 175 -15.97 28.78 16.87
C THR D 175 -16.31 29.83 17.92
N THR D 176 -16.76 29.38 19.08
CA THR D 176 -17.01 30.29 20.17
C THR D 176 -15.73 30.47 20.99
N THR D 177 -15.79 31.44 21.90
CA THR D 177 -14.64 31.73 22.75
C THR D 177 -14.65 30.77 23.95
N ASN D 178 -13.71 31.00 24.87
CA ASN D 178 -13.49 30.33 26.17
C ASN D 178 -13.77 28.83 26.17
N VAL D 179 -13.25 28.15 25.15
CA VAL D 179 -13.26 26.69 25.06
C VAL D 179 -11.81 26.27 24.84
N VAL D 180 -11.19 25.71 25.87
CA VAL D 180 -9.77 25.38 25.85
C VAL D 180 -9.61 23.96 25.35
N ILE D 181 -8.79 23.77 24.33
CA ILE D 181 -8.69 22.49 23.64
C ILE D 181 -7.26 21.99 23.81
N LEU D 182 -7.03 21.20 24.85
CA LEU D 182 -5.71 20.63 25.10
C LEU D 182 -5.57 19.30 24.37
N ALA D 183 -4.33 18.94 24.08
CA ALA D 183 -4.03 17.66 23.45
C ALA D 183 -2.59 17.30 23.72
N GLY D 184 -2.32 16.01 23.76
CA GLY D 184 -0.97 15.53 24.01
C GLY D 184 -0.58 14.49 22.99
N THR D 185 0.71 14.45 22.68
CA THR D 185 1.19 13.56 21.64
C THR D 185 2.64 13.17 21.90
N ASN D 186 3.04 12.07 21.27
CA ASN D 186 4.43 11.60 21.29
C ASN D 186 5.17 11.92 19.99
N ARG D 187 4.43 12.01 18.88
CA ARG D 187 5.02 12.18 17.55
C ARG D 187 4.55 13.52 17.00
N PRO D 188 5.30 14.59 17.25
CA PRO D 188 4.89 15.90 16.72
C PRO D 188 5.10 16.03 15.23
N ASP D 189 6.13 15.36 14.69
CA ASP D 189 6.57 15.64 13.34
C ASP D 189 5.65 15.08 12.27
N ILE D 190 4.78 14.12 12.63
CA ILE D 190 3.82 13.60 11.67
C ILE D 190 2.55 14.42 11.63
N LEU D 191 2.46 15.48 12.44
CA LEU D 191 1.22 16.23 12.52
C LEU D 191 1.10 17.22 11.38
N ASP D 192 -0.11 17.66 11.16
CA ASP D 192 -0.45 18.53 10.03
C ASP D 192 -0.09 19.97 10.39
N PRO D 193 0.61 20.70 9.51
CA PRO D 193 0.87 22.12 9.78
C PRO D 193 -0.38 22.99 9.83
N ALA D 194 -1.49 22.56 9.25
CA ALA D 194 -2.74 23.27 9.46
C ALA D 194 -3.28 23.08 10.86
N LEU D 195 -2.88 22.01 11.53
CA LEU D 195 -3.33 21.72 12.89
C LEU D 195 -2.43 22.34 13.95
N LEU D 196 -1.14 22.47 13.67
CA LEU D 196 -0.20 23.06 14.61
C LEU D 196 -0.05 24.56 14.40
N ARG D 197 -1.04 25.23 13.82
CA ARG D 197 -0.84 26.65 13.57
C ARG D 197 -1.41 27.46 14.72
N PRO D 198 -0.98 28.71 14.85
CA PRO D 198 -1.68 29.63 15.75
C PRO D 198 -3.14 29.82 15.38
N GLY D 199 -4.00 29.73 16.38
CA GLY D 199 -5.43 29.78 16.16
C GLY D 199 -6.05 28.44 16.41
N ARG D 200 -5.36 27.37 16.03
CA ARG D 200 -5.76 26.00 16.37
C ARG D 200 -5.11 25.58 17.67
N PHE D 201 -3.78 25.55 17.71
CA PHE D 201 -3.00 25.23 18.90
C PHE D 201 -2.04 26.38 19.14
N ASP D 202 -2.43 27.30 20.02
CA ASP D 202 -1.67 28.53 20.20
C ASP D 202 -0.35 28.26 20.91
N ARG D 203 -0.36 27.41 21.93
CA ARG D 203 0.83 27.05 22.68
C ARG D 203 1.32 25.69 22.20
N GLN D 204 2.62 25.59 21.94
CA GLN D 204 3.25 24.31 21.65
C GLN D 204 4.27 24.04 22.75
N ILE D 205 4.00 23.01 23.54
CA ILE D 205 4.70 22.78 24.80
C ILE D 205 5.44 21.47 24.70
N PHE D 206 6.77 21.53 24.79
CA PHE D 206 7.60 20.33 24.79
C PHE D 206 8.01 20.02 26.22
N ILE D 207 7.62 18.85 26.72
CA ILE D 207 7.98 18.41 28.05
C ILE D 207 9.03 17.32 27.87
N GLY D 208 10.29 17.68 27.99
CA GLY D 208 11.35 16.72 27.85
C GLY D 208 11.48 15.83 29.07
N PRO D 209 12.40 14.87 29.00
CA PRO D 209 12.73 14.10 30.19
C PRO D 209 13.41 14.98 31.21
N PRO D 210 13.21 14.73 32.50
CA PRO D 210 13.68 15.65 33.52
C PRO D 210 15.17 15.60 33.71
N ASP D 211 15.71 16.70 34.22
CA ASP D 211 17.11 16.82 34.52
C ASP D 211 17.34 16.39 35.96
N ILE D 212 18.55 16.56 36.49
CA ILE D 212 18.84 16.07 37.83
C ILE D 212 18.18 16.95 38.89
N LYS D 213 18.14 18.27 38.67
CA LYS D 213 17.34 19.12 39.54
C LYS D 213 15.87 18.85 39.36
N GLY D 214 15.47 18.51 38.15
CA GLY D 214 14.09 18.15 37.90
C GLY D 214 13.71 16.83 38.51
N ARG D 215 14.66 15.89 38.57
CA ARG D 215 14.34 14.55 39.02
C ARG D 215 14.23 14.47 40.54
N ALA D 216 15.03 15.28 41.26
CA ALA D 216 14.98 15.25 42.71
C ALA D 216 13.67 15.79 43.24
N SER D 217 13.02 16.69 42.51
CA SER D 217 11.69 17.15 42.89
C SER D 217 10.59 16.21 42.42
N ILE D 218 10.89 15.29 41.49
CA ILE D 218 9.91 14.25 41.20
C ILE D 218 9.98 13.17 42.27
N PHE D 219 11.15 12.93 42.86
CA PHE D 219 11.22 12.04 44.01
C PHE D 219 10.46 12.61 45.20
N LYS D 220 10.54 13.93 45.42
CA LYS D 220 9.82 14.57 46.51
C LYS D 220 8.31 14.45 46.37
N VAL D 221 7.81 14.28 45.15
CA VAL D 221 6.39 14.01 44.95
C VAL D 221 6.07 12.58 45.32
N HIS D 222 6.97 11.64 44.99
CA HIS D 222 6.68 10.23 45.17
C HIS D 222 7.34 9.60 46.38
N LEU D 223 8.26 10.30 47.04
CA LEU D 223 8.69 9.87 48.38
C LEU D 223 7.73 10.32 49.46
N ARG D 224 6.72 11.08 49.10
CA ARG D 224 5.75 11.65 50.03
C ARG D 224 4.80 10.62 50.65
N PRO D 225 4.23 9.62 49.94
CA PRO D 225 3.42 8.63 50.66
C PRO D 225 4.20 7.51 51.31
N LEU D 226 5.51 7.41 51.11
CA LEU D 226 6.25 6.26 51.62
C LEU D 226 6.54 6.39 53.11
N LYS D 227 6.59 5.25 53.77
CA LYS D 227 7.05 5.17 55.16
C LYS D 227 8.52 4.78 55.11
N LEU D 228 9.38 5.79 55.17
CA LEU D 228 10.81 5.54 55.12
C LEU D 228 11.32 5.21 56.51
N ASP D 229 12.64 5.06 56.63
CA ASP D 229 13.25 4.83 57.91
C ASP D 229 13.23 6.12 58.72
N SER D 230 13.36 5.98 60.04
CA SER D 230 13.47 7.15 60.90
C SER D 230 14.79 7.89 60.71
N THR D 231 15.82 7.22 60.21
CA THR D 231 17.08 7.89 59.92
C THR D 231 16.98 8.75 58.66
N LEU D 232 16.37 8.20 57.61
CA LEU D 232 16.33 8.88 56.32
C LEU D 232 15.36 10.05 56.34
N GLU D 233 15.77 11.15 55.74
CA GLU D 233 14.95 12.34 55.59
C GLU D 233 14.58 12.51 54.13
N LYS D 234 13.32 12.88 53.86
CA LYS D 234 12.80 12.85 52.50
C LYS D 234 13.40 13.92 51.59
N ASP D 235 14.07 14.92 52.13
CA ASP D 235 14.75 15.90 51.30
C ASP D 235 16.14 15.43 50.91
N LYS D 236 16.89 14.84 51.85
CA LYS D 236 18.22 14.34 51.53
C LYS D 236 18.14 13.08 50.68
N LEU D 237 17.12 12.25 50.89
CA LEU D 237 17.01 11.01 50.14
C LEU D 237 16.60 11.27 48.70
N ALA D 238 15.76 12.29 48.46
CA ALA D 238 15.35 12.62 47.10
C ALA D 238 16.51 13.14 46.27
N ARG D 239 17.49 13.77 46.91
CA ARG D 239 18.67 14.19 46.19
C ARG D 239 19.57 13.00 45.86
N LYS D 240 19.66 12.05 46.78
CA LYS D 240 20.51 10.88 46.57
C LYS D 240 19.98 9.97 45.49
N LEU D 241 18.66 9.75 45.48
CA LEU D 241 18.05 8.89 44.47
C LEU D 241 18.04 9.51 43.08
N ALA D 242 18.10 10.83 42.97
CA ALA D 242 18.20 11.44 41.66
C ALA D 242 19.61 11.32 41.10
N SER D 243 20.61 11.23 41.97
CA SER D 243 21.98 11.04 41.50
C SER D 243 22.22 9.59 41.10
N LEU D 244 21.51 8.65 41.71
CA LEU D 244 21.67 7.23 41.38
C LEU D 244 20.82 6.77 40.22
N THR D 245 19.90 7.60 39.72
CA THR D 245 19.02 7.24 38.62
C THR D 245 19.18 8.19 37.44
N PRO D 246 20.30 8.11 36.73
CA PRO D 246 20.52 9.06 35.63
C PRO D 246 19.76 8.66 34.38
N GLY D 247 19.36 9.68 33.63
CA GLY D 247 18.68 9.47 32.37
C GLY D 247 17.27 8.96 32.46
N PHE D 248 16.72 8.80 33.65
CA PHE D 248 15.37 8.27 33.76
C PHE D 248 14.34 9.32 33.37
N SER D 249 13.13 8.86 33.09
CA SER D 249 12.03 9.74 32.75
C SER D 249 11.27 10.10 34.02
N GLY D 250 10.09 10.68 33.86
CA GLY D 250 9.29 11.02 35.03
C GLY D 250 8.51 9.84 35.56
N ALA D 251 8.14 8.91 34.69
CA ALA D 251 7.43 7.71 35.12
C ALA D 251 8.37 6.61 35.58
N ASP D 252 9.67 6.79 35.44
CA ASP D 252 10.63 5.85 36.01
C ASP D 252 10.80 6.10 37.50
N VAL D 253 10.83 7.37 37.89
CA VAL D 253 10.94 7.77 39.29
C VAL D 253 9.73 7.29 40.08
N ALA D 254 8.56 7.28 39.45
CA ALA D 254 7.39 6.71 40.08
C ALA D 254 7.47 5.20 40.21
N ASN D 255 8.30 4.55 39.40
CA ASN D 255 8.46 3.10 39.50
C ASN D 255 9.51 2.72 40.52
N VAL D 256 10.59 3.49 40.61
CA VAL D 256 11.62 3.24 41.61
C VAL D 256 11.05 3.43 43.01
N CYS D 257 10.22 4.46 43.19
CA CYS D 257 9.60 4.68 44.49
C CYS D 257 8.54 3.63 44.80
N ASN D 258 7.89 3.09 43.78
CA ASN D 258 6.88 2.06 44.02
C ASN D 258 7.55 0.74 44.38
N GLU D 259 8.50 0.28 43.56
CA GLU D 259 9.06 -1.04 43.74
C GLU D 259 10.01 -1.12 44.92
N ALA D 260 10.53 0.00 45.39
CA ALA D 260 11.29 -0.03 46.63
C ALA D 260 10.40 -0.29 47.83
N ALA D 261 9.12 0.05 47.74
CA ALA D 261 8.19 -0.35 48.79
C ALA D 261 7.79 -1.81 48.64
N LEU D 262 7.73 -2.33 47.42
CA LEU D 262 7.38 -3.73 47.23
C LEU D 262 8.54 -4.65 47.60
N ILE D 263 9.78 -4.20 47.37
CA ILE D 263 10.94 -4.94 47.85
C ILE D 263 11.00 -4.93 49.37
N ALA D 264 10.68 -3.79 49.98
CA ALA D 264 10.65 -3.68 51.43
C ALA D 264 9.57 -4.54 52.05
N ALA D 265 8.50 -4.82 51.32
CA ALA D 265 7.42 -5.62 51.85
C ALA D 265 7.59 -7.10 51.58
N ARG D 266 8.49 -7.50 50.69
CA ARG D 266 8.82 -8.92 50.61
C ARG D 266 9.60 -9.36 51.84
N HIS D 267 10.50 -8.52 52.32
CA HIS D 267 11.35 -8.84 53.45
C HIS D 267 10.68 -8.55 54.79
N LEU D 268 9.39 -8.22 54.79
CA LEU D 268 8.58 -7.96 55.98
C LEU D 268 9.14 -6.82 56.82
N SER D 269 9.76 -5.84 56.17
CA SER D 269 10.41 -4.77 56.90
C SER D 269 9.41 -3.69 57.30
N ASP D 270 9.66 -3.06 58.44
CA ASP D 270 8.78 -2.02 58.94
C ASP D 270 8.98 -0.68 58.25
N SER D 271 10.14 -0.45 57.65
CA SER D 271 10.41 0.83 57.02
C SER D 271 11.35 0.60 55.84
N ILE D 272 11.22 1.46 54.84
CA ILE D 272 11.95 1.28 53.59
C ILE D 272 13.38 1.81 53.77
N ASN D 273 14.35 0.93 53.60
CA ASN D 273 15.76 1.27 53.72
C ASN D 273 16.26 1.86 52.41
N GLN D 274 17.44 2.48 52.46
CA GLN D 274 18.09 2.92 51.22
C GLN D 274 18.55 1.74 50.39
N LYS D 275 18.91 0.62 51.04
CA LYS D 275 19.26 -0.60 50.34
C LYS D 275 18.09 -1.15 49.53
N HIS D 276 16.87 -0.91 50.00
CA HIS D 276 15.69 -1.30 49.26
C HIS D 276 15.47 -0.45 48.03
N PHE D 277 16.05 0.75 47.98
CA PHE D 277 16.01 1.54 46.76
C PHE D 277 17.00 1.03 45.73
N GLU D 278 18.20 0.65 46.18
CA GLU D 278 19.23 0.22 45.25
C GLU D 278 18.91 -1.13 44.63
N GLN D 279 18.05 -1.93 45.24
CA GLN D 279 17.55 -3.14 44.61
C GLN D 279 16.42 -2.86 43.65
N ALA D 280 15.85 -1.65 43.67
CA ALA D 280 14.80 -1.29 42.74
C ALA D 280 15.36 -0.57 41.51
N ILE D 281 16.46 0.16 41.67
CA ILE D 281 17.12 0.75 40.52
C ILE D 281 17.74 -0.34 39.66
N GLU D 282 18.27 -1.37 40.30
CA GLU D 282 18.86 -2.50 39.58
C GLU D 282 17.81 -3.36 38.89
N ARG D 283 16.64 -3.51 39.52
CA ARG D 283 15.61 -4.38 38.97
C ARG D 283 14.95 -3.78 37.73
N VAL D 284 14.80 -2.45 37.71
CA VAL D 284 14.22 -1.81 36.54
C VAL D 284 15.19 -1.80 35.37
N ILE D 285 16.46 -1.51 35.64
CA ILE D 285 17.45 -1.48 34.57
C ILE D 285 17.79 -2.90 34.11
N GLY D 286 18.06 -3.79 35.04
CA GLY D 286 18.59 -5.10 34.70
C GLY D 286 17.59 -6.12 34.21
N GLY D 287 16.48 -6.26 34.91
CA GLY D 287 15.51 -7.29 34.64
C GLY D 287 15.43 -8.29 35.78
N LEU D 288 14.71 -9.37 35.53
CA LEU D 288 14.55 -10.40 36.54
C LEU D 288 15.85 -11.15 36.73
N GLU D 289 16.13 -11.51 37.97
CA GLU D 289 17.44 -12.03 38.36
C GLU D 289 17.31 -13.51 38.70
N LYS D 290 17.67 -14.37 37.76
CA LYS D 290 17.54 -15.81 37.91
C LYS D 290 18.71 -16.34 38.73
N LYS D 291 18.43 -16.76 39.96
CA LYS D 291 19.45 -17.38 40.78
C LYS D 291 19.56 -18.89 40.57
N THR D 292 18.47 -19.53 40.16
CA THR D 292 18.45 -20.98 40.02
C THR D 292 18.92 -21.46 38.66
N GLN D 293 18.97 -20.59 37.66
CA GLN D 293 19.42 -21.01 36.34
C GLN D 293 20.93 -21.19 36.35
N VAL D 294 21.38 -22.39 36.69
CA VAL D 294 22.80 -22.60 36.88
C VAL D 294 23.49 -22.82 35.54
N LEU D 295 24.78 -22.54 35.52
CA LEU D 295 25.62 -22.75 34.36
C LEU D 295 26.62 -23.86 34.67
N GLN D 296 27.26 -24.37 33.62
CA GLN D 296 28.27 -25.37 33.81
C GLN D 296 29.56 -24.72 34.34
N PRO D 297 30.42 -25.49 35.01
CA PRO D 297 31.67 -24.92 35.53
C PRO D 297 32.64 -24.46 34.46
N GLU D 298 32.49 -24.91 33.22
CA GLU D 298 33.24 -24.32 32.12
C GLU D 298 32.47 -23.20 31.44
N GLU D 299 31.22 -22.98 31.82
CA GLU D 299 30.47 -21.83 31.35
C GLU D 299 30.63 -20.63 32.28
N LYS D 300 30.56 -20.86 33.60
CA LYS D 300 30.79 -19.80 34.56
C LYS D 300 32.21 -19.26 34.47
N LYS D 301 33.16 -20.10 34.11
CA LYS D 301 34.53 -19.64 33.89
C LYS D 301 34.61 -18.73 32.67
N THR D 302 33.71 -18.92 31.71
CA THR D 302 33.70 -18.06 30.52
C THR D 302 32.95 -16.75 30.79
N VAL D 303 31.82 -16.83 31.51
CA VAL D 303 31.04 -15.65 31.80
C VAL D 303 31.78 -14.73 32.75
N ALA D 304 32.54 -15.29 33.69
CA ALA D 304 33.29 -14.47 34.63
C ALA D 304 34.43 -13.75 33.94
N TYR D 305 35.10 -14.40 32.98
CA TYR D 305 36.11 -13.70 32.20
C TYR D 305 35.50 -12.69 31.25
N HIS D 306 34.26 -12.90 30.83
CA HIS D 306 33.60 -11.90 29.98
C HIS D 306 33.23 -10.68 30.79
N GLN D 307 32.65 -10.87 31.97
CA GLN D 307 32.20 -9.74 32.79
C GLN D 307 33.36 -9.00 33.41
N ALA D 308 34.48 -9.69 33.69
CA ALA D 308 35.65 -8.99 34.18
C ALA D 308 36.29 -8.14 33.10
N GLY D 309 36.03 -8.43 31.83
CA GLY D 309 36.47 -7.55 30.77
C GLY D 309 35.69 -6.26 30.74
N HIS D 310 34.39 -6.33 31.05
CA HIS D 310 33.60 -5.11 31.17
C HIS D 310 33.97 -4.33 32.42
N ALA D 311 34.38 -5.03 33.48
CA ALA D 311 34.72 -4.37 34.74
C ALA D 311 36.05 -3.65 34.64
N VAL D 312 37.10 -4.36 34.21
CA VAL D 312 38.44 -3.81 34.28
C VAL D 312 38.66 -2.74 33.20
N ALA D 313 38.10 -2.93 32.00
CA ALA D 313 38.22 -1.91 30.97
C ALA D 313 37.39 -0.68 31.31
N GLY D 314 36.23 -0.87 31.92
CA GLY D 314 35.49 0.26 32.45
C GLY D 314 36.15 0.92 33.65
N TRP D 315 37.07 0.22 34.30
CA TRP D 315 37.73 0.78 35.46
C TRP D 315 38.88 1.69 35.07
N TYR D 316 39.65 1.31 34.05
CA TYR D 316 40.89 2.03 33.73
C TYR D 316 40.75 3.03 32.59
N LEU D 317 39.62 3.07 31.91
CA LEU D 317 39.38 4.10 30.91
C LEU D 317 38.85 5.37 31.57
N GLU D 318 39.18 6.51 30.99
CA GLU D 318 38.85 7.79 31.61
C GLU D 318 37.37 8.12 31.46
N HIS D 319 36.90 8.24 30.23
CA HIS D 319 35.56 8.73 29.96
C HIS D 319 34.50 7.63 29.99
N ALA D 320 34.84 6.45 30.50
CA ALA D 320 33.84 5.41 30.67
C ALA D 320 32.98 5.72 31.90
N ASP D 321 31.86 5.03 31.99
CA ASP D 321 30.93 5.27 33.08
C ASP D 321 31.48 4.73 34.38
N PRO D 322 31.20 5.39 35.50
CA PRO D 322 31.53 4.80 36.81
C PRO D 322 30.67 3.57 37.06
N LEU D 323 31.32 2.53 37.58
CA LEU D 323 30.71 1.23 37.73
C LEU D 323 30.08 1.09 39.11
N LEU D 324 28.94 0.43 39.17
CA LEU D 324 28.31 0.11 40.45
C LEU D 324 28.55 -1.34 40.86
N LYS D 325 28.17 -2.29 40.01
CA LYS D 325 28.17 -3.69 40.44
C LYS D 325 28.23 -4.62 39.24
N VAL D 326 29.09 -5.64 39.33
CA VAL D 326 29.25 -6.65 38.29
C VAL D 326 28.80 -7.98 38.86
N SER D 327 27.94 -8.69 38.14
CA SER D 327 27.46 -9.99 38.56
C SER D 327 27.66 -11.00 37.45
N ILE D 328 27.72 -12.28 37.84
CA ILE D 328 27.73 -13.38 36.88
C ILE D 328 26.49 -14.23 37.01
N ILE D 329 25.51 -13.78 37.78
CA ILE D 329 24.25 -14.52 37.95
C ILE D 329 23.40 -14.19 36.74
N PRO D 330 22.66 -15.14 36.15
CA PRO D 330 21.83 -14.82 34.98
C PRO D 330 20.70 -13.85 35.31
N ARG D 331 20.65 -12.76 34.57
CA ARG D 331 19.67 -11.70 34.78
C ARG D 331 19.02 -11.35 33.44
N GLY D 332 17.79 -11.80 33.24
CA GLY D 332 17.09 -11.51 32.00
C GLY D 332 17.70 -12.28 30.83
N LYS D 333 17.65 -11.66 29.65
CA LYS D 333 18.34 -12.20 28.48
C LYS D 333 19.82 -11.93 28.66
N GLY D 334 20.48 -12.80 29.41
CA GLY D 334 21.88 -12.59 29.71
C GLY D 334 22.41 -13.54 30.75
N LEU D 335 23.68 -13.90 30.64
CA LEU D 335 24.30 -14.79 31.60
C LEU D 335 24.98 -14.02 32.72
N GLY D 336 25.67 -12.94 32.38
CA GLY D 336 26.19 -12.02 33.37
C GLY D 336 25.34 -10.77 33.44
N TYR D 337 25.81 -9.82 34.24
CA TYR D 337 25.16 -8.52 34.33
C TYR D 337 26.14 -7.50 34.89
N ALA D 338 26.21 -6.35 34.23
CA ALA D 338 26.98 -5.22 34.72
C ALA D 338 26.03 -4.06 34.99
N GLN D 339 26.35 -3.27 36.03
CA GLN D 339 25.52 -2.18 36.49
C GLN D 339 26.36 -0.91 36.49
N TYR D 340 26.05 0.01 35.59
CA TYR D 340 26.81 1.23 35.44
C TYR D 340 26.00 2.44 35.85
N LEU D 341 26.70 3.54 36.09
CA LEU D 341 26.12 4.84 36.39
C LEU D 341 26.41 5.75 35.20
N PRO D 342 25.50 5.86 34.23
CA PRO D 342 25.76 6.70 33.07
C PRO D 342 25.87 8.17 33.44
N LYS D 343 26.90 8.82 32.92
CA LYS D 343 27.10 10.24 33.19
C LYS D 343 26.01 11.05 32.49
N GLU D 344 25.26 11.82 33.27
CA GLU D 344 24.32 12.77 32.68
C GLU D 344 25.11 13.88 32.04
N GLN D 345 25.24 13.81 30.73
CA GLN D 345 25.90 14.87 29.99
C GLN D 345 25.28 14.90 28.61
N TYR D 346 25.29 16.09 28.01
CA TYR D 346 24.52 16.34 26.80
C TYR D 346 25.40 16.49 25.57
N LEU D 347 26.72 16.47 25.75
CA LEU D 347 27.66 16.74 24.67
C LEU D 347 28.74 15.65 24.72
N TYR D 348 28.51 14.56 24.01
CA TYR D 348 29.52 13.54 23.86
C TYR D 348 30.57 14.00 22.86
N THR D 349 31.84 13.78 23.18
CA THR D 349 32.89 14.12 22.25
C THR D 349 33.30 12.87 21.50
N LYS D 350 34.38 12.98 20.72
CA LYS D 350 34.86 11.83 19.97
C LYS D 350 35.59 10.85 20.85
N GLU D 351 36.26 11.34 21.89
CA GLU D 351 36.94 10.46 22.83
C GLU D 351 35.98 9.82 23.81
N GLN D 352 34.93 10.53 24.19
CA GLN D 352 33.99 9.99 25.16
C GLN D 352 33.11 8.90 24.56
N LEU D 353 33.08 8.78 23.24
CA LEU D 353 32.35 7.70 22.58
C LEU D 353 33.25 6.52 22.27
N LEU D 354 34.55 6.76 22.08
CA LEU D 354 35.49 5.66 21.92
C LEU D 354 35.64 4.89 23.22
N ASP D 355 35.70 5.58 24.35
CA ASP D 355 35.85 4.91 25.63
C ASP D 355 34.60 4.16 26.05
N ARG D 356 33.44 4.53 25.50
CA ARG D 356 32.26 3.71 25.70
C ARG D 356 32.26 2.50 24.79
N MET D 357 32.92 2.60 23.63
CA MET D 357 33.05 1.44 22.73
C MET D 357 34.14 0.51 23.19
N CYS D 358 35.26 1.06 23.68
CA CYS D 358 36.33 0.22 24.20
C CYS D 358 35.94 -0.50 25.47
N MET D 359 34.92 -0.02 26.18
CA MET D 359 34.40 -0.73 27.33
C MET D 359 33.47 -1.86 26.91
N THR D 360 32.70 -1.65 25.85
CA THR D 360 31.75 -2.67 25.43
C THR D 360 32.45 -3.81 24.70
N LEU D 361 33.49 -3.49 23.93
CA LEU D 361 34.29 -4.52 23.29
C LEU D 361 35.20 -5.27 24.24
N GLY D 362 35.33 -4.80 25.49
CA GLY D 362 36.22 -5.43 26.44
C GLY D 362 35.81 -6.82 26.86
N GLY D 363 34.57 -7.20 26.63
CA GLY D 363 34.13 -8.52 26.98
C GLY D 363 34.61 -9.60 26.02
N ARG D 364 34.59 -9.32 24.72
CA ARG D 364 35.14 -10.29 23.77
C ARG D 364 36.65 -10.35 23.87
N VAL D 365 37.30 -9.22 24.18
CA VAL D 365 38.75 -9.17 24.27
C VAL D 365 39.27 -10.04 25.40
N SER D 366 38.58 -10.02 26.54
CA SER D 366 39.07 -10.73 27.71
C SER D 366 38.92 -12.24 27.57
N GLU D 367 37.82 -12.70 26.97
CA GLU D 367 37.67 -14.14 26.75
C GLU D 367 38.41 -14.62 25.52
N GLU D 368 39.10 -13.73 24.81
CA GLU D 368 39.97 -14.10 23.71
C GLU D 368 41.44 -14.10 24.11
N ILE D 369 41.82 -13.25 25.07
CA ILE D 369 43.17 -13.31 25.62
C ILE D 369 43.35 -14.57 26.45
N PHE D 370 42.36 -14.89 27.27
CA PHE D 370 42.50 -16.00 28.21
C PHE D 370 42.25 -17.35 27.56
N PHE D 371 41.24 -17.44 26.69
CA PHE D 371 40.86 -18.72 26.12
C PHE D 371 41.42 -18.93 24.71
N GLY D 372 41.25 -17.95 23.84
CA GLY D 372 41.53 -18.14 22.43
C GLY D 372 40.24 -18.37 21.68
N ARG D 373 39.30 -19.06 22.30
CA ARG D 373 37.98 -19.24 21.74
C ARG D 373 37.14 -17.99 21.97
N ILE D 374 36.31 -17.65 20.99
CA ILE D 374 35.35 -16.58 21.13
C ILE D 374 33.95 -17.18 21.03
N THR D 375 33.03 -16.66 21.83
CA THR D 375 31.72 -17.26 21.99
C THR D 375 30.67 -16.40 21.28
N THR D 376 29.43 -16.85 21.36
CA THR D 376 28.30 -16.08 20.86
C THR D 376 27.70 -15.18 21.93
N GLY D 377 28.32 -15.11 23.11
CA GLY D 377 27.76 -14.29 24.17
C GLY D 377 27.96 -12.80 23.98
N ALA D 378 28.88 -12.41 23.12
CA ALA D 378 29.12 -11.00 22.85
C ALA D 378 28.30 -10.49 21.68
N GLN D 379 27.12 -11.08 21.43
CA GLN D 379 26.28 -10.59 20.36
C GLN D 379 25.69 -9.23 20.68
N ASP D 380 25.08 -9.09 21.86
CA ASP D 380 24.50 -7.81 22.24
C ASP D 380 25.57 -6.78 22.58
N ASP D 381 26.80 -7.22 22.87
CA ASP D 381 27.90 -6.26 22.97
C ASP D 381 28.31 -5.74 21.61
N LEU D 382 28.05 -6.48 20.54
CA LEU D 382 28.40 -6.01 19.20
C LEU D 382 27.29 -5.24 18.52
N ARG D 383 26.03 -5.39 18.96
CA ARG D 383 24.98 -4.56 18.39
C ARG D 383 25.05 -3.14 18.92
N LYS D 384 25.59 -2.93 20.11
CA LYS D 384 25.81 -1.58 20.60
C LYS D 384 26.98 -0.92 19.90
N VAL D 385 28.01 -1.69 19.59
CA VAL D 385 29.20 -1.13 18.94
C VAL D 385 28.89 -0.76 17.50
N THR D 386 28.08 -1.58 16.84
CA THR D 386 27.68 -1.29 15.46
C THR D 386 26.80 -0.05 15.39
N GLN D 387 25.80 0.05 16.25
CA GLN D 387 24.90 1.19 16.24
C GLN D 387 25.57 2.47 16.72
N SER D 388 26.63 2.37 17.49
CA SER D 388 27.38 3.55 17.91
C SER D 388 28.49 3.90 16.93
N ALA D 389 28.61 3.17 15.83
CA ALA D 389 29.57 3.49 14.78
C ALA D 389 28.91 4.04 13.53
N TYR D 390 27.71 3.57 13.21
CA TYR D 390 26.89 4.26 12.22
C TYR D 390 26.52 5.65 12.70
N ALA D 391 26.23 5.80 13.99
CA ALA D 391 25.78 7.08 14.51
C ALA D 391 26.87 8.12 14.48
N GLN D 392 28.14 7.73 14.63
CA GLN D 392 29.20 8.71 14.52
C GLN D 392 29.44 9.11 13.08
N ILE D 393 29.30 8.18 12.15
CA ILE D 393 29.69 8.41 10.77
C ILE D 393 28.53 8.92 9.94
N VAL D 394 27.38 8.25 10.02
CA VAL D 394 26.24 8.66 9.21
C VAL D 394 25.54 9.85 9.83
N GLN D 395 25.21 9.76 11.11
CA GLN D 395 24.25 10.67 11.74
C GLN D 395 24.91 11.89 12.35
N PHE D 396 26.04 11.72 13.00
CA PHE D 396 26.83 12.86 13.47
C PHE D 396 27.82 13.17 12.37
N GLY D 397 28.83 13.99 12.66
CA GLY D 397 29.79 14.29 11.62
C GLY D 397 31.19 13.90 12.01
N MET D 398 31.34 12.75 12.66
CA MET D 398 32.56 12.41 13.36
C MET D 398 33.63 11.81 12.45
N ASN D 399 33.52 11.99 11.13
CA ASN D 399 34.38 11.27 10.20
C ASN D 399 34.88 12.20 9.10
N GLU D 400 36.08 11.92 8.61
CA GLU D 400 36.71 12.73 7.58
C GLU D 400 36.37 12.28 6.17
N LYS D 401 36.34 10.96 5.94
CA LYS D 401 36.15 10.45 4.58
C LYS D 401 34.72 10.65 4.10
N VAL D 402 33.74 10.37 4.97
CA VAL D 402 32.35 10.62 4.63
C VAL D 402 32.08 12.12 4.59
N GLY D 403 32.71 12.87 5.46
CA GLY D 403 32.51 14.31 5.51
C GLY D 403 31.54 14.68 6.61
N GLN D 404 31.23 15.97 6.66
CA GLN D 404 30.38 16.50 7.71
C GLN D 404 28.92 16.55 7.23
N ILE D 405 28.42 15.36 6.96
CA ILE D 405 27.10 15.16 6.37
C ILE D 405 26.27 14.36 7.36
N SER D 406 25.04 14.79 7.60
CA SER D 406 24.15 14.11 8.52
C SER D 406 22.95 13.55 7.78
N PHE D 407 22.60 12.31 8.10
CA PHE D 407 21.50 11.60 7.49
C PHE D 407 20.61 11.06 8.59
N ASP D 408 19.33 10.90 8.28
CA ASP D 408 18.39 10.36 9.26
C ASP D 408 18.57 8.85 9.28
N LEU D 409 19.27 8.36 10.30
CA LEU D 409 19.59 6.95 10.40
C LEU D 409 18.36 6.17 10.87
N PRO D 410 18.02 5.05 10.23
CA PRO D 410 16.79 4.34 10.61
C PRO D 410 16.95 3.58 11.92
N ARG D 411 15.86 3.54 12.68
CA ARG D 411 15.86 2.87 13.97
C ARG D 411 15.57 1.39 13.79
N GLN D 412 15.40 0.67 14.90
CA GLN D 412 15.17 -0.77 14.83
C GLN D 412 13.75 -1.08 14.37
N GLY D 413 12.79 -0.25 14.76
CA GLY D 413 11.41 -0.45 14.37
C GLY D 413 11.05 0.31 13.10
N ASP D 414 12.06 0.74 12.36
CA ASP D 414 11.88 1.46 11.11
C ASP D 414 12.38 0.55 9.99
N MET D 415 11.43 -0.06 9.26
CA MET D 415 11.79 -0.86 8.10
C MET D 415 12.24 0.08 6.99
N VAL D 416 13.55 0.06 6.72
CA VAL D 416 14.15 1.02 5.79
C VAL D 416 13.76 0.65 4.36
N LEU D 417 13.28 1.65 3.61
CA LEU D 417 12.88 1.42 2.23
C LEU D 417 14.08 1.51 1.30
N GLU D 418 14.79 2.63 1.33
CA GLU D 418 15.95 2.82 0.47
C GLU D 418 16.84 3.87 1.11
N LYS D 419 18.15 3.75 0.90
CA LYS D 419 19.09 4.66 1.53
C LYS D 419 18.96 6.07 0.96
N PRO D 420 19.15 7.10 1.77
CA PRO D 420 19.09 8.47 1.27
C PRO D 420 20.33 8.94 0.53
N TYR D 421 21.23 8.04 0.16
CA TYR D 421 22.48 8.36 -0.51
C TYR D 421 22.79 7.22 -1.47
N SER D 422 23.96 7.31 -2.11
CA SER D 422 24.30 6.41 -3.19
C SER D 422 24.73 5.05 -2.64
N GLU D 423 25.22 4.20 -3.53
CA GLU D 423 25.81 2.94 -3.11
C GLU D 423 27.31 3.08 -2.86
N ALA D 424 27.99 3.93 -3.63
CA ALA D 424 29.41 4.19 -3.39
C ALA D 424 29.64 5.02 -2.14
N THR D 425 28.59 5.63 -1.59
CA THR D 425 28.68 6.23 -0.27
C THR D 425 28.45 5.17 0.80
N ALA D 426 27.51 4.25 0.56
CA ALA D 426 27.30 3.14 1.49
C ALA D 426 28.48 2.19 1.52
N ARG D 427 29.20 2.06 0.39
CA ARG D 427 30.47 1.37 0.42
C ARG D 427 31.50 2.16 1.22
N LEU D 428 31.45 3.48 1.14
CA LEU D 428 32.38 4.32 1.89
C LEU D 428 32.08 4.31 3.38
N ILE D 429 30.82 4.14 3.75
CA ILE D 429 30.45 4.15 5.17
C ILE D 429 30.90 2.86 5.84
N ASP D 430 30.54 1.71 5.25
CA ASP D 430 30.84 0.42 5.86
C ASP D 430 32.32 0.08 5.87
N ASP D 431 33.11 0.75 5.04
CA ASP D 431 34.56 0.65 5.21
C ASP D 431 35.00 1.39 6.46
N GLU D 432 34.46 2.58 6.71
CA GLU D 432 34.88 3.39 7.83
C GLU D 432 34.38 2.88 9.17
N VAL D 433 33.27 2.14 9.18
CA VAL D 433 32.84 1.47 10.40
C VAL D 433 33.81 0.35 10.75
N ARG D 434 34.31 -0.38 9.75
CA ARG D 434 35.29 -1.41 9.99
C ARG D 434 36.61 -0.83 10.48
N ILE D 435 37.00 0.33 9.97
CA ILE D 435 38.21 0.98 10.46
C ILE D 435 37.99 1.49 11.87
N LEU D 436 36.75 1.85 12.19
CA LEU D 436 36.46 2.42 13.51
C LEU D 436 36.47 1.35 14.60
N ILE D 437 35.76 0.24 14.36
CA ILE D 437 35.64 -0.79 15.38
C ILE D 437 36.96 -1.53 15.57
N ASN D 438 37.67 -1.81 14.46
CA ASN D 438 38.98 -2.44 14.60
C ASN D 438 40.06 -1.51 15.10
N ASP D 439 39.80 -0.20 15.22
CA ASP D 439 40.66 0.62 16.04
C ASP D 439 40.20 0.67 17.49
N ALA D 440 38.92 0.43 17.75
CA ALA D 440 38.46 0.25 19.11
C ALA D 440 38.82 -1.13 19.64
N TYR D 441 38.95 -2.11 18.76
CA TYR D 441 39.30 -3.45 19.19
C TYR D 441 40.78 -3.53 19.57
N LYS D 442 41.65 -2.96 18.74
CA LYS D 442 43.07 -2.96 19.01
C LYS D 442 43.43 -2.08 20.21
N ARG D 443 42.62 -1.08 20.51
CA ARG D 443 42.88 -0.25 21.68
C ARG D 443 42.52 -0.98 22.96
N THR D 444 41.59 -1.91 22.90
CA THR D 444 41.21 -2.69 24.07
C THR D 444 42.09 -3.91 24.26
N VAL D 445 42.56 -4.52 23.16
CA VAL D 445 43.53 -5.61 23.25
C VAL D 445 44.84 -5.10 23.83
N ALA D 446 45.23 -3.88 23.48
CA ALA D 446 46.38 -3.25 24.11
C ALA D 446 46.10 -2.82 25.54
N LEU D 447 44.85 -2.83 25.98
CA LEU D 447 44.50 -2.46 27.33
C LEU D 447 44.48 -3.66 28.27
N LEU D 448 43.79 -4.73 27.89
CA LEU D 448 43.64 -5.89 28.75
C LEU D 448 44.80 -6.88 28.64
N THR D 449 45.88 -6.52 27.96
CA THR D 449 47.13 -7.25 28.09
C THR D 449 48.12 -6.55 29.02
N GLU D 450 48.11 -5.22 29.04
CA GLU D 450 48.84 -4.49 30.06
C GLU D 450 48.22 -4.71 31.43
N LYS D 451 46.90 -4.84 31.48
CA LYS D 451 46.16 -5.09 32.72
C LYS D 451 45.62 -6.51 32.74
N LYS D 452 46.42 -7.46 32.28
CA LYS D 452 45.96 -8.84 32.15
C LYS D 452 45.80 -9.50 33.52
N ALA D 453 46.69 -9.18 34.45
CA ALA D 453 46.61 -9.79 35.77
C ALA D 453 45.43 -9.29 36.57
N ASP D 454 45.03 -8.04 36.36
CA ASP D 454 43.92 -7.46 37.09
C ASP D 454 42.58 -8.04 36.65
N VAL D 455 42.48 -8.47 35.40
CA VAL D 455 41.26 -9.12 34.93
C VAL D 455 41.10 -10.48 35.60
N GLU D 456 42.23 -11.17 35.82
CA GLU D 456 42.18 -12.45 36.49
C GLU D 456 41.87 -12.32 37.97
N LYS D 457 42.28 -11.21 38.60
CA LYS D 457 41.93 -10.96 39.99
C LYS D 457 40.43 -10.77 40.16
N VAL D 458 39.80 -10.08 39.20
CA VAL D 458 38.38 -9.74 39.33
C VAL D 458 37.51 -10.97 39.12
N ALA D 459 37.82 -11.77 38.10
CA ALA D 459 36.96 -12.88 37.75
C ALA D 459 37.10 -14.06 38.70
N LEU D 460 38.25 -14.20 39.36
CA LEU D 460 38.37 -15.27 40.36
C LEU D 460 37.54 -14.95 41.60
N LEU D 461 37.34 -13.68 41.92
CA LEU D 461 36.38 -13.38 42.97
C LEU D 461 34.95 -13.54 42.49
N LEU D 462 34.72 -13.32 41.19
CA LEU D 462 33.38 -13.50 40.63
C LEU D 462 32.94 -14.95 40.68
N LEU D 463 33.88 -15.89 40.59
CA LEU D 463 33.53 -17.29 40.74
C LEU D 463 33.32 -17.65 42.21
N GLU D 464 33.97 -16.94 43.13
CA GLU D 464 33.73 -17.16 44.55
C GLU D 464 32.49 -16.42 45.02
N LYS D 465 32.51 -15.10 44.94
CA LYS D 465 31.39 -14.25 45.30
C LYS D 465 30.74 -13.78 44.00
N GLU D 466 29.49 -14.17 43.77
CA GLU D 466 28.88 -14.01 42.45
C GLU D 466 28.62 -12.57 42.08
N VAL D 467 28.65 -11.64 43.04
CA VAL D 467 28.58 -10.22 42.72
C VAL D 467 29.82 -9.54 43.26
N LEU D 468 30.09 -8.35 42.73
CA LEU D 468 31.13 -7.48 43.24
C LEU D 468 30.59 -6.07 43.29
N ASP D 469 30.67 -5.43 44.44
CA ASP D 469 30.21 -4.05 44.62
C ASP D 469 31.32 -3.13 44.10
N LYS D 470 31.17 -1.82 44.29
CA LYS D 470 32.28 -0.94 43.96
C LYS D 470 33.36 -0.99 45.04
N ASN D 471 32.97 -1.29 46.28
CA ASN D 471 33.92 -1.25 47.40
C ASN D 471 34.94 -2.37 47.33
N ASP D 472 34.50 -3.58 47.03
CA ASP D 472 35.43 -4.70 46.93
C ASP D 472 36.19 -4.73 45.61
N MET D 473 35.89 -3.83 44.68
CA MET D 473 36.80 -3.59 43.58
C MET D 473 37.79 -2.48 43.89
N VAL D 474 37.49 -1.63 44.86
CA VAL D 474 38.52 -0.77 45.42
C VAL D 474 39.49 -1.61 46.24
N GLU D 475 38.98 -2.66 46.88
CA GLU D 475 39.84 -3.55 47.66
C GLU D 475 40.79 -4.35 46.78
N LEU D 476 40.42 -4.59 45.52
CA LEU D 476 41.29 -5.26 44.57
C LEU D 476 42.22 -4.29 43.86
N LEU D 477 41.65 -3.30 43.19
CA LEU D 477 42.34 -2.51 42.21
C LEU D 477 42.79 -1.15 42.75
N GLY D 478 42.57 -0.88 44.03
CA GLY D 478 42.86 0.41 44.59
C GLY D 478 41.78 1.40 44.22
N PRO D 479 41.99 2.68 44.51
CA PRO D 479 41.07 3.69 44.03
C PRO D 479 41.23 3.87 42.53
N ARG D 480 40.11 4.18 41.87
CA ARG D 480 40.12 4.38 40.43
C ARG D 480 40.91 5.63 40.07
N PRO D 481 41.85 5.56 39.13
CA PRO D 481 42.76 6.70 38.93
C PRO D 481 42.18 7.84 38.10
N PHE D 482 40.92 8.21 38.35
CA PHE D 482 40.29 9.34 37.68
C PHE D 482 39.31 9.97 38.65
N ALA D 483 39.10 11.26 38.49
CA ALA D 483 38.13 11.96 39.31
C ALA D 483 36.71 11.57 38.89
N GLU D 484 35.97 10.99 39.83
CA GLU D 484 34.61 10.54 39.57
C GLU D 484 33.67 11.25 40.53
N LYS D 485 32.57 11.77 39.99
CA LYS D 485 31.58 12.50 40.77
C LYS D 485 30.41 11.57 41.04
N SER D 486 29.95 11.54 42.29
CA SER D 486 29.02 10.51 42.71
C SER D 486 27.79 11.01 43.46
N THR D 487 27.82 12.20 44.04
CA THR D 487 26.71 12.68 44.84
C THR D 487 25.92 13.76 44.10
N TYR D 488 24.73 14.05 44.63
CA TYR D 488 23.90 15.11 44.08
C TYR D 488 24.57 16.46 44.20
N GLU D 489 25.11 16.76 45.37
CA GLU D 489 25.74 18.05 45.62
C GLU D 489 27.02 18.24 44.82
N GLU D 490 27.60 17.15 44.32
CA GLU D 490 28.74 17.25 43.41
C GLU D 490 28.29 17.34 41.95
N PHE D 491 27.15 16.75 41.62
CA PHE D 491 26.62 16.88 40.26
C PHE D 491 26.04 18.26 39.98
N VAL D 492 25.72 19.03 41.01
CA VAL D 492 24.96 20.26 40.84
C VAL D 492 25.80 21.51 41.06
N GLU D 493 26.83 21.46 41.90
CA GLU D 493 27.51 22.62 42.50
C GLU D 493 28.12 23.60 41.49
N GLY D 494 28.23 23.23 40.21
CA GLY D 494 28.73 24.18 39.24
C GLY D 494 27.73 25.26 38.90
N THR D 495 26.44 24.97 39.02
CA THR D 495 25.42 25.93 38.63
C THR D 495 25.27 27.02 39.67
N GLY D 496 24.87 26.65 40.89
CA GLY D 496 24.71 27.63 41.94
C GLY D 496 23.29 27.86 42.38
N SER D 497 22.47 26.84 42.33
CA SER D 497 21.12 26.99 42.87
C SER D 497 20.74 25.89 43.85
N LEU D 498 21.20 24.64 43.63
CA LEU D 498 21.12 23.47 44.49
C LEU D 498 19.71 22.88 44.59
N ASP D 499 18.71 23.58 44.06
CA ASP D 499 17.32 23.14 44.08
C ASP D 499 16.66 23.56 42.78
N GLU D 500 15.41 23.16 42.62
CA GLU D 500 14.60 23.56 41.48
C GLU D 500 13.59 24.57 41.99
N ASP D 501 13.74 25.83 41.57
CA ASP D 501 12.90 26.89 42.12
C ASP D 501 11.50 26.83 41.52
N THR D 502 10.52 26.55 42.37
CA THR D 502 9.12 26.63 41.99
C THR D 502 8.55 28.00 42.31
N SER D 503 9.26 29.04 41.88
CA SER D 503 8.91 30.41 42.19
C SER D 503 7.95 30.91 41.13
N LEU D 504 6.67 30.90 41.44
CA LEU D 504 5.65 31.41 40.54
C LEU D 504 5.78 32.93 40.41
N PRO D 505 5.37 33.50 39.28
CA PRO D 505 5.49 34.96 39.10
C PRO D 505 4.49 35.75 39.92
N GLU D 506 4.47 37.06 39.72
CA GLU D 506 3.63 37.93 40.55
C GLU D 506 2.15 37.74 40.22
N GLY D 507 1.83 37.53 38.95
CA GLY D 507 0.45 37.41 38.55
C GLY D 507 -0.12 36.02 38.64
N LEU D 508 0.66 35.06 39.13
CA LEU D 508 0.18 33.69 39.31
C LEU D 508 0.10 33.31 40.78
N LYS D 509 0.10 34.30 41.68
CA LYS D 509 0.12 34.03 43.12
C LYS D 509 -1.27 33.71 43.66
N ASP D 510 -1.82 32.62 43.15
CA ASP D 510 -2.99 31.98 43.72
C ASP D 510 -2.68 30.54 44.11
N TRP D 511 -1.47 30.08 43.85
CA TRP D 511 -1.07 28.71 44.12
C TRP D 511 0.14 28.70 45.04
N PHE E 21 -22.89 -3.45 15.38
CA PHE E 21 -22.75 -4.60 14.49
C PHE E 21 -21.83 -5.62 15.17
N SER E 22 -21.90 -6.88 14.72
CA SER E 22 -21.13 -7.97 15.34
C SER E 22 -19.63 -7.78 15.18
N VAL E 23 -19.21 -7.06 14.14
CA VAL E 23 -17.82 -6.61 14.06
C VAL E 23 -17.69 -5.36 14.91
N GLY E 24 -16.84 -5.42 15.92
CA GLY E 24 -16.67 -4.30 16.82
C GLY E 24 -16.54 -4.69 18.27
N GLU E 25 -17.18 -5.79 18.66
CA GLU E 25 -17.03 -6.30 20.01
C GLU E 25 -15.68 -6.97 20.18
N THR E 26 -15.25 -7.09 21.44
CA THR E 26 -13.89 -7.49 21.76
C THR E 26 -13.65 -8.99 21.63
N THR E 27 -14.71 -9.80 21.51
CA THR E 27 -14.77 -11.27 21.50
C THR E 27 -13.81 -11.96 22.48
N ALA E 28 -13.63 -11.35 23.65
CA ALA E 28 -12.77 -11.88 24.70
C ALA E 28 -13.65 -12.60 25.73
N LYS E 29 -13.48 -13.90 25.85
CA LYS E 29 -14.28 -14.68 26.78
C LYS E 29 -13.77 -14.46 28.21
N VAL E 30 -14.71 -14.43 29.15
CA VAL E 30 -14.40 -14.25 30.56
C VAL E 30 -14.39 -15.61 31.23
N LEU E 31 -13.25 -15.99 31.81
CA LEU E 31 -13.16 -17.21 32.59
C LEU E 31 -13.37 -16.88 34.06
N LYS E 32 -14.59 -16.44 34.36
CA LYS E 32 -14.97 -16.09 35.73
C LYS E 32 -15.14 -17.32 36.60
N ASP E 33 -15.22 -18.51 36.01
CA ASP E 33 -15.15 -19.76 36.75
C ASP E 33 -13.79 -19.87 37.44
N GLU E 34 -13.77 -20.58 38.58
CA GLU E 34 -12.55 -20.77 39.35
C GLU E 34 -11.57 -21.63 38.56
N ILE E 35 -10.46 -21.01 38.14
CA ILE E 35 -9.46 -21.72 37.34
C ILE E 35 -8.71 -22.68 38.24
N ASP E 36 -8.57 -23.93 37.79
CA ASP E 36 -7.87 -24.97 38.53
C ASP E 36 -6.35 -24.97 38.28
N VAL E 37 -5.80 -23.84 37.85
CA VAL E 37 -4.36 -23.69 37.65
C VAL E 37 -3.80 -22.91 38.82
N LYS E 38 -2.86 -23.50 39.54
CA LYS E 38 -2.21 -22.86 40.67
C LYS E 38 -0.73 -22.68 40.36
N PHE E 39 -0.01 -22.03 41.28
CA PHE E 39 1.44 -21.97 41.16
C PHE E 39 2.11 -23.29 41.47
N LYS E 40 1.38 -24.25 42.03
CA LYS E 40 1.89 -25.61 42.19
C LYS E 40 2.15 -26.27 40.84
N ASP E 41 1.42 -25.88 39.81
CA ASP E 41 1.52 -26.51 38.50
C ASP E 41 2.53 -25.84 37.57
N VAL E 42 3.16 -24.75 38.00
CA VAL E 42 4.15 -24.05 37.18
C VAL E 42 5.52 -24.33 37.78
N ALA E 43 6.39 -24.94 36.99
CA ALA E 43 7.72 -25.32 37.45
C ALA E 43 8.76 -24.74 36.52
N GLY E 44 10.00 -24.67 37.02
CA GLY E 44 11.11 -24.15 36.27
C GLY E 44 11.21 -22.64 36.23
N CYS E 45 10.23 -21.93 36.77
CA CYS E 45 10.21 -20.47 36.76
C CYS E 45 10.20 -19.94 38.18
N GLU E 46 11.07 -20.50 39.03
CA GLU E 46 11.03 -20.21 40.46
C GLU E 46 11.37 -18.75 40.75
N GLU E 47 12.30 -18.18 40.00
CA GLU E 47 12.65 -16.78 40.18
C GLU E 47 11.65 -15.84 39.53
N ALA E 48 10.79 -16.34 38.65
CA ALA E 48 9.78 -15.52 38.00
C ALA E 48 8.39 -15.68 38.60
N LYS E 49 8.15 -16.77 39.33
CA LYS E 49 6.90 -16.88 40.08
C LYS E 49 6.88 -15.92 41.26
N LEU E 50 8.05 -15.52 41.75
CA LEU E 50 8.12 -14.60 42.87
C LEU E 50 7.69 -13.19 42.47
N GLU E 51 7.99 -12.79 41.24
CA GLU E 51 7.58 -11.47 40.78
C GLU E 51 6.09 -11.40 40.48
N ILE E 52 5.44 -12.52 40.23
CA ILE E 52 4.03 -12.51 39.85
C ILE E 52 3.12 -12.88 41.01
N MET E 53 3.63 -13.58 42.03
CA MET E 53 2.85 -13.76 43.24
C MET E 53 2.69 -12.46 44.03
N GLU E 54 3.52 -11.45 43.76
CA GLU E 54 3.33 -10.14 44.39
C GLU E 54 2.04 -9.49 43.96
N PHE E 55 1.57 -9.77 42.74
CA PHE E 55 0.25 -9.30 42.32
C PHE E 55 -0.84 -10.00 43.10
N VAL E 56 -0.65 -11.27 43.42
CA VAL E 56 -1.64 -12.01 44.20
C VAL E 56 -1.53 -11.67 45.68
N ASN E 57 -0.30 -11.48 46.16
CA ASN E 57 -0.07 -11.11 47.56
C ASN E 57 -0.62 -9.71 47.84
N PHE E 58 -0.71 -8.86 46.83
CA PHE E 58 -1.38 -7.59 47.03
C PHE E 58 -2.88 -7.77 47.17
N LEU E 59 -3.49 -8.60 46.32
CA LEU E 59 -4.93 -8.74 46.33
C LEU E 59 -5.45 -9.56 47.51
N LYS E 60 -4.62 -10.41 48.10
CA LYS E 60 -5.03 -11.11 49.31
C LYS E 60 -4.83 -10.25 50.54
N ASN E 61 -3.65 -9.65 50.69
CA ASN E 61 -3.28 -8.88 51.87
C ASN E 61 -2.88 -7.47 51.45
N PRO E 62 -3.85 -6.57 51.25
CA PRO E 62 -3.47 -5.20 50.90
C PRO E 62 -2.87 -4.44 52.07
N LYS E 63 -3.22 -4.80 53.31
CA LYS E 63 -2.75 -4.04 54.48
C LYS E 63 -1.26 -4.19 54.69
N GLN E 64 -0.69 -5.34 54.29
CA GLN E 64 0.74 -5.58 54.40
C GLN E 64 1.55 -4.59 53.57
N TYR E 65 1.02 -4.21 52.41
CA TYR E 65 1.72 -3.32 51.50
C TYR E 65 1.40 -1.86 51.75
N GLN E 66 0.19 -1.56 52.21
CA GLN E 66 -0.23 -0.18 52.38
C GLN E 66 0.26 0.44 53.69
N ASP E 67 0.83 -0.35 54.59
CA ASP E 67 1.48 0.24 55.76
C ASP E 67 2.77 0.95 55.36
N LEU E 68 3.55 0.33 54.47
CA LEU E 68 4.72 0.99 53.94
C LEU E 68 4.37 2.07 52.92
N GLY E 69 3.19 1.99 52.31
CA GLY E 69 2.79 2.97 51.33
C GLY E 69 3.04 2.51 49.93
N ALA E 70 2.70 1.26 49.63
CA ALA E 70 2.94 0.68 48.32
C ALA E 70 1.67 0.69 47.49
N LYS E 71 1.86 0.55 46.18
CA LYS E 71 0.77 0.41 45.24
C LYS E 71 0.95 -0.89 44.46
N ILE E 72 -0.13 -1.36 43.87
CA ILE E 72 0.01 -2.53 42.99
C ILE E 72 0.64 -2.08 41.68
N PRO E 73 1.54 -2.86 41.08
CA PRO E 73 1.96 -2.55 39.71
C PRO E 73 0.80 -2.78 38.76
N LYS E 74 0.71 -1.94 37.75
CA LYS E 74 -0.47 -1.93 36.91
C LYS E 74 -0.50 -3.13 35.95
N GLY E 75 0.65 -3.66 35.61
CA GLY E 75 0.69 -4.81 34.75
C GLY E 75 2.12 -5.22 34.48
N ALA E 76 2.28 -6.49 34.13
CA ALA E 76 3.58 -7.07 33.85
C ALA E 76 3.59 -7.69 32.47
N ILE E 77 4.77 -7.76 31.86
CA ILE E 77 4.92 -8.35 30.55
C ILE E 77 5.79 -9.60 30.67
N LEU E 78 5.48 -10.60 29.86
CA LEU E 78 6.09 -11.92 29.95
C LEU E 78 6.79 -12.23 28.63
N THR E 79 8.09 -12.02 28.57
CA THR E 79 8.83 -12.25 27.34
C THR E 79 9.49 -13.62 27.38
N GLY E 80 9.72 -14.19 26.19
CA GLY E 80 10.38 -15.46 26.07
C GLY E 80 9.94 -16.27 24.86
N PRO E 81 10.59 -17.40 24.63
CA PRO E 81 10.25 -18.26 23.50
C PRO E 81 8.90 -18.91 23.68
N PRO E 82 8.26 -19.37 22.59
CA PRO E 82 6.92 -19.93 22.71
C PRO E 82 6.93 -21.30 23.37
N GLY E 83 5.89 -21.56 24.15
CA GLY E 83 5.75 -22.83 24.83
C GLY E 83 6.38 -22.90 26.21
N THR E 84 6.97 -21.81 26.69
CA THR E 84 7.61 -21.81 28.01
C THR E 84 6.62 -21.58 29.14
N GLY E 85 5.32 -21.58 28.88
CA GLY E 85 4.35 -21.50 29.94
C GLY E 85 4.06 -20.09 30.40
N LYS E 86 3.62 -19.25 29.47
CA LYS E 86 3.23 -17.88 29.82
C LYS E 86 1.76 -17.79 30.16
N THR E 87 0.91 -18.43 29.36
CA THR E 87 -0.51 -18.50 29.67
C THR E 87 -0.75 -19.35 30.91
N LEU E 88 0.06 -20.39 31.12
CA LEU E 88 -0.06 -21.21 32.31
C LEU E 88 0.32 -20.43 33.56
N LEU E 89 1.33 -19.57 33.46
CA LEU E 89 1.70 -18.73 34.58
C LEU E 89 0.74 -17.56 34.75
N ALA E 90 -0.03 -17.22 33.72
CA ALA E 90 -1.05 -16.18 33.86
C ALA E 90 -2.36 -16.73 34.42
N LYS E 91 -2.73 -17.96 34.07
CA LYS E 91 -3.92 -18.57 34.67
C LYS E 91 -3.70 -18.92 36.13
N ALA E 92 -2.45 -19.17 36.52
CA ALA E 92 -2.16 -19.39 37.93
C ALA E 92 -2.30 -18.09 38.72
N THR E 93 -2.09 -16.96 38.08
CA THR E 93 -2.20 -15.68 38.77
C THR E 93 -3.67 -15.34 39.04
N ALA E 94 -4.57 -15.85 38.20
CA ALA E 94 -5.99 -15.66 38.43
C ALA E 94 -6.60 -16.72 39.33
N GLY E 95 -6.12 -17.96 39.25
CA GLY E 95 -6.68 -19.03 40.04
C GLY E 95 -6.36 -18.96 41.51
N GLU E 96 -5.37 -18.16 41.89
CA GLU E 96 -5.08 -17.96 43.30
C GLU E 96 -6.00 -16.92 43.91
N ALA E 97 -6.18 -15.79 43.23
CA ALA E 97 -6.92 -14.67 43.78
C ALA E 97 -8.41 -14.76 43.55
N ASN E 98 -8.89 -15.84 42.91
CA ASN E 98 -10.30 -16.07 42.58
C ASN E 98 -10.90 -14.94 41.75
N VAL E 99 -10.08 -14.30 40.93
CA VAL E 99 -10.50 -13.14 40.15
C VAL E 99 -10.92 -13.62 38.76
N PRO E 100 -11.71 -12.86 38.02
CA PRO E 100 -11.99 -13.24 36.63
C PRO E 100 -10.76 -13.08 35.76
N PHE E 101 -10.69 -13.91 34.73
CA PHE E 101 -9.52 -13.98 33.86
C PHE E 101 -10.00 -13.83 32.43
N ILE E 102 -9.51 -12.81 31.74
CA ILE E 102 -9.98 -12.44 30.41
C ILE E 102 -8.86 -12.69 29.42
N THR E 103 -9.09 -13.60 28.49
CA THR E 103 -8.13 -13.95 27.45
C THR E 103 -8.43 -13.18 26.19
N VAL E 104 -7.38 -12.65 25.55
CA VAL E 104 -7.51 -12.05 24.24
C VAL E 104 -6.15 -12.19 23.54
N SER E 105 -6.20 -12.35 22.22
CA SER E 105 -5.01 -12.52 21.41
C SER E 105 -4.63 -11.19 20.76
N GLY E 106 -3.35 -11.04 20.47
CA GLY E 106 -2.91 -9.83 19.82
C GLY E 106 -3.24 -9.74 18.34
N SER E 107 -3.64 -10.86 17.74
CA SER E 107 -4.07 -10.88 16.36
C SER E 107 -5.58 -10.76 16.20
N GLU E 108 -6.32 -10.75 17.31
CA GLU E 108 -7.76 -10.60 17.25
C GLU E 108 -8.20 -9.15 17.13
N PHE E 109 -7.27 -8.21 17.08
CA PHE E 109 -7.60 -6.80 16.98
C PHE E 109 -7.59 -6.29 15.56
N LEU E 110 -6.78 -6.89 14.69
CA LEU E 110 -6.53 -6.35 13.35
C LEU E 110 -7.59 -6.85 12.37
N GLU E 111 -8.80 -6.30 12.53
CA GLU E 111 -9.84 -6.52 11.55
C GLU E 111 -9.54 -5.70 10.30
N MET E 112 -10.02 -6.19 9.15
CA MET E 112 -9.71 -5.58 7.86
C MET E 112 -10.30 -4.18 7.68
N PHE E 113 -11.31 -3.82 8.47
CA PHE E 113 -11.91 -2.50 8.36
C PHE E 113 -11.05 -1.48 9.11
N VAL E 114 -11.45 -0.23 9.08
CA VAL E 114 -10.68 0.85 9.70
C VAL E 114 -11.31 1.24 11.03
N GLY E 115 -10.48 1.41 12.04
CA GLY E 115 -10.96 1.82 13.34
C GLY E 115 -11.68 0.76 14.15
N VAL E 116 -11.69 -0.50 13.70
CA VAL E 116 -12.27 -1.57 14.50
C VAL E 116 -11.29 -2.01 15.57
N GLY E 117 -9.99 -1.88 15.32
CA GLY E 117 -8.95 -2.11 16.29
C GLY E 117 -9.07 -1.28 17.55
N PRO E 118 -9.10 0.05 17.43
CA PRO E 118 -9.41 0.88 18.60
C PRO E 118 -10.81 0.67 19.15
N ALA E 119 -11.75 0.17 18.35
CA ALA E 119 -13.08 -0.11 18.87
C ALA E 119 -13.13 -1.38 19.69
N ARG E 120 -12.14 -2.25 19.57
CA ARG E 120 -12.08 -3.47 20.37
C ARG E 120 -11.16 -3.34 21.57
N VAL E 121 -10.21 -2.40 21.54
CA VAL E 121 -9.47 -2.08 22.75
C VAL E 121 -10.39 -1.42 23.76
N ARG E 122 -11.26 -0.51 23.32
CA ARG E 122 -12.19 0.14 24.22
C ARG E 122 -13.24 -0.82 24.77
N ASP E 123 -13.54 -1.90 24.05
CA ASP E 123 -14.47 -2.87 24.58
C ASP E 123 -13.79 -3.87 25.50
N LEU E 124 -12.49 -4.09 25.30
CA LEU E 124 -11.74 -5.00 26.17
C LEU E 124 -11.62 -4.44 27.56
N PHE E 125 -11.21 -3.18 27.67
CA PHE E 125 -11.06 -2.54 28.97
C PHE E 125 -12.39 -2.20 29.60
N ALA E 126 -13.47 -2.08 28.82
CA ALA E 126 -14.78 -1.96 29.43
C ALA E 126 -15.19 -3.27 30.08
N LEU E 127 -14.81 -4.40 29.48
CA LEU E 127 -15.05 -5.70 30.09
C LEU E 127 -14.10 -5.96 31.23
N ALA E 128 -12.91 -5.34 31.20
CA ALA E 128 -11.93 -5.49 32.26
C ALA E 128 -12.26 -4.68 33.50
N ARG E 129 -13.33 -3.90 33.47
CA ARG E 129 -13.73 -3.06 34.59
C ARG E 129 -15.14 -3.34 35.08
N LYS E 130 -15.98 -3.92 34.21
CA LYS E 130 -17.22 -4.51 34.68
C LYS E 130 -16.94 -5.64 35.65
N ASN E 131 -15.92 -6.43 35.36
CA ASN E 131 -15.30 -7.34 36.32
C ASN E 131 -14.09 -6.61 36.87
N ALA E 132 -14.25 -6.02 38.06
CA ALA E 132 -13.31 -4.99 38.51
C ALA E 132 -11.97 -5.50 39.05
N PRO E 133 -11.87 -6.53 39.95
CA PRO E 133 -10.54 -6.90 40.44
C PRO E 133 -9.77 -7.86 39.53
N CYS E 134 -10.17 -7.96 38.26
CA CYS E 134 -9.73 -9.02 37.36
C CYS E 134 -8.26 -8.87 36.98
N ILE E 135 -7.77 -9.84 36.22
CA ILE E 135 -6.41 -9.89 35.72
C ILE E 135 -6.48 -10.14 34.21
N LEU E 136 -6.07 -9.16 33.42
CA LEU E 136 -6.22 -9.20 31.98
C LEU E 136 -4.96 -9.72 31.31
N PHE E 137 -5.10 -10.70 30.42
CA PHE E 137 -3.97 -11.30 29.72
C PHE E 137 -4.15 -11.12 28.22
N ILE E 138 -3.28 -10.32 27.62
CA ILE E 138 -3.31 -10.05 26.19
C ILE E 138 -2.23 -10.91 25.55
N ASP E 139 -2.63 -11.95 24.83
CA ASP E 139 -1.68 -12.91 24.31
C ASP E 139 -1.11 -12.44 22.99
N GLN E 140 0.22 -12.57 22.84
CA GLN E 140 0.97 -12.19 21.64
C GLN E 140 0.78 -10.72 21.29
N ILE E 141 1.22 -9.85 22.20
CA ILE E 141 0.96 -8.43 22.07
C ILE E 141 1.81 -7.76 20.99
N ASP E 142 2.80 -8.46 20.45
CA ASP E 142 3.65 -7.90 19.41
C ASP E 142 2.98 -7.83 18.04
N ALA E 143 1.73 -8.25 17.91
CA ALA E 143 1.01 -8.05 16.66
C ALA E 143 0.41 -6.66 16.57
N VAL E 144 -0.03 -6.09 17.69
CA VAL E 144 -0.55 -4.73 17.72
C VAL E 144 0.34 -3.82 18.56
N GLY E 145 1.51 -4.29 18.97
CA GLY E 145 2.38 -3.48 19.79
C GLY E 145 3.67 -3.13 19.08
N ARG E 146 3.70 -3.32 17.76
CA ARG E 146 4.88 -2.99 16.96
C ARG E 146 5.10 -1.48 16.97
N LYS E 147 6.38 -1.10 16.88
CA LYS E 147 6.78 0.30 17.04
C LYS E 147 6.20 1.17 15.92
N ARG E 148 5.65 2.31 16.32
CA ARG E 148 4.99 3.19 15.37
C ARG E 148 6.03 3.95 14.55
N GLY E 149 5.84 3.98 13.24
CA GLY E 149 6.75 4.65 12.33
C GLY E 149 6.01 5.64 11.45
N ARG E 150 6.64 5.96 10.33
CA ARG E 150 6.12 6.90 9.35
C ARG E 150 5.31 6.13 8.30
N GLY E 151 5.03 6.77 7.15
CA GLY E 151 4.16 6.19 6.14
C GLY E 151 4.76 5.01 5.41
N ASN E 152 4.85 3.88 6.11
CA ASN E 152 5.53 2.70 5.59
C ASN E 152 4.71 2.02 4.50
N PHE E 153 3.50 1.57 4.85
CA PHE E 153 2.74 0.70 3.98
C PHE E 153 1.26 0.94 4.19
N GLY E 154 0.46 0.67 3.16
CA GLY E 154 -0.98 0.82 3.27
C GLY E 154 -1.58 -0.28 4.14
N GLY E 155 -2.16 0.10 5.27
CA GLY E 155 -2.61 -0.83 6.27
C GLY E 155 -1.75 -0.89 7.51
N GLN E 156 -0.59 -0.23 7.50
CA GLN E 156 0.25 -0.13 8.69
C GLN E 156 -0.27 0.92 9.66
N SER E 157 -1.02 1.91 9.16
CA SER E 157 -1.57 2.96 10.01
C SER E 157 -2.78 2.50 10.81
N GLU E 158 -3.30 1.30 10.55
CA GLU E 158 -4.37 0.77 11.39
C GLU E 158 -3.82 0.11 12.65
N GLN E 159 -2.62 -0.46 12.56
CA GLN E 159 -1.96 -0.96 13.77
C GLN E 159 -1.56 0.18 14.69
N GLU E 160 -1.20 1.34 14.14
CA GLU E 160 -0.82 2.47 14.97
C GLU E 160 -2.03 3.10 15.66
N ASN E 161 -3.21 2.98 15.06
CA ASN E 161 -4.41 3.43 15.73
C ASN E 161 -4.77 2.50 16.88
N THR E 162 -4.63 1.18 16.66
CA THR E 162 -4.94 0.21 17.70
C THR E 162 -3.93 0.28 18.83
N LEU E 163 -2.70 0.66 18.52
CA LEU E 163 -1.70 0.81 19.57
C LEU E 163 -1.96 2.06 20.40
N ASN E 164 -2.33 3.17 19.76
CA ASN E 164 -2.55 4.40 20.51
C ASN E 164 -3.79 4.33 21.37
N GLN E 165 -4.77 3.50 21.01
CA GLN E 165 -5.90 3.31 21.90
C GLN E 165 -5.52 2.44 23.08
N LEU E 166 -4.56 1.53 22.89
CA LEU E 166 -4.08 0.72 24.00
C LEU E 166 -3.27 1.55 24.97
N LEU E 167 -2.58 2.57 24.48
CA LEU E 167 -1.78 3.43 25.36
C LEU E 167 -2.65 4.27 26.27
N VAL E 168 -3.79 4.74 25.76
CA VAL E 168 -4.67 5.62 26.53
C VAL E 168 -5.39 4.85 27.61
N GLU E 169 -5.89 3.66 27.29
CA GLU E 169 -6.70 2.91 28.22
C GLU E 169 -5.91 2.32 29.37
N MET E 170 -4.58 2.31 29.29
CA MET E 170 -3.75 1.78 30.35
C MET E 170 -3.25 2.87 31.29
N ASP E 171 -2.61 3.91 30.77
CA ASP E 171 -2.09 5.00 31.60
C ASP E 171 -2.58 6.31 31.01
N GLY E 172 -3.74 6.77 31.48
CA GLY E 172 -4.27 8.07 31.10
C GLY E 172 -5.45 8.47 31.94
N PHE E 173 -6.32 9.30 31.39
CA PHE E 173 -7.65 9.44 31.97
C PHE E 173 -8.45 8.16 31.77
N ASN E 174 -9.52 8.02 32.55
CA ASN E 174 -10.37 6.82 32.60
C ASN E 174 -9.54 5.58 32.93
N THR E 175 -8.59 5.73 33.84
CA THR E 175 -7.73 4.64 34.26
C THR E 175 -8.23 4.11 35.60
N THR E 176 -8.52 2.81 35.66
CA THR E 176 -8.99 2.19 36.88
C THR E 176 -7.84 1.62 37.68
N THR E 177 -8.16 1.09 38.85
CA THR E 177 -7.24 0.33 39.67
C THR E 177 -7.71 -1.12 39.74
N ASN E 178 -6.89 -1.95 40.37
CA ASN E 178 -7.15 -3.37 40.61
C ASN E 178 -7.33 -4.16 39.31
N VAL E 179 -6.68 -3.74 38.24
CA VAL E 179 -6.53 -4.58 37.05
C VAL E 179 -5.04 -4.87 36.87
N VAL E 180 -4.74 -6.10 36.47
CA VAL E 180 -3.37 -6.52 36.23
C VAL E 180 -3.29 -6.84 34.75
N ILE E 181 -2.58 -5.98 34.01
CA ILE E 181 -2.53 -6.08 32.55
C ILE E 181 -1.33 -6.97 32.24
N LEU E 182 -1.58 -8.28 32.18
CA LEU E 182 -0.54 -9.22 31.78
C LEU E 182 -0.51 -9.34 30.26
N ALA E 183 0.67 -9.65 29.74
CA ALA E 183 0.86 -9.71 28.30
C ALA E 183 2.05 -10.60 28.00
N GLY E 184 1.85 -11.65 27.22
CA GLY E 184 2.93 -12.50 26.77
C GLY E 184 3.37 -12.10 25.37
N THR E 185 4.65 -12.30 25.09
CA THR E 185 5.19 -12.00 23.77
C THR E 185 6.40 -12.89 23.53
N ASN E 186 6.87 -12.86 22.28
CA ASN E 186 8.07 -13.58 21.88
C ASN E 186 9.19 -12.66 21.44
N ARG E 187 8.87 -11.52 20.84
CA ARG E 187 9.85 -10.57 20.33
C ARG E 187 9.62 -9.25 21.04
N PRO E 188 10.26 -9.02 22.18
CA PRO E 188 10.13 -7.72 22.86
C PRO E 188 10.94 -6.61 22.22
N ASP E 189 11.78 -6.92 21.23
CA ASP E 189 12.58 -5.89 20.58
C ASP E 189 11.74 -5.02 19.67
N ILE E 190 10.71 -5.59 19.03
CA ILE E 190 9.88 -4.81 18.11
C ILE E 190 8.78 -4.05 18.82
N LEU E 191 8.72 -4.08 20.13
CA LEU E 191 7.65 -3.39 20.84
C LEU E 191 7.94 -1.90 20.96
N ASP E 192 6.86 -1.13 21.04
CA ASP E 192 6.92 0.32 21.15
C ASP E 192 7.54 0.70 22.50
N PRO E 193 8.41 1.71 22.55
CA PRO E 193 8.84 2.26 23.84
C PRO E 193 7.73 2.85 24.68
N ALA E 194 6.58 3.21 24.10
CA ALA E 194 5.49 3.73 24.90
C ALA E 194 4.73 2.64 25.65
N LEU E 195 4.80 1.38 25.21
CA LEU E 195 4.23 0.30 25.99
C LEU E 195 5.16 -0.13 27.11
N LEU E 196 6.45 -0.17 26.85
CA LEU E 196 7.40 -0.73 27.79
C LEU E 196 7.81 0.26 28.87
N ARG E 197 7.30 1.48 28.85
CA ARG E 197 7.67 2.41 29.91
C ARG E 197 6.88 2.04 31.16
N PRO E 198 7.44 2.33 32.34
CA PRO E 198 6.72 2.02 33.59
C PRO E 198 5.48 2.88 33.77
N GLY E 199 4.36 2.24 34.03
CA GLY E 199 3.09 2.91 34.07
C GLY E 199 2.10 2.15 33.22
N ARG E 200 2.59 1.60 32.11
CA ARG E 200 1.82 0.66 31.31
C ARG E 200 2.15 -0.77 31.74
N PHE E 201 3.42 -1.15 31.61
CA PHE E 201 3.92 -2.46 32.00
C PHE E 201 5.05 -2.22 33.00
N ASP E 202 4.72 -2.35 34.28
CA ASP E 202 5.64 -1.98 35.35
C ASP E 202 6.73 -3.02 35.56
N ARG E 203 6.46 -4.27 35.22
CA ARG E 203 7.41 -5.37 35.42
C ARG E 203 7.71 -6.02 34.08
N GLN E 204 8.98 -6.14 33.76
CA GLN E 204 9.41 -6.86 32.56
C GLN E 204 10.03 -8.18 33.03
N ILE E 205 9.38 -9.28 32.67
CA ILE E 205 9.70 -10.60 33.19
C ILE E 205 10.05 -11.49 32.01
N PHE E 206 11.27 -12.03 32.02
CA PHE E 206 11.73 -12.92 30.95
C PHE E 206 11.62 -14.36 31.39
N ILE E 207 10.88 -15.14 30.63
CA ILE E 207 10.68 -16.57 30.87
C ILE E 207 11.43 -17.30 29.78
N GLY E 208 12.62 -17.80 30.09
CA GLY E 208 13.42 -18.51 29.11
C GLY E 208 13.04 -19.96 29.00
N PRO E 209 13.75 -20.68 28.11
CA PRO E 209 13.55 -22.11 28.04
C PRO E 209 14.13 -22.80 29.27
N PRO E 210 13.52 -23.89 29.73
CA PRO E 210 14.01 -24.52 30.95
C PRO E 210 15.29 -25.30 30.71
N ASP E 211 16.17 -25.26 31.70
CA ASP E 211 17.35 -26.09 31.72
C ASP E 211 16.99 -27.45 32.33
N ILE E 212 17.99 -28.27 32.63
CA ILE E 212 17.68 -29.63 33.07
C ILE E 212 17.26 -29.63 34.54
N LYS E 213 17.70 -28.65 35.33
CA LYS E 213 17.07 -28.45 36.63
C LYS E 213 15.65 -27.95 36.47
N GLY E 214 15.40 -27.19 35.42
CA GLY E 214 14.09 -26.60 35.21
C GLY E 214 13.05 -27.60 34.77
N ARG E 215 13.35 -28.41 33.75
CA ARG E 215 12.31 -29.23 33.15
C ARG E 215 12.21 -30.61 33.78
N ALA E 216 13.16 -31.01 34.62
CA ALA E 216 12.93 -32.18 35.47
C ALA E 216 11.80 -31.90 36.44
N SER E 217 11.71 -30.66 36.93
CA SER E 217 10.58 -30.25 37.72
C SER E 217 9.31 -30.18 36.87
N ILE E 218 9.44 -29.88 35.57
CA ILE E 218 8.27 -29.81 34.71
C ILE E 218 7.74 -31.21 34.42
N PHE E 219 8.62 -32.22 34.38
CA PHE E 219 8.15 -33.60 34.28
C PHE E 219 7.38 -34.03 35.52
N LYS E 220 7.85 -33.63 36.72
CA LYS E 220 7.18 -34.01 37.96
C LYS E 220 5.79 -33.42 38.09
N VAL E 221 5.51 -32.32 37.39
CA VAL E 221 4.14 -31.81 37.35
C VAL E 221 3.27 -32.71 36.49
N HIS E 222 3.83 -33.28 35.42
CA HIS E 222 3.06 -34.05 34.46
C HIS E 222 3.20 -35.56 34.62
N LEU E 223 4.17 -36.03 35.39
CA LEU E 223 4.27 -37.47 35.62
C LEU E 223 3.35 -37.95 36.73
N ARG E 224 2.91 -37.07 37.61
CA ARG E 224 2.05 -37.49 38.71
C ARG E 224 0.63 -37.97 38.35
N PRO E 225 -0.03 -37.59 37.25
CA PRO E 225 -1.27 -38.31 36.90
C PRO E 225 -1.04 -39.67 36.29
N LEU E 226 0.13 -39.93 35.72
CA LEU E 226 0.36 -41.17 35.00
C LEU E 226 0.64 -42.31 35.97
N LYS E 227 0.29 -43.52 35.55
CA LYS E 227 0.61 -44.73 36.30
C LYS E 227 1.84 -45.37 35.67
N LEU E 228 2.92 -45.44 36.44
CA LEU E 228 4.21 -45.87 35.93
C LEU E 228 4.46 -47.33 36.27
N ASP E 229 5.64 -47.81 35.90
CA ASP E 229 6.07 -49.15 36.25
C ASP E 229 6.39 -49.21 37.75
N SER E 230 6.38 -50.43 38.29
CA SER E 230 6.69 -50.63 39.69
C SER E 230 8.18 -50.46 40.00
N THR E 231 9.04 -50.38 38.99
CA THR E 231 10.46 -50.19 39.19
C THR E 231 10.91 -48.74 39.03
N LEU E 232 10.07 -47.89 38.44
CA LEU E 232 10.45 -46.52 38.12
C LEU E 232 10.00 -45.59 39.24
N GLU E 233 10.95 -44.82 39.78
CA GLU E 233 10.64 -43.81 40.76
C GLU E 233 10.49 -42.46 40.07
N LYS E 234 9.47 -41.69 40.48
CA LYS E 234 9.21 -40.39 39.88
C LYS E 234 10.31 -39.39 40.19
N ASP E 235 11.03 -39.58 41.28
CA ASP E 235 12.22 -38.76 41.52
C ASP E 235 13.36 -39.16 40.61
N LYS E 236 13.42 -40.43 40.21
CA LYS E 236 14.49 -40.89 39.32
C LYS E 236 14.13 -40.72 37.86
N LEU E 237 12.87 -40.97 37.49
CA LEU E 237 12.49 -40.99 36.08
C LEU E 237 12.44 -39.58 35.49
N ALA E 238 11.95 -38.62 36.27
CA ALA E 238 11.93 -37.22 35.82
C ALA E 238 13.33 -36.64 35.69
N ARG E 239 14.30 -37.19 36.41
CA ARG E 239 15.69 -36.82 36.18
C ARG E 239 16.23 -37.44 34.91
N LYS E 240 15.70 -38.59 34.50
CA LYS E 240 16.24 -39.28 33.34
C LYS E 240 15.58 -38.82 32.04
N LEU E 241 14.27 -38.56 32.07
CA LEU E 241 13.61 -38.04 30.88
C LEU E 241 14.04 -36.62 30.59
N ALA E 242 14.44 -35.87 31.61
CA ALA E 242 15.04 -34.57 31.39
C ALA E 242 16.41 -34.67 30.74
N SER E 243 17.07 -35.82 30.86
CA SER E 243 18.32 -36.06 30.13
C SER E 243 18.07 -36.54 28.71
N LEU E 244 16.96 -37.23 28.48
CA LEU E 244 16.62 -37.70 27.15
C LEU E 244 15.79 -36.71 26.35
N THR E 245 15.50 -35.54 26.91
CA THR E 245 14.80 -34.47 26.20
C THR E 245 15.55 -33.14 26.32
N PRO E 246 16.67 -32.97 25.60
CA PRO E 246 17.39 -31.70 25.70
C PRO E 246 16.75 -30.65 24.81
N GLY E 247 16.66 -29.44 25.33
CA GLY E 247 16.21 -28.32 24.52
C GLY E 247 14.73 -28.30 24.21
N PHE E 248 13.93 -29.13 24.84
CA PHE E 248 12.48 -29.02 24.65
C PHE E 248 11.94 -27.80 25.36
N SER E 249 10.82 -27.30 24.85
CA SER E 249 10.07 -26.28 25.54
C SER E 249 9.24 -26.91 26.64
N GLY E 250 8.55 -26.07 27.41
CA GLY E 250 7.68 -26.59 28.44
C GLY E 250 6.46 -27.29 27.89
N ALA E 251 5.96 -26.85 26.73
CA ALA E 251 4.80 -27.49 26.13
C ALA E 251 5.16 -28.85 25.55
N ASP E 252 6.42 -29.03 25.14
CA ASP E 252 6.86 -30.30 24.57
C ASP E 252 6.92 -31.38 25.65
N VAL E 253 7.39 -31.01 26.85
CA VAL E 253 7.45 -31.94 27.97
C VAL E 253 6.04 -32.39 28.36
N ALA E 254 5.07 -31.47 28.26
CA ALA E 254 3.68 -31.81 28.53
C ALA E 254 3.09 -32.73 27.47
N ASN E 255 3.66 -32.76 26.26
CA ASN E 255 3.23 -33.73 25.27
C ASN E 255 3.93 -35.07 25.40
N VAL E 256 5.19 -35.08 25.87
CA VAL E 256 5.92 -36.33 26.09
C VAL E 256 5.22 -37.17 27.15
N CYS E 257 4.72 -36.53 28.20
CA CYS E 257 3.90 -37.23 29.17
C CYS E 257 2.50 -37.52 28.67
N ASN E 258 2.09 -36.94 27.55
CA ASN E 258 0.75 -37.19 27.00
C ASN E 258 0.78 -38.14 25.82
N GLU E 259 1.83 -38.07 24.99
CA GLU E 259 1.94 -39.00 23.86
C GLU E 259 2.17 -40.42 24.36
N ALA E 260 2.95 -40.60 25.41
CA ALA E 260 3.17 -41.93 25.96
C ALA E 260 1.96 -42.44 26.73
N ALA E 261 1.10 -41.56 27.20
CA ALA E 261 -0.19 -42.00 27.72
C ALA E 261 -1.07 -42.54 26.60
N LEU E 262 -0.89 -42.04 25.38
CA LEU E 262 -1.61 -42.58 24.23
C LEU E 262 -1.00 -43.89 23.77
N ILE E 263 0.34 -44.00 23.80
CA ILE E 263 1.03 -45.20 23.35
C ILE E 263 0.72 -46.38 24.27
N ALA E 264 0.70 -46.14 25.58
CA ALA E 264 0.26 -47.17 26.51
C ALA E 264 -1.24 -47.47 26.38
N ALA E 265 -2.01 -46.52 25.85
CA ALA E 265 -3.42 -46.77 25.60
C ALA E 265 -3.64 -47.54 24.31
N ARG E 266 -2.82 -47.28 23.29
CA ARG E 266 -2.94 -48.03 22.04
C ARG E 266 -2.42 -49.45 22.18
N HIS E 267 -1.52 -49.68 23.13
CA HIS E 267 -1.01 -51.02 23.39
C HIS E 267 -1.69 -51.69 24.57
N LEU E 268 -2.56 -50.96 25.28
CA LEU E 268 -3.42 -51.47 26.35
C LEU E 268 -2.60 -52.05 27.50
N SER E 269 -1.79 -51.19 28.11
CA SER E 269 -1.03 -51.53 29.30
C SER E 269 -1.49 -50.66 30.47
N ASP E 270 -1.22 -51.13 31.68
CA ASP E 270 -1.56 -50.40 32.89
C ASP E 270 -0.39 -49.60 33.44
N SER E 271 0.82 -50.15 33.36
CA SER E 271 2.03 -49.45 33.75
C SER E 271 2.71 -48.93 32.49
N ILE E 272 2.94 -47.62 32.44
CA ILE E 272 3.53 -46.99 31.27
C ILE E 272 5.02 -47.31 31.25
N ASN E 273 5.46 -47.96 30.17
CA ASN E 273 6.83 -48.44 30.04
C ASN E 273 7.77 -47.27 29.74
N GLN E 274 9.05 -47.47 30.06
CA GLN E 274 10.07 -46.50 29.68
C GLN E 274 10.28 -46.51 28.18
N LYS E 275 10.02 -47.64 27.52
CA LYS E 275 10.04 -47.69 26.07
C LYS E 275 8.96 -46.81 25.45
N HIS E 276 7.85 -46.61 26.17
CA HIS E 276 6.83 -45.68 25.71
C HIS E 276 7.33 -44.24 25.81
N PHE E 277 8.11 -43.95 26.85
CA PHE E 277 8.75 -42.65 26.96
C PHE E 277 9.84 -42.47 25.92
N GLU E 278 10.43 -43.57 25.45
CA GLU E 278 11.35 -43.49 24.33
C GLU E 278 10.62 -43.15 23.04
N GLN E 279 9.45 -43.78 22.82
CA GLN E 279 8.69 -43.55 21.60
C GLN E 279 7.88 -42.27 21.65
N ALA E 280 7.67 -41.69 22.83
CA ALA E 280 6.96 -40.42 22.90
C ALA E 280 7.81 -39.27 22.42
N ILE E 281 9.13 -39.37 22.57
CA ILE E 281 10.03 -38.33 22.08
C ILE E 281 10.08 -38.35 20.56
N GLU E 282 9.81 -39.51 19.96
CA GLU E 282 9.72 -39.61 18.51
C GLU E 282 8.58 -38.77 17.96
N ARG E 283 7.43 -38.83 18.61
CA ARG E 283 6.25 -38.09 18.14
C ARG E 283 6.36 -36.59 18.36
N VAL E 284 7.35 -36.13 19.14
CA VAL E 284 7.55 -34.71 19.35
C VAL E 284 8.57 -34.16 18.36
N ILE E 285 9.74 -34.78 18.27
CA ILE E 285 10.75 -34.30 17.32
C ILE E 285 10.38 -34.70 15.91
N GLY E 286 10.31 -36.00 15.64
CA GLY E 286 10.02 -36.46 14.30
C GLY E 286 8.57 -36.37 13.89
N GLY E 287 7.67 -36.10 14.84
CA GLY E 287 6.27 -36.11 14.51
C GLY E 287 5.78 -37.54 14.30
N LEU E 288 4.73 -37.67 13.49
CA LEU E 288 4.19 -38.98 13.19
C LEU E 288 5.08 -39.66 12.17
N GLU E 289 5.80 -40.70 12.60
CA GLU E 289 6.50 -41.57 11.66
C GLU E 289 5.47 -42.30 10.82
N LYS E 290 5.40 -41.98 9.54
CA LYS E 290 4.37 -42.52 8.67
C LYS E 290 4.69 -43.96 8.30
N LYS E 291 3.68 -44.83 8.41
CA LYS E 291 3.85 -46.25 8.13
C LYS E 291 3.14 -46.68 6.85
N THR E 292 2.47 -45.77 6.16
CA THR E 292 1.80 -46.11 4.92
C THR E 292 2.80 -46.22 3.77
N GLN E 293 3.72 -45.26 3.67
CA GLN E 293 4.67 -45.22 2.57
C GLN E 293 5.70 -46.33 2.69
N VAL E 294 5.97 -47.00 1.59
CA VAL E 294 7.06 -47.96 1.48
C VAL E 294 7.98 -47.47 0.37
N LEU E 295 9.20 -47.12 0.74
CA LEU E 295 10.14 -46.59 -0.23
C LEU E 295 10.65 -47.69 -1.15
N GLN E 296 11.16 -47.27 -2.31
CA GLN E 296 11.81 -48.20 -3.21
C GLN E 296 13.16 -48.60 -2.64
N PRO E 297 13.62 -49.83 -2.90
CA PRO E 297 14.91 -50.26 -2.38
C PRO E 297 16.09 -49.54 -2.98
N GLU E 298 15.95 -48.95 -4.17
CA GLU E 298 17.02 -48.11 -4.71
C GLU E 298 17.13 -46.82 -3.94
N GLU E 299 16.00 -46.27 -3.46
CA GLU E 299 16.05 -45.05 -2.68
C GLU E 299 16.36 -45.33 -1.21
N LYS E 300 15.91 -46.48 -0.70
CA LYS E 300 16.10 -46.79 0.71
C LYS E 300 17.56 -47.08 1.02
N LYS E 301 18.34 -47.53 0.04
CA LYS E 301 19.79 -47.58 0.19
C LYS E 301 20.37 -46.18 0.33
N THR E 302 19.83 -45.22 -0.43
CA THR E 302 20.37 -43.87 -0.37
C THR E 302 19.95 -43.15 0.90
N VAL E 303 18.80 -43.51 1.47
CA VAL E 303 18.35 -42.89 2.71
C VAL E 303 19.22 -43.35 3.88
N ALA E 304 19.47 -44.66 3.96
CA ALA E 304 20.28 -45.20 5.05
C ALA E 304 21.72 -44.75 4.94
N TYR E 305 22.23 -44.61 3.72
CA TYR E 305 23.56 -44.04 3.54
C TYR E 305 23.58 -42.55 3.84
N HIS E 306 22.45 -41.87 3.70
CA HIS E 306 22.39 -40.47 4.09
C HIS E 306 22.39 -40.33 5.60
N GLN E 307 21.59 -41.13 6.30
CA GLN E 307 21.48 -41.01 7.75
C GLN E 307 22.73 -41.48 8.47
N ALA E 308 23.43 -42.48 7.93
CA ALA E 308 24.63 -42.98 8.57
C ALA E 308 25.78 -41.99 8.49
N GLY E 309 25.78 -41.14 7.47
CA GLY E 309 26.79 -40.10 7.39
C GLY E 309 26.63 -39.05 8.45
N HIS E 310 25.39 -38.81 8.89
CA HIS E 310 25.19 -37.97 10.06
C HIS E 310 25.63 -38.69 11.32
N ALA E 311 25.42 -40.00 11.38
CA ALA E 311 25.69 -40.74 12.61
C ALA E 311 27.18 -40.95 12.83
N VAL E 312 27.91 -41.30 11.77
CA VAL E 312 29.34 -41.55 11.91
C VAL E 312 30.10 -40.25 12.11
N ALA E 313 29.76 -39.21 11.34
CA ALA E 313 30.43 -37.93 11.53
C ALA E 313 29.97 -37.24 12.81
N GLY E 314 28.75 -37.51 13.24
CA GLY E 314 28.35 -37.05 14.56
C GLY E 314 28.93 -37.83 15.71
N TRP E 315 29.66 -38.90 15.44
CA TRP E 315 30.27 -39.74 16.45
C TRP E 315 31.74 -39.43 16.66
N TYR E 316 32.43 -39.01 15.61
CA TYR E 316 33.87 -38.82 15.64
C TYR E 316 34.29 -37.37 15.77
N LEU E 317 33.35 -36.43 15.71
CA LEU E 317 33.64 -35.03 15.95
C LEU E 317 33.49 -34.71 17.43
N GLU E 318 34.38 -33.84 17.92
CA GLU E 318 34.48 -33.60 19.35
C GLU E 318 33.27 -32.83 19.87
N HIS E 319 32.98 -31.69 19.27
CA HIS E 319 31.94 -30.81 19.75
C HIS E 319 30.61 -31.04 19.05
N ALA E 320 30.42 -32.21 18.48
CA ALA E 320 29.16 -32.56 17.85
C ALA E 320 28.17 -33.02 18.90
N ASP E 321 26.96 -33.33 18.46
CA ASP E 321 26.06 -33.83 19.47
C ASP E 321 26.18 -35.35 19.59
N PRO E 322 26.09 -35.89 20.79
CA PRO E 322 25.96 -37.35 20.93
C PRO E 322 24.64 -37.83 20.36
N LEU E 323 24.71 -38.93 19.63
CA LEU E 323 23.56 -39.48 18.94
C LEU E 323 22.63 -40.20 19.91
N LEU E 324 21.34 -40.19 19.61
CA LEU E 324 20.39 -41.00 20.36
C LEU E 324 19.75 -42.09 19.51
N LYS E 325 19.03 -41.74 18.44
CA LYS E 325 18.31 -42.73 17.65
C LYS E 325 18.27 -42.30 16.20
N VAL E 326 18.86 -43.11 15.32
CA VAL E 326 18.70 -42.93 13.88
C VAL E 326 17.57 -43.83 13.42
N SER E 327 16.62 -43.29 12.69
CA SER E 327 15.53 -44.08 12.16
C SER E 327 15.19 -43.64 10.75
N ILE E 328 14.85 -44.62 9.91
CA ILE E 328 14.40 -44.34 8.56
C ILE E 328 12.99 -44.88 8.37
N TYR E 337 14.05 -39.30 10.84
CA TYR E 337 14.26 -38.16 11.71
C TYR E 337 15.65 -38.22 12.37
N ALA E 338 15.97 -37.18 13.14
CA ALA E 338 17.33 -37.01 13.62
C ALA E 338 17.56 -37.61 15.01
N GLN E 339 16.86 -37.09 16.03
CA GLN E 339 16.91 -37.54 17.42
C GLN E 339 18.35 -37.50 17.97
N TYR E 340 18.83 -36.28 18.15
CA TYR E 340 20.11 -36.06 18.79
C TYR E 340 19.93 -35.70 20.25
N LEU E 341 21.07 -35.66 20.96
CA LEU E 341 21.14 -35.15 22.32
C LEU E 341 21.98 -33.88 22.25
N PRO E 342 21.37 -32.71 22.03
CA PRO E 342 22.15 -31.48 22.00
C PRO E 342 22.63 -31.11 23.39
N LYS E 343 23.88 -30.67 23.45
CA LYS E 343 24.49 -30.30 24.72
C LYS E 343 23.86 -29.02 25.25
N GLU E 344 23.46 -29.04 26.51
CA GLU E 344 22.79 -27.90 27.14
C GLU E 344 23.82 -26.82 27.42
N GLN E 345 24.02 -25.93 26.47
CA GLN E 345 24.94 -24.83 26.66
C GLN E 345 24.39 -23.59 25.99
N TYR E 346 24.89 -22.45 26.44
CA TYR E 346 24.50 -21.14 25.92
C TYR E 346 25.59 -20.49 25.09
N LEU E 347 26.85 -20.75 25.41
CA LEU E 347 27.98 -20.07 24.78
C LEU E 347 28.60 -21.02 23.77
N TYR E 348 28.08 -21.01 22.55
CA TYR E 348 28.70 -21.72 21.45
C TYR E 348 29.99 -21.02 21.08
N THR E 349 31.11 -21.74 21.09
CA THR E 349 32.34 -21.17 20.58
C THR E 349 32.35 -21.31 19.06
N LYS E 350 33.47 -20.96 18.44
CA LYS E 350 33.51 -20.95 16.99
C LYS E 350 33.59 -22.35 16.40
N GLU E 351 34.41 -23.22 16.99
CA GLU E 351 34.51 -24.58 16.50
C GLU E 351 33.52 -25.54 17.15
N GLN E 352 32.68 -25.07 18.06
CA GLN E 352 31.53 -25.87 18.44
C GLN E 352 30.39 -25.73 17.47
N LEU E 353 30.48 -24.77 16.55
CA LEU E 353 29.51 -24.61 15.48
C LEU E 353 30.01 -25.13 14.14
N LEU E 354 31.33 -25.10 13.93
CA LEU E 354 31.91 -25.74 12.76
C LEU E 354 31.71 -27.25 12.80
N ASP E 355 31.81 -27.83 13.99
CA ASP E 355 31.54 -29.27 14.14
C ASP E 355 30.07 -29.60 14.01
N ARG E 356 29.18 -28.62 14.09
CA ARG E 356 27.78 -28.88 13.83
C ARG E 356 27.41 -28.71 12.36
N MET E 357 28.13 -27.88 11.60
CA MET E 357 27.96 -27.91 10.16
C MET E 357 28.50 -29.20 9.57
N CYS E 358 29.65 -29.66 10.07
CA CYS E 358 30.27 -30.86 9.55
C CYS E 358 29.43 -32.10 9.87
N MET E 359 28.69 -32.08 10.97
CA MET E 359 27.74 -33.15 11.22
C MET E 359 26.54 -33.04 10.28
N THR E 360 26.18 -31.82 9.88
CA THR E 360 25.04 -31.64 9.01
C THR E 360 25.41 -31.91 7.55
N LEU E 361 26.64 -31.61 7.17
CA LEU E 361 27.12 -31.92 5.82
C LEU E 361 27.43 -33.40 5.64
N GLY E 362 27.42 -34.20 6.71
CA GLY E 362 27.82 -35.59 6.61
C GLY E 362 26.85 -36.42 5.80
N GLY E 363 25.57 -36.07 5.79
CA GLY E 363 24.61 -36.79 4.99
C GLY E 363 24.71 -36.50 3.51
N ARG E 364 25.41 -35.44 3.14
CA ARG E 364 25.68 -35.12 1.76
C ARG E 364 26.97 -35.73 1.27
N VAL E 365 27.97 -35.82 2.15
CA VAL E 365 29.25 -36.40 1.79
C VAL E 365 29.13 -37.91 1.66
N SER E 366 28.33 -38.54 2.52
CA SER E 366 28.26 -39.99 2.58
C SER E 366 27.63 -40.59 1.34
N GLU E 367 26.53 -40.02 0.87
CA GLU E 367 25.90 -40.54 -0.34
C GLU E 367 26.55 -40.00 -1.60
N GLU E 368 27.66 -39.26 -1.47
CA GLU E 368 28.49 -38.88 -2.60
C GLU E 368 29.73 -39.76 -2.72
N ILE E 369 30.30 -40.18 -1.60
CA ILE E 369 31.38 -41.16 -1.64
C ILE E 369 30.86 -42.50 -2.12
N PHE E 370 29.70 -42.92 -1.62
CA PHE E 370 29.17 -44.22 -1.98
C PHE E 370 28.59 -44.24 -3.38
N PHE E 371 28.07 -43.11 -3.85
CA PHE E 371 27.39 -43.08 -5.14
C PHE E 371 28.03 -42.13 -6.13
N GLY E 372 28.33 -40.91 -5.73
CA GLY E 372 28.56 -39.84 -6.68
C GLY E 372 27.29 -39.20 -7.19
N ARG E 373 26.13 -39.69 -6.80
CA ARG E 373 24.84 -39.16 -7.23
C ARG E 373 24.19 -38.50 -6.02
N ILE E 374 24.23 -37.18 -5.99
CA ILE E 374 23.68 -36.39 -4.90
C ILE E 374 22.20 -36.13 -5.17
N THR E 375 21.40 -36.18 -4.11
CA THR E 375 19.95 -36.14 -4.21
C THR E 375 19.42 -34.81 -3.68
N THR E 376 18.11 -34.69 -3.62
CA THR E 376 17.46 -33.52 -3.04
C THR E 376 17.00 -33.73 -1.61
N GLY E 377 17.39 -34.84 -0.99
CA GLY E 377 17.05 -35.03 0.42
C GLY E 377 17.86 -34.18 1.35
N ALA E 378 19.00 -33.66 0.89
CA ALA E 378 19.84 -32.81 1.70
C ALA E 378 19.48 -31.35 1.59
N GLN E 379 18.23 -31.03 1.25
CA GLN E 379 17.84 -29.62 1.20
C GLN E 379 17.68 -29.04 2.59
N ASP E 380 17.01 -29.77 3.49
CA ASP E 380 16.87 -29.33 4.87
C ASP E 380 18.20 -29.29 5.60
N ASP E 381 19.13 -30.17 5.22
CA ASP E 381 20.46 -30.19 5.78
C ASP E 381 21.37 -29.13 5.17
N LEU E 382 20.86 -28.25 4.32
CA LEU E 382 21.66 -27.14 3.82
C LEU E 382 21.09 -25.78 4.14
N ARG E 383 19.83 -25.68 4.54
CA ARG E 383 19.35 -24.42 5.08
C ARG E 383 19.96 -24.16 6.45
N LYS E 384 20.15 -25.21 7.24
CA LYS E 384 20.81 -25.07 8.53
C LYS E 384 22.26 -24.66 8.37
N VAL E 385 22.94 -25.23 7.38
CA VAL E 385 24.31 -24.82 7.09
C VAL E 385 24.35 -23.41 6.58
N THR E 386 23.31 -22.98 5.84
CA THR E 386 23.24 -21.61 5.36
C THR E 386 23.00 -20.64 6.50
N GLN E 387 21.99 -20.91 7.34
CA GLN E 387 21.63 -19.99 8.42
C GLN E 387 22.71 -19.91 9.48
N SER E 388 23.36 -21.02 9.77
CA SER E 388 24.46 -21.01 10.72
C SER E 388 25.77 -20.58 10.09
N ALA E 389 25.77 -20.13 8.83
CA ALA E 389 26.93 -19.46 8.28
C ALA E 389 26.71 -17.96 8.12
N TYR E 390 25.47 -17.53 7.92
CA TYR E 390 25.21 -16.10 7.94
C TYR E 390 25.19 -15.56 9.36
N ALA E 391 24.70 -16.35 10.31
CA ALA E 391 24.64 -15.90 11.70
C ALA E 391 26.02 -15.73 12.30
N GLN E 392 26.98 -16.54 11.86
CA GLN E 392 28.34 -16.38 12.37
C GLN E 392 28.99 -15.13 11.80
N ILE E 393 28.77 -14.87 10.52
CA ILE E 393 29.48 -13.79 9.85
C ILE E 393 28.78 -12.45 10.06
N VAL E 394 27.48 -12.40 9.81
CA VAL E 394 26.76 -11.14 9.95
C VAL E 394 26.41 -10.88 11.40
N GLN E 395 25.65 -11.78 12.00
CA GLN E 395 25.00 -11.52 13.27
C GLN E 395 25.95 -11.66 14.45
N PHE E 396 26.94 -12.53 14.36
CA PHE E 396 27.95 -12.66 15.40
C PHE E 396 29.21 -11.98 14.89
N GLY E 397 30.31 -12.12 15.62
CA GLY E 397 31.53 -11.49 15.16
C GLY E 397 32.60 -12.49 14.77
N MET E 398 32.18 -13.59 14.16
CA MET E 398 33.09 -14.71 13.95
C MET E 398 34.11 -14.46 12.85
N ASN E 399 33.82 -13.57 11.93
CA ASN E 399 34.64 -13.44 10.73
C ASN E 399 35.61 -12.28 10.87
N GLU E 400 36.77 -12.43 10.21
CA GLU E 400 37.83 -11.45 10.33
C GLU E 400 37.76 -10.38 9.24
N LYS E 401 37.35 -10.76 8.04
CA LYS E 401 37.28 -9.78 6.96
C LYS E 401 36.07 -8.88 7.08
N VAL E 402 34.92 -9.44 7.49
CA VAL E 402 33.73 -8.62 7.69
C VAL E 402 33.89 -7.75 8.93
N GLY E 403 34.54 -8.28 9.95
CA GLY E 403 34.87 -7.48 11.12
C GLY E 403 33.99 -7.77 12.30
N GLN E 404 34.13 -6.92 13.31
CA GLN E 404 33.45 -7.09 14.60
C GLN E 404 32.08 -6.41 14.59
N ILE E 405 31.26 -6.73 13.61
CA ILE E 405 30.03 -5.98 13.35
C ILE E 405 28.86 -6.94 13.44
N SER E 406 27.79 -6.52 14.11
CA SER E 406 26.58 -7.32 14.22
C SER E 406 25.41 -6.54 13.65
N PHE E 407 24.59 -7.23 12.86
CA PHE E 407 23.35 -6.70 12.34
C PHE E 407 22.19 -7.57 12.85
N ASP E 408 21.01 -7.32 12.33
CA ASP E 408 19.83 -8.10 12.69
C ASP E 408 19.35 -8.89 11.48
N LEU E 409 19.52 -10.21 11.54
CA LEU E 409 18.99 -11.07 10.50
C LEU E 409 17.46 -11.13 10.61
N PRO E 410 16.75 -11.18 9.49
CA PRO E 410 15.30 -11.29 9.55
C PRO E 410 14.86 -12.68 9.95
N ARG E 411 13.58 -12.78 10.28
CA ARG E 411 12.94 -14.07 10.49
C ARG E 411 12.47 -14.61 9.13
N GLN E 412 11.65 -15.66 9.16
CA GLN E 412 11.10 -16.18 7.90
C GLN E 412 10.02 -15.24 7.36
N GLY E 413 9.14 -14.74 8.22
CA GLY E 413 8.06 -13.89 7.81
C GLY E 413 8.36 -12.41 7.76
N ASP E 414 9.60 -12.01 8.02
CA ASP E 414 9.96 -10.59 7.96
C ASP E 414 10.11 -10.15 6.51
N MET E 415 9.54 -8.99 6.19
CA MET E 415 9.65 -8.41 4.86
C MET E 415 10.90 -7.54 4.83
N VAL E 416 11.86 -7.90 3.99
CA VAL E 416 13.11 -7.16 3.86
C VAL E 416 13.03 -6.34 2.58
N LEU E 417 13.15 -5.03 2.70
CA LEU E 417 13.20 -4.16 1.54
C LEU E 417 14.55 -3.51 1.31
N GLU E 418 15.42 -3.51 2.32
CA GLU E 418 16.77 -2.99 2.15
C GLU E 418 17.67 -3.63 3.20
N LYS E 419 18.83 -4.09 2.76
CA LYS E 419 19.79 -4.59 3.73
C LYS E 419 20.46 -3.41 4.44
N PRO E 420 20.76 -3.53 5.73
CA PRO E 420 21.34 -2.40 6.46
C PRO E 420 22.75 -2.06 6.04
N TYR E 421 23.49 -3.01 5.51
CA TYR E 421 24.83 -2.80 5.00
C TYR E 421 24.77 -2.58 3.49
N SER E 422 25.93 -2.33 2.89
CA SER E 422 26.02 -1.93 1.50
C SER E 422 25.92 -3.13 0.59
N GLU E 423 26.25 -2.93 -0.69
CA GLU E 423 26.35 -4.05 -1.62
C GLU E 423 27.76 -4.61 -1.67
N ALA E 424 28.78 -3.76 -1.50
CA ALA E 424 30.15 -4.25 -1.43
C ALA E 424 30.37 -5.06 -0.16
N THR E 425 29.61 -4.75 0.89
CA THR E 425 29.62 -5.59 2.08
C THR E 425 28.92 -6.92 1.82
N ALA E 426 27.77 -6.88 1.13
CA ALA E 426 27.03 -8.11 0.85
C ALA E 426 27.75 -9.01 -0.15
N ARG E 427 28.55 -8.42 -1.05
CA ARG E 427 29.45 -9.22 -1.86
C ARG E 427 30.54 -9.84 -1.01
N LEU E 428 30.99 -9.14 0.04
CA LEU E 428 32.01 -9.68 0.91
C LEU E 428 31.45 -10.74 1.84
N ILE E 429 30.18 -10.61 2.24
CA ILE E 429 29.58 -11.59 3.15
C ILE E 429 29.35 -12.92 2.45
N ASP E 430 28.77 -12.88 1.24
CA ASP E 430 28.48 -14.10 0.50
C ASP E 430 29.76 -14.80 0.05
N ASP E 431 30.84 -14.06 -0.15
CA ASP E 431 32.10 -14.70 -0.48
C ASP E 431 32.76 -15.36 0.73
N GLU E 432 32.29 -15.07 1.94
CA GLU E 432 32.83 -15.72 3.13
C GLU E 432 31.93 -16.78 3.70
N VAL E 433 30.64 -16.80 3.34
CA VAL E 433 29.81 -17.95 3.61
C VAL E 433 30.28 -19.13 2.76
N ARG E 434 30.64 -18.86 1.51
CA ARG E 434 31.06 -19.92 0.60
C ARG E 434 32.44 -20.46 0.97
N ILE E 435 33.30 -19.63 1.54
CA ILE E 435 34.55 -20.14 2.08
C ILE E 435 34.28 -20.99 3.32
N LEU E 436 33.30 -20.59 4.12
CA LEU E 436 33.04 -21.26 5.39
C LEU E 436 32.43 -22.64 5.19
N ILE E 437 31.51 -22.77 4.23
CA ILE E 437 30.86 -24.05 4.01
C ILE E 437 31.81 -25.03 3.34
N ASN E 438 32.60 -24.56 2.37
CA ASN E 438 33.59 -25.43 1.74
C ASN E 438 34.73 -25.78 2.69
N ASP E 439 35.01 -24.95 3.69
CA ASP E 439 35.94 -25.38 4.72
C ASP E 439 35.31 -26.41 5.64
N ALA E 440 33.98 -26.41 5.77
CA ALA E 440 33.30 -27.47 6.48
C ALA E 440 32.95 -28.64 5.58
N TYR E 441 32.96 -28.44 4.27
CA TYR E 441 32.68 -29.54 3.35
C TYR E 441 33.92 -30.40 3.14
N LYS E 442 35.08 -29.76 2.98
CA LYS E 442 36.33 -30.50 2.83
C LYS E 442 36.71 -31.20 4.13
N ARG E 443 36.36 -30.62 5.28
CA ARG E 443 36.62 -31.25 6.56
C ARG E 443 35.77 -32.48 6.77
N THR E 444 34.56 -32.49 6.22
CA THR E 444 33.69 -33.64 6.37
C THR E 444 34.07 -34.76 5.41
N VAL E 445 34.57 -34.40 4.23
CA VAL E 445 35.06 -35.40 3.27
C VAL E 445 36.26 -36.13 3.87
N ALA E 446 37.20 -35.37 4.46
CA ALA E 446 38.39 -35.96 5.04
C ALA E 446 38.12 -36.81 6.26
N LEU E 447 36.94 -36.68 6.87
CA LEU E 447 36.56 -37.58 7.96
C LEU E 447 35.92 -38.85 7.44
N LEU E 448 34.94 -38.73 6.54
CA LEU E 448 34.16 -39.89 6.13
C LEU E 448 34.90 -40.76 5.12
N THR E 449 35.80 -40.19 4.31
CA THR E 449 36.51 -41.05 3.36
C THR E 449 37.65 -41.80 4.04
N GLU E 450 38.06 -41.37 5.23
CA GLU E 450 38.96 -42.15 6.05
C GLU E 450 38.22 -43.16 6.92
N LYS E 451 36.93 -42.94 7.12
CA LYS E 451 36.12 -43.84 7.93
C LYS E 451 35.00 -44.39 7.06
N LYS E 452 35.34 -44.80 5.84
CA LYS E 452 34.33 -45.24 4.88
C LYS E 452 33.74 -46.59 5.29
N ALA E 453 34.57 -47.49 5.81
CA ALA E 453 34.07 -48.79 6.24
C ALA E 453 33.17 -48.68 7.46
N ASP E 454 33.42 -47.67 8.31
CA ASP E 454 32.57 -47.46 9.47
C ASP E 454 31.17 -46.99 9.08
N VAL E 455 31.06 -46.20 8.02
CA VAL E 455 29.75 -45.75 7.55
C VAL E 455 28.98 -46.92 6.97
N GLU E 456 29.68 -47.81 6.27
CA GLU E 456 29.04 -48.94 5.63
C GLU E 456 28.57 -49.97 6.66
N LYS E 457 29.25 -50.06 7.81
CA LYS E 457 28.80 -50.93 8.89
C LYS E 457 27.50 -50.43 9.49
N VAL E 458 27.33 -49.12 9.58
CA VAL E 458 26.19 -48.55 10.27
C VAL E 458 24.93 -48.72 9.45
N ALA E 459 24.99 -48.37 8.18
CA ALA E 459 23.77 -48.28 7.38
C ALA E 459 23.23 -49.61 6.92
N LEU E 460 24.06 -50.67 6.91
CA LEU E 460 23.54 -51.98 6.54
C LEU E 460 22.62 -52.53 7.62
N LEU E 461 22.85 -52.15 8.88
CA LEU E 461 21.86 -52.47 9.91
C LEU E 461 20.60 -51.62 9.74
N LEU E 462 20.74 -50.41 9.21
CA LEU E 462 19.57 -49.60 8.91
C LEU E 462 18.76 -50.17 7.75
N LEU E 463 19.41 -50.93 6.88
CA LEU E 463 18.66 -51.68 5.87
C LEU E 463 18.13 -53.00 6.42
N GLU E 464 18.37 -53.30 7.69
CA GLU E 464 17.83 -54.45 8.38
C GLU E 464 16.92 -54.07 9.53
N LYS E 465 17.39 -53.21 10.43
CA LYS E 465 16.64 -52.85 11.62
C LYS E 465 15.74 -51.64 11.42
N GLU E 466 16.18 -50.69 10.58
CA GLU E 466 15.56 -49.42 10.21
C GLU E 466 15.50 -48.41 11.35
N VAL E 467 15.92 -48.80 12.55
CA VAL E 467 15.95 -47.94 13.72
C VAL E 467 17.24 -48.24 14.47
N LEU E 468 18.02 -47.21 14.74
CA LEU E 468 19.20 -47.35 15.58
C LEU E 468 18.98 -46.76 16.96
N ASP E 469 19.90 -47.09 17.86
CA ASP E 469 19.96 -46.53 19.19
C ASP E 469 21.42 -46.19 19.44
N LYS E 470 21.69 -45.48 20.53
CA LYS E 470 23.09 -45.24 20.89
C LYS E 470 23.75 -46.53 21.35
N ASN E 471 22.98 -47.46 21.93
CA ASN E 471 23.52 -48.76 22.31
C ASN E 471 23.89 -49.58 21.08
N ASP E 472 23.21 -49.38 19.96
CA ASP E 472 23.57 -50.06 18.73
C ASP E 472 24.86 -49.50 18.15
N MET E 473 25.10 -48.20 18.33
CA MET E 473 26.28 -47.56 17.76
C MET E 473 27.55 -47.92 18.51
N VAL E 474 27.43 -48.23 19.81
CA VAL E 474 28.60 -48.67 20.56
C VAL E 474 29.04 -50.06 20.12
N GLU E 475 28.07 -50.91 19.80
CA GLU E 475 28.39 -52.27 19.36
C GLU E 475 29.02 -52.30 17.97
N LEU E 476 28.85 -51.25 17.18
CA LEU E 476 29.45 -51.15 15.85
C LEU E 476 30.79 -50.42 15.85
N LEU E 477 30.94 -49.40 16.67
CA LEU E 477 32.07 -48.50 16.56
C LEU E 477 32.90 -48.40 17.83
N GLY E 478 32.48 -49.05 18.92
CA GLY E 478 33.11 -48.86 20.19
C GLY E 478 32.52 -47.65 20.87
N PRO E 479 33.08 -47.25 22.01
CA PRO E 479 32.65 -46.01 22.65
C PRO E 479 33.24 -44.81 21.91
N ARG E 480 32.73 -43.63 22.26
CA ARG E 480 33.28 -42.41 21.69
C ARG E 480 34.66 -42.14 22.26
N PRO E 481 35.54 -41.49 21.51
CA PRO E 481 36.89 -41.16 22.02
C PRO E 481 36.93 -39.96 22.97
N PHE E 482 35.78 -39.54 23.47
CA PHE E 482 35.60 -38.22 24.07
C PHE E 482 35.02 -38.36 25.46
N ALA E 483 35.45 -37.48 26.36
CA ALA E 483 34.97 -37.49 27.74
C ALA E 483 33.54 -36.93 27.75
N GLU E 484 32.59 -37.79 27.44
CA GLU E 484 31.20 -37.39 27.26
C GLU E 484 30.39 -37.68 28.52
N LYS E 485 29.43 -36.81 28.79
CA LYS E 485 28.53 -36.94 29.93
C LYS E 485 27.13 -37.32 29.46
N SER E 486 26.51 -38.27 30.16
CA SER E 486 25.23 -38.81 29.70
C SER E 486 24.16 -38.82 30.78
N THR E 487 24.51 -39.09 32.03
CA THR E 487 23.50 -39.24 33.07
C THR E 487 23.13 -37.88 33.65
N TYR E 488 22.08 -37.88 34.47
CA TYR E 488 21.61 -36.63 35.06
C TYR E 488 22.55 -36.10 36.12
N GLU E 489 23.16 -37.00 36.89
CA GLU E 489 23.99 -36.59 38.02
C GLU E 489 25.30 -35.95 37.59
N GLU E 490 25.72 -36.17 36.34
CA GLU E 490 26.84 -35.46 35.75
C GLU E 490 26.41 -34.30 34.85
N PHE E 491 25.11 -34.16 34.61
CA PHE E 491 24.55 -32.97 33.98
C PHE E 491 24.28 -31.84 34.97
N VAL E 492 24.46 -32.08 36.27
CA VAL E 492 23.91 -31.23 37.31
C VAL E 492 24.98 -30.70 38.25
N GLU E 493 26.24 -31.06 38.05
CA GLU E 493 27.36 -30.78 38.95
C GLU E 493 27.76 -29.29 39.02
N GLY E 494 27.03 -28.34 38.46
CA GLY E 494 27.40 -26.93 38.62
C GLY E 494 27.26 -26.46 40.05
N THR E 495 26.22 -26.90 40.74
CA THR E 495 26.06 -26.62 42.17
C THR E 495 25.98 -27.91 42.96
CA PHE F 21 -39.44 -20.44 17.95
CA SER F 22 -38.45 -23.99 16.90
CA VAL F 23 -35.53 -22.89 14.65
CA GLY F 24 -32.93 -23.83 17.23
CA GLU F 25 -32.47 -27.40 16.09
CA THR F 26 -29.05 -28.61 15.06
CA THR F 27 -30.30 -30.50 11.92
CA ALA F 28 -27.72 -33.19 12.75
CA LYS F 29 -28.70 -36.85 12.49
CA VAL F 30 -27.53 -39.25 15.18
CA LEU F 31 -26.33 -41.86 12.69
CA LYS F 32 -28.17 -45.10 13.48
CA ASP F 33 -27.68 -46.74 10.08
CA GLU F 34 -25.13 -49.55 10.16
CA ILE F 35 -22.57 -48.22 7.68
CA ASP F 36 -20.82 -51.19 6.08
CA VAL F 37 -17.50 -49.37 5.51
CA LYS F 38 -14.79 -50.87 7.70
CA PHE F 39 -11.19 -49.67 7.84
CA LYS F 40 -10.28 -52.32 5.25
CA ASP F 41 -12.07 -50.22 2.62
CA VAL F 42 -9.91 -47.13 3.24
CA ALA F 43 -6.60 -47.77 1.52
CA GLY F 44 -3.71 -45.58 0.46
CA CYS F 45 -3.72 -43.18 3.41
CA GLU F 46 -2.02 -45.61 5.74
CA GLU F 47 -0.42 -43.22 8.25
CA ALA F 48 -3.56 -41.07 8.23
CA LYS F 49 -5.97 -43.87 9.13
CA LEU F 50 -3.73 -44.84 12.05
CA GLU F 51 -4.40 -41.54 13.79
CA ILE F 52 -8.17 -42.00 13.36
CA MET F 53 -8.08 -45.54 14.74
CA GLU F 54 -6.51 -44.19 17.93
CA PHE F 55 -9.73 -42.29 18.51
CA VAL F 56 -11.50 -45.64 18.23
CA ASN F 57 -8.74 -47.41 20.17
CA PHE F 58 -9.09 -44.93 23.01
CA LEU F 59 -12.80 -45.55 22.51
CA LYS F 60 -12.32 -49.30 22.09
CA ASN F 61 -10.48 -49.58 25.40
CA PRO F 62 -11.66 -46.58 27.47
CA LYS F 63 -10.58 -48.15 30.75
CA GLN F 64 -6.94 -48.51 29.73
CA TYR F 65 -6.71 -44.87 28.62
CA GLN F 66 -8.67 -43.72 31.67
CA ASP F 67 -6.39 -45.71 33.96
CA LEU F 68 -3.28 -43.79 32.93
CA GLY F 69 -5.16 -40.50 33.21
CA ALA F 70 -5.14 -39.87 29.47
CA LYS F 71 -6.00 -37.77 28.15
CA ILE F 72 -8.44 -38.14 25.28
CA PRO F 73 -7.42 -36.07 22.24
CA LYS F 74 -10.07 -33.48 21.56
CA GLY F 75 -10.46 -33.55 17.79
CA ALA F 76 -8.93 -33.75 14.34
CA ILE F 77 -8.99 -31.92 11.01
CA LEU F 78 -8.89 -33.93 7.80
CA THR F 79 -7.35 -31.80 5.05
CA GLY F 80 -6.22 -32.51 1.53
CA PRO F 81 -7.21 -32.13 -2.10
CA PRO F 82 -10.79 -33.10 -2.98
CA GLY F 83 -11.50 -36.75 -3.63
CA THR F 84 -9.05 -38.32 -1.21
CA GLY F 85 -11.21 -40.14 1.31
CA LYS F 86 -11.46 -37.75 4.22
CA THR F 87 -15.22 -38.35 4.32
CA LEU F 88 -14.70 -42.07 3.65
CA LEU F 89 -12.25 -42.15 6.54
CA ALA F 90 -15.04 -40.67 8.63
CA LYS F 91 -17.40 -43.30 7.20
CA ALA F 92 -15.04 -46.00 8.44
CA THR F 93 -15.20 -44.66 11.99
CA ALA F 94 -19.01 -44.73 12.04
CA GLY F 95 -19.04 -48.36 10.94
CA GLU F 96 -16.31 -49.54 13.30
CA ALA F 97 -16.45 -47.57 16.56
CA ASN F 98 -19.23 -48.77 18.85
CA VAL F 99 -19.88 -45.26 20.18
CA PRO F 100 -22.76 -43.07 18.93
CA PHE F 101 -21.80 -41.07 15.87
CA ILE F 102 -23.49 -37.94 14.55
CA THR F 103 -22.91 -35.99 11.34
CA VAL F 104 -23.38 -32.34 10.45
CA SER F 105 -22.29 -30.10 7.59
CA GLY F 106 -20.37 -26.89 8.12
CA SER F 107 -22.84 -24.83 6.11
CA GLU F 108 -25.88 -25.96 8.09
CA PHE F 109 -25.44 -23.45 10.91
CA LEU F 110 -26.24 -20.17 9.17
CA GLU F 111 -29.84 -19.37 8.29
CA MET F 112 -31.83 -16.18 7.69
CA PHE F 113 -31.81 -14.87 11.26
CA VAL F 114 -29.44 -13.47 13.90
CA GLY F 115 -29.59 -15.96 16.76
CA VAL F 116 -29.44 -18.95 14.39
CA GLY F 117 -25.87 -19.96 13.89
CA PRO F 118 -24.69 -19.58 17.50
CA ALA F 119 -27.98 -21.03 18.76
CA ARG F 120 -27.39 -24.07 16.53
CA VAL F 121 -23.83 -24.91 17.59
CA ARG F 122 -25.03 -24.84 21.22
CA ASP F 123 -27.54 -27.60 20.44
CA LEU F 124 -25.07 -29.51 18.30
CA PHE F 125 -23.03 -30.27 21.41
CA ALA F 126 -25.90 -30.48 23.89
CA LEU F 127 -27.01 -33.35 21.69
CA ALA F 128 -23.40 -34.57 21.70
CA ARG F 129 -23.38 -34.56 25.52
CA LYS F 130 -26.50 -36.70 25.80
CA ASN F 131 -24.45 -39.25 23.85
CA ALA F 132 -21.53 -39.16 26.25
CA PRO F 133 -18.65 -41.08 24.54
CA CYS F 134 -19.78 -39.94 21.08
CA ILE F 135 -17.84 -38.79 18.01
CA LEU F 136 -19.18 -35.96 15.85
CA PHE F 137 -18.15 -35.10 12.30
CA ILE F 138 -18.34 -31.59 10.85
CA ASP F 139 -18.02 -31.79 7.08
CA GLN F 140 -16.79 -28.75 5.10
CA ILE F 141 -15.85 -26.80 8.22
CA ASP F 142 -14.54 -23.88 6.09
CA ALA F 143 -18.14 -22.59 5.80
CA VAL F 144 -18.15 -21.39 9.43
CA GLY F 145 -14.43 -21.64 10.08
CA ARG F 146 -13.46 -18.50 8.17
CA LYS F 147 -10.91 -16.18 9.78
CA ARG F 148 -12.43 -13.22 11.60
CA GLY F 155 -11.98 -9.82 10.00
CA GLN F 156 -19.42 -11.34 7.92
CA SER F 157 -20.56 -10.64 11.49
CA GLU F 158 -22.96 -13.60 11.68
CA GLN F 159 -20.19 -15.95 10.62
CA GLU F 160 -17.98 -14.64 13.42
CA ASN F 161 -20.69 -15.13 16.06
CA THR F 162 -21.14 -18.74 14.92
CA LEU F 163 -17.38 -19.28 14.99
CA ASN F 164 -16.98 -17.67 18.43
CA GLN F 165 -19.71 -19.94 19.73
CA LEU F 166 -17.89 -22.94 18.25
CA LEU F 167 -14.62 -21.89 19.90
CA VAL F 168 -16.11 -21.62 23.40
CA GLU F 169 -17.97 -24.93 23.17
CA MET F 170 -14.87 -26.86 22.11
CA ASP F 171 -12.52 -25.47 24.77
CA GLY F 172 -13.74 -23.36 27.68
CA PHE F 173 -16.29 -23.64 30.44
CA ASN F 174 -18.71 -26.62 30.42
CA THR F 175 -16.42 -28.42 27.97
CA THR F 176 -17.04 -32.10 28.65
CA THR F 177 -14.68 -34.93 27.84
CA ASN F 178 -15.19 -38.01 25.64
CA VAL F 179 -16.38 -35.97 22.63
CA VAL F 180 -14.10 -36.48 19.63
CA ILE F 181 -14.72 -33.77 17.04
CA LEU F 182 -13.67 -34.92 13.59
CA ALA F 183 -13.64 -32.31 10.86
CA GLY F 184 -12.92 -32.15 7.17
CA THR F 185 -12.02 -29.38 4.77
CA ASN F 186 -9.97 -28.74 1.65
CA ARG F 187 -9.13 -25.08 2.37
CA PRO F 188 -7.40 -25.13 5.76
CA ASP F 189 -5.50 -21.92 5.03
CA ILE F 190 -8.58 -19.70 5.33
CA LEU F 191 -9.38 -21.15 8.75
CA ASP F 192 -9.11 -19.16 11.94
CA PRO F 193 -5.96 -19.85 14.00
CA ALA F 194 -8.31 -20.04 17.00
CA LEU F 195 -9.67 -23.27 15.51
CA LEU F 196 -6.23 -24.54 14.53
CA ARG F 197 -4.86 -24.41 18.08
CA PRO F 198 -4.49 -27.57 20.15
CA GLY F 199 -7.27 -28.06 22.64
CA ARG F 200 -9.77 -27.50 19.83
CA PHE F 201 -8.21 -29.61 17.05
CA ASP F 202 -5.25 -31.46 18.55
CA ARG F 203 -4.27 -33.05 15.24
CA GLN F 204 -4.25 -31.73 11.69
CA ILE F 205 -4.14 -34.73 9.37
CA PHE F 206 -3.25 -34.07 5.74
CA ILE F 207 -4.67 -36.78 3.49
CA GLY F 208 -2.65 -36.30 0.32
CA PRO F 209 -3.29 -37.93 -3.09
CA PRO F 210 -2.95 -41.78 -3.30
CA ASP F 211 -4.00 -43.91 -4.34
CA ILE F 212 -3.99 -46.00 -7.53
CA LYS F 213 -4.87 -49.08 -5.48
CA GLY F 214 -7.67 -47.00 -4.00
CA ARG F 215 -9.00 -45.80 -7.34
CA ALA F 216 -8.91 -49.32 -8.77
CA SER F 217 -11.33 -50.39 -6.05
CA ILE F 218 -13.55 -47.36 -6.60
CA PHE F 219 -13.89 -48.46 -10.23
CA LYS F 220 -14.91 -51.93 -8.99
CA VAL F 221 -17.83 -50.35 -7.14
CA HIS F 222 -19.03 -48.27 -10.09
CA LEU F 223 -18.28 -50.59 -13.02
CA ARG F 224 -20.67 -52.98 -11.28
CA PRO F 225 -24.04 -51.59 -12.53
CA LEU F 226 -22.80 -51.02 -16.11
CA LYS F 227 -23.02 -53.39 -19.09
CA LEU F 228 -19.68 -54.23 -20.67
CA ASP F 229 -18.93 -56.43 -23.69
CA SER F 230 -18.67 -60.19 -23.95
CA THR F 231 -15.02 -59.35 -23.32
CA LEU F 232 -13.93 -56.66 -20.75
CA GLU F 233 -14.21 -58.36 -17.39
CA LYS F 234 -15.10 -55.79 -14.70
CA ASP F 235 -12.03 -56.70 -12.62
CA LYS F 236 -9.25 -56.27 -15.19
CA LEU F 237 -10.83 -53.10 -16.56
CA ALA F 238 -10.77 -51.39 -13.15
CA ARG F 239 -7.00 -51.84 -13.09
CA LYS F 240 -6.74 -50.32 -16.58
CA LEU F 241 -9.02 -47.41 -15.73
CA ALA F 242 -7.16 -46.42 -12.58
CA SER F 243 -3.98 -46.24 -14.65
CA LEU F 244 -5.49 -43.74 -17.08
CA THR F 245 -6.81 -41.56 -14.22
CA PRO F 246 -3.97 -40.18 -12.05
CA GLY F 247 -4.82 -37.77 -9.30
CA PHE F 248 -8.57 -38.25 -9.46
CA SER F 249 -10.78 -38.56 -6.41
CA GLY F 250 -13.66 -40.69 -5.20
CA ALA F 251 -16.16 -38.77 -7.33
CA ASP F 252 -14.08 -38.17 -10.46
CA VAL F 253 -14.09 -41.95 -10.91
CA ALA F 254 -17.89 -41.84 -10.58
CA ASN F 255 -18.26 -39.69 -13.71
CA VAL F 256 -15.83 -41.74 -15.81
CA CYS F 257 -17.96 -44.80 -15.11
CA ASN F 258 -21.16 -42.83 -15.70
CA GLU F 259 -20.31 -40.65 -18.69
CA ALA F 260 -18.85 -43.58 -20.59
CA ALA F 261 -22.34 -45.07 -20.58
CA LEU F 262 -23.79 -41.81 -21.86
CA ILE F 263 -21.31 -41.89 -24.73
CA ALA F 264 -22.03 -45.58 -25.32
CA ALA F 265 -25.74 -44.86 -25.57
CA ARG F 266 -25.37 -41.65 -27.58
CA HIS F 267 -24.02 -43.74 -30.46
CA LEU F 268 -26.76 -46.35 -29.72
CA SER F 269 -24.46 -49.23 -28.86
CA ASP F 270 -25.23 -52.48 -27.09
CA SER F 271 -22.36 -52.61 -24.59
CA ILE F 272 -19.75 -50.18 -23.30
CA ASN F 273 -16.44 -50.62 -25.11
CA GLN F 274 -13.04 -49.61 -23.80
CA LYS F 275 -13.03 -46.77 -26.34
CA HIS F 276 -16.01 -45.22 -24.55
CA PHE F 277 -14.24 -44.87 -21.19
CA GLU F 278 -11.29 -43.03 -22.75
CA GLN F 279 -13.75 -40.59 -24.30
CA ALA F 280 -15.18 -40.10 -20.81
CA ILE F 281 -11.74 -39.33 -19.35
CA GLU F 282 -10.73 -36.84 -22.03
CA ARG F 283 -14.04 -35.01 -21.75
CA VAL F 284 -13.45 -34.33 -18.05
CA ILE F 285 -9.70 -33.77 -17.95
CA GLY F 286 -9.38 -33.29 -21.70
CA GLY F 287 -12.22 -30.89 -22.38
CA LEU F 288 -14.31 -30.80 -25.55
CA GLU F 289 -13.18 -32.68 -28.69
CA LYS F 290 -14.17 -30.65 -31.75
CA LYS F 291 -12.15 -31.60 -34.85
CA THR F 292 -13.22 -28.89 -37.35
CA GLN F 293 -12.36 -25.56 -35.68
N VAL F 294 -10.50 -26.50 -34.37
CA VAL F 294 -9.33 -26.37 -33.49
C VAL F 294 -8.08 -25.68 -34.05
N LEU F 295 -7.65 -26.01 -35.27
CA LEU F 295 -6.42 -25.42 -35.82
C LEU F 295 -6.20 -25.44 -37.33
N GLN F 296 -5.25 -24.61 -37.75
CA GLN F 296 -4.75 -24.52 -39.11
C GLN F 296 -3.87 -25.71 -39.46
N PRO F 297 -3.91 -26.18 -40.71
CA PRO F 297 -3.07 -27.32 -41.10
C PRO F 297 -1.59 -27.02 -41.13
N GLU F 298 -1.19 -25.76 -41.25
CA GLU F 298 0.22 -25.43 -41.14
C GLU F 298 0.70 -25.54 -39.71
N GLU F 299 -0.15 -25.24 -38.74
CA GLU F 299 0.26 -25.35 -37.34
C GLU F 299 0.12 -26.76 -36.80
N LYS F 300 -0.79 -27.56 -37.35
CA LYS F 300 -0.90 -28.96 -36.92
C LYS F 300 0.32 -29.77 -37.29
N LYS F 301 1.01 -29.40 -38.37
CA LYS F 301 2.32 -29.99 -38.64
C LYS F 301 3.37 -29.49 -37.65
N THR F 302 3.20 -28.28 -37.14
CA THR F 302 4.16 -27.72 -36.20
C THR F 302 3.90 -28.24 -34.79
N VAL F 303 2.63 -28.38 -34.40
CA VAL F 303 2.30 -28.89 -33.07
C VAL F 303 2.64 -30.37 -32.97
N ALA F 304 2.31 -31.16 -34.00
CA ALA F 304 2.58 -32.59 -33.93
C ALA F 304 4.06 -32.92 -34.07
N TYR F 305 4.88 -31.99 -34.56
CA TYR F 305 6.32 -32.17 -34.45
C TYR F 305 6.86 -31.67 -33.12
N HIS F 306 6.21 -30.68 -32.52
CA HIS F 306 6.57 -30.28 -31.16
C HIS F 306 6.20 -31.37 -30.17
N GLN F 307 4.95 -31.84 -30.23
CA GLN F 307 4.43 -32.71 -29.19
C GLN F 307 5.03 -34.10 -29.26
N ALA F 308 5.37 -34.58 -30.46
CA ALA F 308 6.05 -35.85 -30.63
C ALA F 308 7.56 -35.72 -30.58
N GLY F 309 8.07 -34.59 -30.08
CA GLY F 309 9.47 -34.49 -29.75
C GLY F 309 9.62 -34.80 -28.28
N HIS F 310 8.58 -34.46 -27.50
CA HIS F 310 8.53 -34.88 -26.12
C HIS F 310 8.34 -36.38 -26.01
N ALA F 311 7.60 -36.98 -26.94
CA ALA F 311 7.27 -38.39 -26.88
C ALA F 311 8.43 -39.30 -27.24
N VAL F 312 9.47 -38.76 -27.87
CA VAL F 312 10.64 -39.53 -28.22
C VAL F 312 11.80 -39.24 -27.28
N ALA F 313 11.99 -37.98 -26.91
CA ALA F 313 13.00 -37.64 -25.92
C ALA F 313 12.63 -38.15 -24.54
N GLY F 314 11.33 -38.22 -24.24
CA GLY F 314 10.86 -38.87 -23.04
C GLY F 314 10.75 -40.38 -23.14
N TRP F 315 11.28 -40.96 -24.22
CA TRP F 315 11.26 -42.39 -24.45
C TRP F 315 12.66 -42.99 -24.41
N TYR F 316 13.59 -42.38 -25.15
CA TYR F 316 14.97 -42.85 -25.22
C TYR F 316 15.85 -42.34 -24.10
N LEU F 317 15.31 -41.56 -23.17
CA LEU F 317 16.02 -41.18 -21.95
C LEU F 317 15.59 -42.07 -20.80
N GLU F 318 16.55 -42.37 -19.93
CA GLU F 318 16.33 -43.38 -18.89
C GLU F 318 15.45 -42.86 -17.77
N HIS F 319 15.77 -41.69 -17.24
CA HIS F 319 15.10 -41.15 -16.06
C HIS F 319 13.89 -40.30 -16.41
N ALA F 320 13.29 -40.50 -17.57
CA ALA F 320 12.08 -39.78 -17.94
C ALA F 320 10.86 -40.47 -17.35
N ASP F 321 9.74 -39.89 -17.56
CA ASP F 321 8.52 -40.47 -17.02
C ASP F 321 7.94 -41.49 -17.99
N PRO F 322 7.21 -42.50 -17.48
CA PRO F 322 6.44 -43.36 -18.37
C PRO F 322 5.30 -42.58 -19.03
N LEU F 323 5.38 -42.46 -20.34
CA LEU F 323 4.44 -41.66 -21.11
C LEU F 323 3.10 -42.38 -21.25
N LEU F 324 2.01 -41.67 -20.96
CA LEU F 324 0.67 -42.24 -21.11
C LEU F 324 -0.01 -41.78 -22.40
N LYS F 325 -0.19 -40.47 -22.57
CA LYS F 325 -0.98 -39.94 -23.67
C LYS F 325 -0.22 -38.80 -24.34
N VAL F 326 -0.35 -38.73 -25.66
CA VAL F 326 0.19 -37.64 -26.48
C VAL F 326 -0.93 -37.17 -27.39
N SER F 327 -1.29 -35.90 -27.28
CA SER F 327 -2.37 -35.35 -28.10
C SER F 327 -1.99 -33.96 -28.58
N ILE F 328 -2.63 -33.55 -29.67
CA ILE F 328 -2.44 -32.22 -30.24
C ILE F 328 -3.70 -31.38 -30.21
N ILE F 329 -4.82 -31.93 -29.74
CA ILE F 329 -6.03 -31.14 -29.60
C ILE F 329 -5.89 -30.20 -28.42
N PRO F 330 -6.09 -28.90 -28.60
CA PRO F 330 -5.91 -27.94 -27.48
C PRO F 330 -7.06 -28.07 -26.49
N ARG F 331 -6.72 -28.35 -25.23
CA ARG F 331 -7.67 -28.44 -24.14
C ARG F 331 -7.33 -27.37 -23.11
N GLY F 332 -8.25 -26.43 -22.89
CA GLY F 332 -8.00 -25.36 -21.96
C GLY F 332 -7.07 -24.30 -22.52
N LYS F 333 -5.87 -24.21 -21.94
CA LYS F 333 -4.89 -23.21 -22.37
C LYS F 333 -3.75 -23.77 -23.19
N GLY F 334 -3.39 -25.05 -22.99
CA GLY F 334 -2.30 -25.63 -23.74
C GLY F 334 -2.69 -25.97 -25.16
N LEU F 335 -1.70 -25.95 -26.05
CA LEU F 335 -1.94 -26.26 -27.45
C LEU F 335 -2.14 -27.76 -27.67
N GLY F 336 -1.61 -28.60 -26.77
CA GLY F 336 -1.86 -30.02 -26.81
C GLY F 336 -1.40 -30.66 -25.53
N TYR F 337 -2.28 -31.46 -24.91
CA TYR F 337 -1.91 -32.03 -23.63
C TYR F 337 -1.04 -33.26 -23.82
N ALA F 338 -0.28 -33.59 -22.77
CA ALA F 338 0.57 -34.78 -22.75
C ALA F 338 0.48 -35.34 -21.33
N GLN F 339 -0.45 -36.27 -21.14
CA GLN F 339 -0.65 -36.87 -19.81
C GLN F 339 0.51 -37.81 -19.50
N TYR F 340 1.14 -37.57 -18.36
CA TYR F 340 2.27 -38.35 -17.89
C TYR F 340 1.85 -39.26 -16.76
N LEU F 341 2.70 -40.23 -16.45
CA LEU F 341 2.55 -41.05 -15.26
C LEU F 341 3.70 -40.72 -14.32
N PRO F 342 3.50 -39.87 -13.31
CA PRO F 342 4.61 -39.51 -12.43
C PRO F 342 4.98 -40.65 -11.50
N LYS F 343 6.27 -40.96 -11.44
CA LYS F 343 6.76 -42.01 -10.57
C LYS F 343 6.65 -41.59 -9.11
N GLU F 344 6.56 -42.59 -8.23
CA GLU F 344 6.52 -42.33 -6.79
C GLU F 344 7.96 -42.26 -6.29
N GLN F 345 8.55 -41.09 -6.46
CA GLN F 345 9.92 -40.84 -6.04
C GLN F 345 9.97 -39.65 -5.10
N TYR F 346 10.82 -39.75 -4.08
CA TYR F 346 11.04 -38.67 -3.13
C TYR F 346 12.43 -38.08 -3.21
N LEU F 347 13.33 -38.70 -3.96
CA LEU F 347 14.71 -38.25 -4.07
C LEU F 347 15.07 -38.21 -5.55
N TYR F 348 15.05 -37.02 -6.13
CA TYR F 348 15.45 -36.86 -7.53
C TYR F 348 16.92 -36.48 -7.56
N THR F 349 17.75 -37.34 -8.15
CA THR F 349 19.17 -37.05 -8.19
C THR F 349 19.47 -35.96 -9.22
N LYS F 350 20.76 -35.63 -9.36
CA LYS F 350 21.15 -34.60 -10.31
C LYS F 350 21.00 -35.06 -11.76
N GLU F 351 21.05 -36.37 -12.01
CA GLU F 351 20.84 -36.90 -13.34
C GLU F 351 19.38 -37.23 -13.62
N GLN F 352 18.56 -37.44 -12.59
CA GLN F 352 17.13 -37.62 -12.83
C GLN F 352 16.44 -36.32 -13.16
N LEU F 353 17.00 -35.18 -12.73
CA LEU F 353 16.45 -33.89 -13.09
C LEU F 353 16.85 -33.49 -14.50
N LEU F 354 18.06 -33.85 -14.92
CA LEU F 354 18.55 -33.44 -16.22
C LEU F 354 17.81 -34.16 -17.34
N ASP F 355 17.34 -35.37 -17.09
CA ASP F 355 16.55 -36.08 -18.08
C ASP F 355 15.11 -35.61 -18.15
N ARG F 356 14.71 -34.68 -17.29
CA ARG F 356 13.41 -34.04 -17.43
C ARG F 356 13.49 -32.61 -17.93
N MET F 357 14.64 -31.95 -17.77
CA MET F 357 14.92 -30.76 -18.57
C MET F 357 15.06 -31.14 -20.03
N CYS F 358 15.81 -32.21 -20.33
CA CYS F 358 15.94 -32.69 -21.68
C CYS F 358 14.63 -33.25 -22.22
N MET F 359 13.73 -33.69 -21.35
CA MET F 359 12.41 -34.10 -21.81
C MET F 359 11.55 -32.89 -22.11
N THR F 360 11.63 -31.86 -21.28
CA THR F 360 10.80 -30.67 -21.48
C THR F 360 11.35 -29.81 -22.61
N LEU F 361 12.66 -29.83 -22.84
CA LEU F 361 13.24 -29.20 -24.00
C LEU F 361 13.12 -30.03 -25.27
N GLY F 362 12.42 -31.17 -25.23
CA GLY F 362 12.39 -32.04 -26.39
C GLY F 362 11.56 -31.48 -27.53
N GLY F 363 10.55 -30.68 -27.22
CA GLY F 363 9.68 -30.16 -28.25
C GLY F 363 10.29 -29.04 -29.08
N ARG F 364 11.04 -28.15 -28.43
CA ARG F 364 11.62 -27.02 -29.14
C ARG F 364 12.76 -27.46 -30.04
N VAL F 365 13.50 -28.49 -29.62
CA VAL F 365 14.56 -29.05 -30.46
C VAL F 365 13.96 -29.74 -31.67
N SER F 366 12.82 -30.41 -31.48
CA SER F 366 12.17 -31.11 -32.59
C SER F 366 11.62 -30.13 -33.62
N GLU F 367 11.27 -28.91 -33.22
CA GLU F 367 10.87 -27.91 -34.20
C GLU F 367 12.05 -27.38 -34.96
N GLU F 368 13.18 -27.17 -34.28
CA GLU F 368 14.34 -26.57 -34.93
C GLU F 368 15.02 -27.54 -35.90
N ILE F 369 14.93 -28.84 -35.62
CA ILE F 369 15.45 -29.83 -36.54
C ILE F 369 14.56 -29.93 -37.77
N PHE F 370 13.25 -30.10 -37.57
CA PHE F 370 12.34 -30.27 -38.68
C PHE F 370 11.99 -28.97 -39.39
N PHE F 371 12.20 -27.83 -38.76
CA PHE F 371 11.86 -26.59 -39.46
C PHE F 371 12.98 -25.56 -39.47
N GLY F 372 13.75 -25.46 -38.40
CA GLY F 372 14.54 -24.26 -38.22
C GLY F 372 13.71 -23.06 -37.83
N ARG F 373 12.54 -23.30 -37.23
CA ARG F 373 11.58 -22.26 -36.88
C ARG F 373 11.21 -22.42 -35.41
N ILE F 374 11.95 -21.74 -34.54
CA ILE F 374 11.59 -21.70 -33.13
C ILE F 374 10.32 -20.86 -32.95
N THR F 375 9.40 -21.34 -32.12
CA THR F 375 8.07 -20.76 -32.04
C THR F 375 7.82 -20.20 -30.65
N THR F 376 6.57 -19.78 -30.42
CA THR F 376 6.13 -19.29 -29.13
C THR F 376 5.29 -20.31 -28.38
N GLY F 377 5.18 -21.53 -28.90
CA GLY F 377 4.47 -22.57 -28.18
C GLY F 377 5.25 -23.12 -27.01
N ALA F 378 6.56 -22.97 -27.02
CA ALA F 378 7.41 -23.50 -25.97
C ALA F 378 7.63 -22.51 -24.83
N GLN F 379 6.73 -21.55 -24.63
CA GLN F 379 6.87 -20.67 -23.47
C GLN F 379 6.59 -21.43 -22.18
N ASP F 380 5.60 -22.32 -22.20
CA ASP F 380 5.32 -23.14 -21.03
C ASP F 380 6.41 -24.18 -20.80
N ASP F 381 7.01 -24.68 -21.87
CA ASP F 381 8.09 -25.66 -21.71
C ASP F 381 9.35 -24.99 -21.19
N LEU F 382 9.67 -23.80 -21.68
CA LEU F 382 10.85 -23.09 -21.18
C LEU F 382 10.62 -22.50 -19.79
N ARG F 383 9.37 -22.42 -19.34
CA ARG F 383 9.10 -21.98 -17.99
C ARG F 383 9.51 -23.03 -16.97
N LYS F 384 9.19 -24.30 -17.24
CA LYS F 384 9.54 -25.37 -16.32
C LYS F 384 11.03 -25.64 -16.32
N VAL F 385 11.70 -25.43 -17.45
CA VAL F 385 13.15 -25.56 -17.50
C VAL F 385 13.80 -24.44 -16.70
N THR F 386 13.18 -23.25 -16.67
CA THR F 386 13.69 -22.16 -15.85
C THR F 386 13.53 -22.44 -14.37
N GLN F 387 12.33 -22.83 -13.94
CA GLN F 387 12.06 -23.00 -12.51
C GLN F 387 12.76 -24.21 -11.94
N SER F 388 13.07 -25.21 -12.76
CA SER F 388 13.85 -26.33 -12.26
C SER F 388 15.31 -25.95 -12.13
N ALA F 389 15.87 -25.23 -13.10
CA ALA F 389 17.29 -24.90 -13.10
C ALA F 389 17.66 -23.84 -12.07
N TYR F 390 16.68 -23.13 -11.51
CA TYR F 390 16.96 -22.27 -10.36
C TYR F 390 16.85 -23.01 -9.05
N ALA F 391 15.85 -23.89 -8.90
CA ALA F 391 15.77 -24.70 -7.69
C ALA F 391 16.91 -25.71 -7.62
N GLN F 392 17.47 -26.09 -8.75
CA GLN F 392 18.62 -26.99 -8.78
C GLN F 392 19.89 -26.29 -8.36
N ILE F 393 19.90 -24.96 -8.35
CA ILE F 393 21.07 -24.19 -7.93
C ILE F 393 20.82 -23.48 -6.60
N VAL F 394 19.70 -22.78 -6.47
CA VAL F 394 19.45 -22.01 -5.26
C VAL F 394 18.85 -22.88 -4.16
N GLN F 395 17.75 -23.57 -4.45
CA GLN F 395 17.06 -24.36 -3.43
C GLN F 395 17.86 -25.59 -3.04
N PHE F 396 18.52 -26.21 -4.01
CA PHE F 396 19.20 -27.47 -3.80
C PHE F 396 20.69 -27.20 -3.79
N GLY F 397 21.46 -28.21 -3.42
CA GLY F 397 22.87 -27.95 -3.32
C GLY F 397 23.66 -28.25 -4.55
N MET F 398 23.04 -28.89 -5.55
CA MET F 398 23.76 -29.54 -6.64
C MET F 398 24.27 -28.52 -7.67
N ASN F 399 25.24 -27.73 -7.21
CA ASN F 399 26.05 -26.88 -8.07
C ASN F 399 27.37 -26.64 -7.37
N GLU F 400 28.44 -26.51 -8.14
CA GLU F 400 29.78 -26.45 -7.57
C GLU F 400 30.32 -25.04 -7.45
N LYS F 401 30.14 -24.20 -8.47
CA LYS F 401 30.65 -22.83 -8.39
C LYS F 401 29.82 -22.00 -7.44
N VAL F 402 28.52 -22.28 -7.33
CA VAL F 402 27.70 -21.58 -6.35
C VAL F 402 28.01 -22.08 -4.95
N GLY F 403 27.96 -23.39 -4.75
CA GLY F 403 28.36 -23.97 -3.49
C GLY F 403 27.25 -24.81 -2.92
N GLN F 404 27.34 -25.06 -1.62
CA GLN F 404 26.41 -25.94 -0.92
C GLN F 404 25.35 -25.15 -0.18
N ILE F 405 24.90 -24.04 -0.76
CA ILE F 405 24.05 -23.10 -0.05
C ILE F 405 22.62 -23.29 -0.53
N SER F 406 21.68 -23.33 0.41
CA SER F 406 20.26 -23.47 0.10
C SER F 406 19.51 -22.27 0.67
N PHE F 407 19.05 -21.40 -0.20
CA PHE F 407 18.21 -20.27 0.20
C PHE F 407 16.74 -20.67 0.08
N ASP F 408 15.85 -19.68 0.15
CA ASP F 408 14.42 -19.88 -0.01
C ASP F 408 13.96 -19.03 -1.18
N LEU F 409 13.56 -19.69 -2.28
CA LEU F 409 13.10 -18.94 -3.44
C LEU F 409 11.64 -18.55 -3.27
N PRO F 410 11.28 -17.33 -3.66
CA PRO F 410 9.86 -16.94 -3.65
C PRO F 410 9.12 -17.55 -4.82
N ARG F 411 7.84 -17.83 -4.59
CA ARG F 411 6.98 -18.43 -5.60
C ARG F 411 6.41 -17.34 -6.49
N GLN F 412 5.44 -17.71 -7.33
CA GLN F 412 4.84 -16.75 -8.25
C GLN F 412 3.86 -15.82 -7.55
N GLY F 413 3.16 -16.30 -6.53
CA GLY F 413 2.16 -15.47 -5.86
C GLY F 413 2.78 -14.41 -4.98
N ASP F 414 3.85 -14.74 -4.27
CA ASP F 414 4.53 -13.78 -3.42
C ASP F 414 5.38 -12.84 -4.25
N MET F 415 5.37 -11.56 -3.87
CA MET F 415 6.21 -10.58 -4.55
C MET F 415 7.66 -10.71 -4.10
N VAL F 416 8.56 -10.32 -4.99
CA VAL F 416 9.99 -10.36 -4.68
C VAL F 416 10.31 -9.19 -3.76
N LEU F 417 10.51 -9.48 -2.48
CA LEU F 417 10.84 -8.43 -1.51
C LEU F 417 12.26 -7.91 -1.74
N GLU F 418 13.24 -8.81 -1.68
CA GLU F 418 14.66 -8.59 -1.95
C GLU F 418 15.31 -9.97 -1.90
N LYS F 419 16.34 -10.16 -2.71
CA LYS F 419 17.06 -11.43 -2.69
C LYS F 419 17.89 -11.54 -1.43
N PRO F 420 17.96 -12.72 -0.81
CA PRO F 420 18.76 -12.87 0.43
C PRO F 420 20.25 -12.79 0.20
N TYR F 421 20.72 -12.91 -1.03
CA TYR F 421 22.11 -12.87 -1.40
C TYR F 421 22.42 -11.61 -2.20
N SER F 422 23.69 -11.41 -2.49
CA SER F 422 24.17 -10.17 -3.07
C SER F 422 23.88 -10.13 -4.57
N GLU F 423 24.48 -9.15 -5.25
CA GLU F 423 24.34 -9.08 -6.70
C GLU F 423 25.39 -9.95 -7.39
N ALA F 424 26.62 -9.97 -6.87
CA ALA F 424 27.66 -10.82 -7.41
C ALA F 424 27.37 -12.30 -7.20
N THR F 425 26.55 -12.64 -6.21
CA THR F 425 26.02 -13.98 -6.12
C THR F 425 24.95 -14.22 -7.18
N ALA F 426 24.03 -13.26 -7.35
CA ALA F 426 22.97 -13.39 -8.35
C ALA F 426 23.52 -13.36 -9.77
N ARG F 427 24.61 -12.64 -9.99
CA ARG F 427 25.31 -12.72 -11.27
C ARG F 427 25.91 -14.11 -11.46
N LEU F 428 26.41 -14.71 -10.38
CA LEU F 428 26.98 -16.03 -10.47
C LEU F 428 25.91 -17.10 -10.63
N ILE F 429 24.71 -16.87 -10.08
CA ILE F 429 23.65 -17.88 -10.19
C ILE F 429 23.06 -17.89 -11.60
N ASP F 430 22.83 -16.71 -12.17
CA ASP F 430 22.29 -16.65 -13.53
C ASP F 430 23.30 -17.12 -14.57
N ASP F 431 24.59 -16.99 -14.28
CA ASP F 431 25.58 -17.55 -15.18
C ASP F 431 25.65 -19.06 -15.12
N GLU F 432 25.04 -19.68 -14.12
CA GLU F 432 25.05 -21.14 -14.03
C GLU F 432 23.73 -21.78 -14.39
N VAL F 433 22.63 -21.03 -14.38
CA VAL F 433 21.40 -21.53 -14.97
C VAL F 433 21.54 -21.62 -16.48
N ARG F 434 22.16 -20.60 -17.08
CA ARG F 434 22.33 -20.54 -18.53
C ARG F 434 23.26 -21.62 -19.05
N ILE F 435 24.26 -22.00 -18.25
CA ILE F 435 25.10 -23.14 -18.62
C ILE F 435 24.33 -24.44 -18.46
N LEU F 436 23.48 -24.51 -17.43
CA LEU F 436 22.76 -25.74 -17.14
C LEU F 436 21.70 -26.05 -18.21
N ILE F 437 21.03 -25.03 -18.71
CA ILE F 437 20.01 -25.26 -19.74
C ILE F 437 20.65 -25.59 -21.07
N ASN F 438 21.74 -24.88 -21.42
CA ASN F 438 22.45 -25.15 -22.67
C ASN F 438 23.06 -26.53 -22.69
N ASP F 439 23.49 -27.05 -21.54
CA ASP F 439 23.93 -28.43 -21.49
C ASP F 439 22.76 -29.39 -21.64
N ALA F 440 21.59 -29.04 -21.12
CA ALA F 440 20.39 -29.81 -21.40
C ALA F 440 19.88 -29.58 -22.81
N TYR F 441 20.27 -28.46 -23.43
CA TYR F 441 19.88 -28.21 -24.81
C TYR F 441 20.76 -29.00 -25.76
N LYS F 442 22.08 -28.99 -25.53
CA LYS F 442 23.01 -29.73 -26.37
C LYS F 442 22.87 -31.23 -26.21
N ARG F 443 22.28 -31.70 -25.11
CA ARG F 443 22.02 -33.12 -24.97
C ARG F 443 20.80 -33.53 -25.77
N THR F 444 19.77 -32.68 -25.81
CA THR F 444 18.54 -33.03 -26.53
C THR F 444 18.74 -32.92 -28.03
N VAL F 445 19.58 -31.97 -28.46
CA VAL F 445 19.94 -31.85 -29.87
C VAL F 445 20.67 -33.10 -30.34
N ALA F 446 21.72 -33.49 -29.62
CA ALA F 446 22.49 -34.68 -29.96
C ALA F 446 21.70 -35.96 -29.78
N LEU F 447 20.66 -35.96 -28.95
CA LEU F 447 19.78 -37.12 -28.89
C LEU F 447 18.86 -37.18 -30.10
N LEU F 448 18.18 -36.09 -30.41
CA LEU F 448 17.15 -36.16 -31.44
C LEU F 448 17.73 -36.11 -32.86
N THR F 449 18.91 -35.53 -33.06
CA THR F 449 19.47 -35.56 -34.40
C THR F 449 20.03 -36.93 -34.75
N GLU F 450 20.24 -37.79 -33.75
CA GLU F 450 20.55 -39.18 -34.01
C GLU F 450 19.28 -39.99 -34.24
N LYS F 451 18.21 -39.64 -33.56
CA LYS F 451 16.93 -40.34 -33.65
C LYS F 451 15.92 -39.53 -34.46
N LYS F 452 16.40 -38.87 -35.52
CA LYS F 452 15.58 -37.96 -36.30
C LYS F 452 14.48 -38.68 -37.05
N ALA F 453 14.79 -39.85 -37.63
CA ALA F 453 13.77 -40.63 -38.32
C ALA F 453 12.75 -41.22 -37.37
N ASP F 454 13.12 -41.41 -36.10
CA ASP F 454 12.19 -41.94 -35.12
C ASP F 454 11.17 -40.90 -34.68
N VAL F 455 11.54 -39.62 -34.70
CA VAL F 455 10.60 -38.56 -34.31
C VAL F 455 9.50 -38.43 -35.37
N GLU F 456 9.88 -38.55 -36.64
CA GLU F 456 8.91 -38.37 -37.72
C GLU F 456 7.93 -39.54 -37.78
N LYS F 457 8.36 -40.75 -37.44
CA LYS F 457 7.46 -41.90 -37.44
C LYS F 457 6.40 -41.77 -36.36
N VAL F 458 6.78 -41.23 -35.21
CA VAL F 458 5.81 -41.03 -34.13
C VAL F 458 4.81 -39.96 -34.50
N ALA F 459 5.29 -38.91 -35.17
CA ALA F 459 4.47 -37.72 -35.39
C ALA F 459 3.43 -37.91 -36.47
N LEU F 460 3.67 -38.81 -37.42
CA LEU F 460 2.70 -39.02 -38.49
C LEU F 460 1.44 -39.68 -38.00
N LEU F 461 1.57 -40.73 -37.18
CA LEU F 461 0.39 -41.30 -36.54
C LEU F 461 -0.21 -40.37 -35.51
N LEU F 462 0.60 -39.47 -34.94
CA LEU F 462 0.04 -38.38 -34.14
C LEU F 462 -0.76 -37.43 -35.03
N LEU F 463 -0.34 -37.25 -36.27
CA LEU F 463 -1.05 -36.36 -37.17
C LEU F 463 -2.33 -36.98 -37.72
N GLU F 464 -2.42 -38.32 -37.74
CA GLU F 464 -3.57 -38.98 -38.33
C GLU F 464 -4.72 -39.17 -37.33
N LYS F 465 -4.44 -39.73 -36.16
CA LYS F 465 -5.49 -40.09 -35.22
C LYS F 465 -5.52 -39.20 -33.99
N GLU F 466 -4.58 -38.27 -33.85
CA GLU F 466 -4.57 -37.15 -32.91
C GLU F 466 -4.42 -37.54 -31.44
N VAL F 467 -4.41 -38.83 -31.12
CA VAL F 467 -4.21 -39.33 -29.76
C VAL F 467 -3.30 -40.54 -29.84
N LEU F 468 -2.18 -40.50 -29.12
CA LEU F 468 -1.24 -41.62 -29.12
C LEU F 468 -1.38 -42.41 -27.83
N ASP F 469 -1.73 -43.69 -27.96
CA ASP F 469 -1.64 -44.63 -26.87
C ASP F 469 -0.17 -44.92 -26.57
N LYS F 470 0.09 -45.38 -25.34
CA LYS F 470 1.41 -45.94 -25.05
C LYS F 470 1.66 -47.21 -25.84
N ASN F 471 0.61 -48.00 -26.07
CA ASN F 471 0.73 -49.20 -26.90
C ASN F 471 1.03 -48.86 -28.34
N ASP F 472 0.57 -47.70 -28.82
CA ASP F 472 0.95 -47.24 -30.15
C ASP F 472 2.41 -46.84 -30.21
N MET F 473 2.97 -46.36 -29.10
CA MET F 473 4.40 -46.04 -29.05
C MET F 473 5.24 -47.30 -29.05
N VAL F 474 4.73 -48.39 -28.49
CA VAL F 474 5.45 -49.65 -28.50
C VAL F 474 5.51 -50.22 -29.90
N GLU F 475 4.43 -50.07 -30.67
CA GLU F 475 4.38 -50.61 -32.03
C GLU F 475 5.32 -49.87 -32.97
N LEU F 476 5.53 -48.57 -32.76
CA LEU F 476 6.40 -47.81 -33.63
C LEU F 476 7.87 -47.99 -33.27
N LEU F 477 8.23 -47.65 -32.03
CA LEU F 477 9.62 -47.56 -31.64
C LEU F 477 10.15 -48.86 -31.02
N GLY F 478 9.38 -49.94 -31.08
CA GLY F 478 9.76 -51.14 -30.39
C GLY F 478 9.51 -51.01 -28.90
N PRO F 479 10.13 -51.87 -28.10
CA PRO F 479 9.97 -51.76 -26.64
C PRO F 479 10.77 -50.57 -26.09
N ARG F 480 10.48 -50.28 -24.83
CA ARG F 480 11.24 -49.27 -24.12
C ARG F 480 12.66 -49.78 -23.86
N PRO F 481 13.69 -49.00 -24.16
CA PRO F 481 15.07 -49.51 -24.07
C PRO F 481 15.63 -49.67 -22.67
N PHE F 482 14.81 -49.54 -21.63
CA PHE F 482 15.28 -49.70 -20.26
C PHE F 482 14.29 -50.58 -19.50
N ALA F 483 14.73 -51.07 -18.34
CA ALA F 483 13.93 -51.99 -17.53
C ALA F 483 12.80 -51.22 -16.87
N GLU F 484 11.73 -51.03 -17.64
CA GLU F 484 10.60 -50.23 -17.18
C GLU F 484 9.70 -51.07 -16.29
N LYS F 485 9.27 -50.49 -15.17
CA LYS F 485 8.36 -51.13 -14.24
C LYS F 485 7.17 -50.21 -13.98
N SER F 486 6.05 -50.81 -13.62
CA SER F 486 4.84 -50.05 -13.32
C SER F 486 3.92 -50.85 -12.40
N ALA G 1 -4.06 -1.87 2.59
CA ALA G 1 -5.18 -0.92 2.56
C ALA G 1 -6.38 -1.48 3.31
N ALA G 2 -6.90 -0.70 4.25
CA ALA G 2 -8.05 -1.10 5.04
C ALA G 2 -9.33 -0.52 4.45
N ALA G 3 -10.41 -1.27 4.55
CA ALA G 3 -11.67 -0.89 3.93
C ALA G 3 -12.49 0.01 4.86
N ALA G 4 -13.28 0.88 4.25
CA ALA G 4 -14.25 1.70 4.97
C ALA G 4 -15.59 1.50 4.26
N ALA G 5 -16.44 0.66 4.84
CA ALA G 5 -17.69 0.29 4.20
C ALA G 5 -18.71 1.42 4.27
N ALA G 6 -19.44 1.62 3.19
CA ALA G 6 -20.53 2.58 3.12
C ALA G 6 -21.83 1.77 3.12
N ALA G 7 -22.45 1.66 4.29
CA ALA G 7 -23.53 0.71 4.49
C ALA G 7 -24.83 1.24 3.90
N ALA G 8 -25.32 0.57 2.86
CA ALA G 8 -26.69 0.78 2.41
C ALA G 8 -27.63 0.06 3.36
N ALA G 9 -28.50 0.80 4.03
CA ALA G 9 -29.44 0.18 4.95
C ALA G 9 -30.50 -0.59 4.19
N ALA G 10 -31.01 -1.65 4.82
CA ALA G 10 -32.04 -2.47 4.20
C ALA G 10 -33.41 -1.93 4.62
N ALA G 11 -34.46 -2.71 4.35
CA ALA G 11 -35.83 -2.30 4.63
C ALA G 11 -36.11 -2.23 6.12
N ALA H 1 -6.68 27.07 -19.38
CA ALA H 1 -5.33 27.53 -19.06
C ALA H 1 -4.45 27.55 -20.30
N ALA H 2 -3.25 28.11 -20.15
CA ALA H 2 -2.30 28.23 -21.25
C ALA H 2 -0.90 28.30 -20.65
N ALA H 3 0.07 28.70 -21.48
CA ALA H 3 1.45 28.81 -21.02
C ALA H 3 1.64 30.04 -20.15
N ALA H 4 2.19 29.85 -18.97
CA ALA H 4 2.44 30.93 -18.01
C ALA H 4 3.92 31.26 -17.88
N ALA H 5 4.76 30.25 -17.62
CA ALA H 5 6.23 30.35 -17.56
C ALA H 5 6.69 31.40 -16.54
N ALA H 6 6.29 31.17 -15.29
CA ALA H 6 6.52 32.14 -14.23
C ALA H 6 7.93 32.03 -13.66
N ALA H 7 8.27 32.98 -12.79
CA ALA H 7 9.47 32.93 -11.97
C ALA H 7 8.99 32.79 -10.53
N ALA H 8 9.09 31.57 -9.99
CA ALA H 8 8.49 31.26 -8.70
C ALA H 8 9.34 31.82 -7.56
N ALA H 9 8.79 31.72 -6.36
CA ALA H 9 9.44 32.21 -5.15
C ALA H 9 10.12 31.06 -4.42
N ALA H 10 11.19 31.40 -3.67
CA ALA H 10 11.92 30.43 -2.87
C ALA H 10 12.28 31.11 -1.55
N ALA H 11 11.43 30.95 -0.55
CA ALA H 11 11.63 31.58 0.74
C ALA H 11 11.55 30.54 1.86
N ALA I 1 15.47 29.07 8.15
CA ALA I 1 15.74 28.88 9.58
C ALA I 1 15.89 30.21 10.28
N ALA I 2 15.02 30.47 11.25
CA ALA I 2 15.06 31.73 11.98
C ALA I 2 16.10 31.70 13.11
N ALA I 3 16.43 30.53 13.62
CA ALA I 3 17.38 30.41 14.71
C ALA I 3 18.06 29.05 14.68
N ALA I 4 19.40 29.06 14.65
CA ALA I 4 20.16 27.85 14.82
C ALA I 4 20.22 27.47 16.31
N ALA I 5 20.74 26.28 16.60
CA ALA I 5 20.70 25.78 17.96
C ALA I 5 21.87 24.80 18.18
N ALA I 6 21.96 24.33 19.42
CA ALA I 6 22.88 23.26 19.82
C ALA I 6 22.04 22.18 20.49
N ALA I 7 21.88 21.04 19.81
CA ALA I 7 20.91 20.04 20.20
C ALA I 7 21.39 19.24 21.42
N ALA I 8 20.55 18.31 21.87
CA ALA I 8 20.81 17.52 23.06
C ALA I 8 21.66 16.30 22.71
N ALA I 9 21.77 15.36 23.64
CA ALA I 9 22.55 14.16 23.44
C ALA I 9 21.90 13.21 22.46
N ALA J 1 23.60 3.70 27.87
CA ALA J 1 23.82 2.29 28.16
C ALA J 1 24.18 2.10 29.63
N ALA J 2 23.21 1.60 30.40
CA ALA J 2 23.38 1.38 31.83
C ALA J 2 23.58 -0.08 32.18
N ALA J 3 23.71 -0.96 31.19
CA ALA J 3 23.76 -2.39 31.46
C ALA J 3 24.49 -3.10 30.33
N ALA J 4 25.52 -3.87 30.68
CA ALA J 4 26.21 -4.76 29.76
C ALA J 4 26.14 -6.17 30.31
N ALA J 5 26.12 -7.15 29.40
CA ALA J 5 25.90 -8.54 29.80
C ALA J 5 26.48 -9.47 28.75
N ALA J 6 26.34 -10.77 29.01
CA ALA J 6 26.70 -11.84 28.06
C ALA J 6 25.40 -12.56 27.73
N ALA J 7 24.90 -12.36 26.52
CA ALA J 7 23.59 -12.88 26.14
C ALA J 7 23.63 -14.39 25.94
N ALA J 8 22.44 -14.98 25.86
CA ALA J 8 22.31 -16.41 25.64
C ALA J 8 22.51 -16.76 24.17
#